data_1TZV
# 
_entry.id   1TZV 
# 
_audit_conform.dict_name       mmcif_pdbx.dic 
_audit_conform.dict_version    5.380 
_audit_conform.dict_location   http://mmcif.pdb.org/dictionaries/ascii/mmcif_pdbx.dic 
# 
loop_
_database_2.database_id 
_database_2.database_code 
_database_2.pdbx_database_accession 
_database_2.pdbx_DOI 
PDB   1TZV         pdb_00001tzv 10.2210/pdb1tzv/pdb 
RCSB  RCSB023069   ?            ?                   
WWPDB D_1000023069 ?            ?                   
# 
loop_
_pdbx_database_related.db_name 
_pdbx_database_related.db_id 
_pdbx_database_related.details 
_pdbx_database_related.content_type 
PDB 1TZT 'the same protein in a space group(P21)'           unspecified 
PDB 1TZU 'the same protein in a space group(P212121)'       unspecified 
PDB 1TZW 'the same protein in a space group(P3121), Form 2' unspecified 
PDB 1TZX 'the same protein in a space group(P3221)'         unspecified 
# 
_pdbx_database_status.status_code                     REL 
_pdbx_database_status.entry_id                        1TZV 
_pdbx_database_status.recvd_initial_deposition_date   2004-07-12 
_pdbx_database_status.deposit_site                    RCSB 
_pdbx_database_status.process_site                    PDBJ 
_pdbx_database_status.status_code_sf                  REL 
_pdbx_database_status.SG_entry                        . 
_pdbx_database_status.pdb_format_compatible           Y 
_pdbx_database_status.status_code_mr                  ? 
_pdbx_database_status.status_code_cs                  ? 
_pdbx_database_status.status_code_nmr_data            ? 
_pdbx_database_status.methods_development_category    ? 
# 
loop_
_audit_author.name 
_audit_author.pdbx_ordinal 
'Bonin, I.'   1 
'Robelek, R.' 2 
'Benecke, H.' 3 
'Urlaub, H.'  4 
'Bacher, A.'  5 
'Richter, G.' 6 
'Wahl, M.C.'  7 
# 
_citation.id                        primary 
_citation.title                     
'Crystal structures of the antitermination factor NusB from Thermotoga maritima and implications for RNA binding' 
_citation.journal_abbrev            Biochem.J. 
_citation.journal_volume            383 
_citation.page_first                419 
_citation.page_last                 428 
_citation.year                      2004 
_citation.journal_id_ASTM           BIJOAK 
_citation.country                   UK 
_citation.journal_id_ISSN           0264-6021 
_citation.journal_id_CSD            0043 
_citation.book_publisher            ? 
_citation.pdbx_database_id_PubMed   15279620 
_citation.pdbx_database_id_DOI      10.1042/BJ20040889 
# 
loop_
_citation_author.citation_id 
_citation_author.name 
_citation_author.ordinal 
_citation_author.identifier_ORCID 
primary 'Bonin, I.'   1 ? 
primary 'Robelek, R.' 2 ? 
primary 'Benecke, H.' 3 ? 
primary 'Urlaub, H.'  4 ? 
primary 'Bacher, A.'  5 ? 
primary 'Richter, G.' 6 ? 
primary 'Wahl, M.C.'  7 ? 
# 
_cell.entry_id           1TZV 
_cell.length_a           60.200 
_cell.length_b           60.200 
_cell.length_c           87.724 
_cell.angle_alpha        90.00 
_cell.angle_beta         90.00 
_cell.angle_gamma        120.00 
_cell.Z_PDB              6 
_cell.pdbx_unique_axis   ? 
# 
_symmetry.entry_id                         1TZV 
_symmetry.space_group_name_H-M             'P 31 2 1' 
_symmetry.pdbx_full_space_group_name_H-M   ? 
_symmetry.cell_setting                     ? 
_symmetry.Int_Tables_number                152 
_symmetry.space_group_name_Hall            ? 
# 
loop_
_entity.id 
_entity.type 
_entity.src_method 
_entity.pdbx_description 
_entity.formula_weight 
_entity.pdbx_number_of_molecules 
_entity.pdbx_ec 
_entity.pdbx_mutation 
_entity.pdbx_fragment 
_entity.details 
1 polymer man 'N utilization substance protein B homolog' 17003.572 1   ? ? ? ? 
2 water   nat water                                       18.015    288 ? ? ? ? 
# 
_entity_name_com.entity_id   1 
_entity_name_com.name        'NusB Protein' 
# 
_entity_poly.entity_id                      1 
_entity_poly.type                           'polypeptide(L)' 
_entity_poly.nstd_linkage                   no 
_entity_poly.nstd_monomer                   no 
_entity_poly.pdbx_seq_one_letter_code       
;MKTPRRRMRLAVFKALFQHEFRRDEDLEQILEEILDETYDKKAKEDARRYIRGIKENLSMIDDLISRYLEKWSLNRLSVV
DRNVLRLATYELLFEKDIPIEVTIDEAIEIAKRYGTENSGKFVNGILDRIAKEHAPKEKFEL
;
_entity_poly.pdbx_seq_one_letter_code_can   
;MKTPRRRMRLAVFKALFQHEFRRDEDLEQILEEILDETYDKKAKEDARRYIRGIKENLSMIDDLISRYLEKWSLNRLSVV
DRNVLRLATYELLFEKDIPIEVTIDEAIEIAKRYGTENSGKFVNGILDRIAKEHAPKEKFEL
;
_entity_poly.pdbx_strand_id                 A 
_entity_poly.pdbx_target_identifier         ? 
# 
loop_
_entity_poly_seq.entity_id 
_entity_poly_seq.num 
_entity_poly_seq.mon_id 
_entity_poly_seq.hetero 
1 1   MET n 
1 2   LYS n 
1 3   THR n 
1 4   PRO n 
1 5   ARG n 
1 6   ARG n 
1 7   ARG n 
1 8   MET n 
1 9   ARG n 
1 10  LEU n 
1 11  ALA n 
1 12  VAL n 
1 13  PHE n 
1 14  LYS n 
1 15  ALA n 
1 16  LEU n 
1 17  PHE n 
1 18  GLN n 
1 19  HIS n 
1 20  GLU n 
1 21  PHE n 
1 22  ARG n 
1 23  ARG n 
1 24  ASP n 
1 25  GLU n 
1 26  ASP n 
1 27  LEU n 
1 28  GLU n 
1 29  GLN n 
1 30  ILE n 
1 31  LEU n 
1 32  GLU n 
1 33  GLU n 
1 34  ILE n 
1 35  LEU n 
1 36  ASP n 
1 37  GLU n 
1 38  THR n 
1 39  TYR n 
1 40  ASP n 
1 41  LYS n 
1 42  LYS n 
1 43  ALA n 
1 44  LYS n 
1 45  GLU n 
1 46  ASP n 
1 47  ALA n 
1 48  ARG n 
1 49  ARG n 
1 50  TYR n 
1 51  ILE n 
1 52  ARG n 
1 53  GLY n 
1 54  ILE n 
1 55  LYS n 
1 56  GLU n 
1 57  ASN n 
1 58  LEU n 
1 59  SER n 
1 60  MET n 
1 61  ILE n 
1 62  ASP n 
1 63  ASP n 
1 64  LEU n 
1 65  ILE n 
1 66  SER n 
1 67  ARG n 
1 68  TYR n 
1 69  LEU n 
1 70  GLU n 
1 71  LYS n 
1 72  TRP n 
1 73  SER n 
1 74  LEU n 
1 75  ASN n 
1 76  ARG n 
1 77  LEU n 
1 78  SER n 
1 79  VAL n 
1 80  VAL n 
1 81  ASP n 
1 82  ARG n 
1 83  ASN n 
1 84  VAL n 
1 85  LEU n 
1 86  ARG n 
1 87  LEU n 
1 88  ALA n 
1 89  THR n 
1 90  TYR n 
1 91  GLU n 
1 92  LEU n 
1 93  LEU n 
1 94  PHE n 
1 95  GLU n 
1 96  LYS n 
1 97  ASP n 
1 98  ILE n 
1 99  PRO n 
1 100 ILE n 
1 101 GLU n 
1 102 VAL n 
1 103 THR n 
1 104 ILE n 
1 105 ASP n 
1 106 GLU n 
1 107 ALA n 
1 108 ILE n 
1 109 GLU n 
1 110 ILE n 
1 111 ALA n 
1 112 LYS n 
1 113 ARG n 
1 114 TYR n 
1 115 GLY n 
1 116 THR n 
1 117 GLU n 
1 118 ASN n 
1 119 SER n 
1 120 GLY n 
1 121 LYS n 
1 122 PHE n 
1 123 VAL n 
1 124 ASN n 
1 125 GLY n 
1 126 ILE n 
1 127 LEU n 
1 128 ASP n 
1 129 ARG n 
1 130 ILE n 
1 131 ALA n 
1 132 LYS n 
1 133 GLU n 
1 134 HIS n 
1 135 ALA n 
1 136 PRO n 
1 137 LYS n 
1 138 GLU n 
1 139 LYS n 
1 140 PHE n 
1 141 GLU n 
1 142 LEU n 
# 
_entity_src_gen.entity_id                          1 
_entity_src_gen.pdbx_src_id                        1 
_entity_src_gen.pdbx_alt_source_flag               sample 
_entity_src_gen.pdbx_seq_type                      ? 
_entity_src_gen.pdbx_beg_seq_num                   ? 
_entity_src_gen.pdbx_end_seq_num                   ? 
_entity_src_gen.gene_src_common_name               ? 
_entity_src_gen.gene_src_genus                     Thermotoga 
_entity_src_gen.pdbx_gene_src_gene                 'nusb, TM1765' 
_entity_src_gen.gene_src_species                   ? 
_entity_src_gen.gene_src_strain                    ? 
_entity_src_gen.gene_src_tissue                    ? 
_entity_src_gen.gene_src_tissue_fraction           ? 
_entity_src_gen.gene_src_details                   ? 
_entity_src_gen.pdbx_gene_src_fragment             ? 
_entity_src_gen.pdbx_gene_src_scientific_name      'Thermotoga maritima' 
_entity_src_gen.pdbx_gene_src_ncbi_taxonomy_id     2336 
_entity_src_gen.pdbx_gene_src_variant              ? 
_entity_src_gen.pdbx_gene_src_cell_line            ? 
_entity_src_gen.pdbx_gene_src_atcc                 ? 
_entity_src_gen.pdbx_gene_src_organ                ? 
_entity_src_gen.pdbx_gene_src_organelle            ? 
_entity_src_gen.pdbx_gene_src_cell                 ? 
_entity_src_gen.pdbx_gene_src_cellular_location    ? 
_entity_src_gen.host_org_common_name               ? 
_entity_src_gen.pdbx_host_org_scientific_name      'Escherichia coli' 
_entity_src_gen.pdbx_host_org_ncbi_taxonomy_id     562 
_entity_src_gen.host_org_genus                     Escherichia 
_entity_src_gen.pdbx_host_org_gene                 ? 
_entity_src_gen.pdbx_host_org_organ                ? 
_entity_src_gen.host_org_species                   ? 
_entity_src_gen.pdbx_host_org_tissue               ? 
_entity_src_gen.pdbx_host_org_tissue_fraction      ? 
_entity_src_gen.pdbx_host_org_strain               M15 
_entity_src_gen.pdbx_host_org_variant              ? 
_entity_src_gen.pdbx_host_org_cell_line            ? 
_entity_src_gen.pdbx_host_org_atcc                 ? 
_entity_src_gen.pdbx_host_org_culture_collection   ? 
_entity_src_gen.pdbx_host_org_cell                 ? 
_entity_src_gen.pdbx_host_org_organelle            ? 
_entity_src_gen.pdbx_host_org_cellular_location    ? 
_entity_src_gen.pdbx_host_org_vector_type          plasmid 
_entity_src_gen.pdbx_host_org_vector               ? 
_entity_src_gen.host_org_details                   ? 
_entity_src_gen.expression_system_id               ? 
_entity_src_gen.plasmid_name                       'pNCO113, pNOC113-tmanusb' 
_entity_src_gen.plasmid_details                    ? 
_entity_src_gen.pdbx_description                   ? 
# 
_struct_ref.id                         1 
_struct_ref.db_name                    UNP 
_struct_ref.db_code                    NUSB_THEMA 
_struct_ref.pdbx_db_accession          Q9X286 
_struct_ref.entity_id                  1 
_struct_ref.pdbx_seq_one_letter_code   
;MKTPRRRMRLAVFKALFQHEFRRDEDLEQILEEILDETYDKKAKEDARRYIRGIKENLSMIDDLISRYLEKWSLNRLSVV
DRNVLRLATYELLFEKDIPIEVTIDEAIEIAKRYGTENSGKFVNGILDRIAKEHAPKEKFEL
;
_struct_ref.pdbx_align_begin           1 
_struct_ref.pdbx_db_isoform            ? 
# 
_struct_ref_seq.align_id                      1 
_struct_ref_seq.ref_id                        1 
_struct_ref_seq.pdbx_PDB_id_code              1TZV 
_struct_ref_seq.pdbx_strand_id                A 
_struct_ref_seq.seq_align_beg                 1 
_struct_ref_seq.pdbx_seq_align_beg_ins_code   ? 
_struct_ref_seq.seq_align_end                 142 
_struct_ref_seq.pdbx_seq_align_end_ins_code   ? 
_struct_ref_seq.pdbx_db_accession             Q9X286 
_struct_ref_seq.db_align_beg                  1 
_struct_ref_seq.pdbx_db_align_beg_ins_code    ? 
_struct_ref_seq.db_align_end                  142 
_struct_ref_seq.pdbx_db_align_end_ins_code    ? 
_struct_ref_seq.pdbx_auth_seq_align_beg       1 
_struct_ref_seq.pdbx_auth_seq_align_end       142 
# 
loop_
_chem_comp.id 
_chem_comp.type 
_chem_comp.mon_nstd_flag 
_chem_comp.name 
_chem_comp.pdbx_synonyms 
_chem_comp.formula 
_chem_comp.formula_weight 
ALA 'L-peptide linking' y ALANINE         ? 'C3 H7 N O2'     89.093  
ARG 'L-peptide linking' y ARGININE        ? 'C6 H15 N4 O2 1' 175.209 
ASN 'L-peptide linking' y ASPARAGINE      ? 'C4 H8 N2 O3'    132.118 
ASP 'L-peptide linking' y 'ASPARTIC ACID' ? 'C4 H7 N O4'     133.103 
GLN 'L-peptide linking' y GLUTAMINE       ? 'C5 H10 N2 O3'   146.144 
GLU 'L-peptide linking' y 'GLUTAMIC ACID' ? 'C5 H9 N O4'     147.129 
GLY 'peptide linking'   y GLYCINE         ? 'C2 H5 N O2'     75.067  
HIS 'L-peptide linking' y HISTIDINE       ? 'C6 H10 N3 O2 1' 156.162 
HOH non-polymer         . WATER           ? 'H2 O'           18.015  
ILE 'L-peptide linking' y ISOLEUCINE      ? 'C6 H13 N O2'    131.173 
LEU 'L-peptide linking' y LEUCINE         ? 'C6 H13 N O2'    131.173 
LYS 'L-peptide linking' y LYSINE          ? 'C6 H15 N2 O2 1' 147.195 
MET 'L-peptide linking' y METHIONINE      ? 'C5 H11 N O2 S'  149.211 
PHE 'L-peptide linking' y PHENYLALANINE   ? 'C9 H11 N O2'    165.189 
PRO 'L-peptide linking' y PROLINE         ? 'C5 H9 N O2'     115.130 
SER 'L-peptide linking' y SERINE          ? 'C3 H7 N O3'     105.093 
THR 'L-peptide linking' y THREONINE       ? 'C4 H9 N O3'     119.119 
TRP 'L-peptide linking' y TRYPTOPHAN      ? 'C11 H12 N2 O2'  204.225 
TYR 'L-peptide linking' y TYROSINE        ? 'C9 H11 N O3'    181.189 
VAL 'L-peptide linking' y VALINE          ? 'C5 H11 N O2'    117.146 
# 
_exptl.entry_id          1TZV 
_exptl.method            'X-RAY DIFFRACTION' 
_exptl.crystals_number   1 
# 
_exptl_crystal.id                    1 
_exptl_crystal.density_meas          ? 
_exptl_crystal.density_Matthews      2.5 
_exptl_crystal.density_percent_sol   51.4 
_exptl_crystal.description           ? 
_exptl_crystal.F_000                 ? 
_exptl_crystal.preparation           ? 
# 
_exptl_crystal_grow.crystal_id      1 
_exptl_crystal_grow.method          'VAPOR DIFFUSION, SITTING DROP' 
_exptl_crystal_grow.temp            277 
_exptl_crystal_grow.temp_details    ? 
_exptl_crystal_grow.pH              6.6 
_exptl_crystal_grow.pdbx_details    'ammonium acetate, sodium phosphate, pH 6.6, VAPOR DIFFUSION, SITTING DROP, temperature 277K' 
_exptl_crystal_grow.pdbx_pH_range   . 
# 
_diffrn.id                     1 
_diffrn.ambient_temp           100 
_diffrn.ambient_temp_details   ? 
_diffrn.crystal_id             1 
# 
_diffrn_detector.diffrn_id              1 
_diffrn_detector.detector               CCD 
_diffrn_detector.type                   MARRESEARCH 
_diffrn_detector.pdbx_collection_date   2002-04-01 
_diffrn_detector.details                ? 
# 
_diffrn_radiation.diffrn_id                        1 
_diffrn_radiation.wavelength_id                    1 
_diffrn_radiation.pdbx_monochromatic_or_laue_m_l   M 
_diffrn_radiation.monochromator                    'Si(111) double crystal' 
_diffrn_radiation.pdbx_diffrn_protocol             'SINGLE WAVELENGTH' 
_diffrn_radiation.pdbx_scattering_type             x-ray 
# 
_diffrn_radiation_wavelength.id           1 
_diffrn_radiation_wavelength.wavelength   1.05 
_diffrn_radiation_wavelength.wt           1.0 
# 
_diffrn_source.diffrn_id                   1 
_diffrn_source.source                      SYNCHROTRON 
_diffrn_source.type                        'MPG/DESY, HAMBURG BEAMLINE BW6' 
_diffrn_source.pdbx_synchrotron_site       'MPG/DESY, HAMBURG' 
_diffrn_source.pdbx_synchrotron_beamline   BW6 
_diffrn_source.pdbx_wavelength             ? 
_diffrn_source.pdbx_wavelength_list        1.05 
# 
_reflns.entry_id                     1TZV 
_reflns.observed_criterion_sigma_I   0 
_reflns.observed_criterion_sigma_F   0 
_reflns.d_resolution_low             30.0 
_reflns.d_resolution_high            1.35 
_reflns.number_obs                   41043 
_reflns.number_all                   ? 
_reflns.percent_possible_obs         99.9 
_reflns.pdbx_Rmerge_I_obs            ? 
_reflns.pdbx_Rsym_value              0.072 
_reflns.pdbx_netI_over_sigmaI        38.1 
_reflns.B_iso_Wilson_estimate        18.5 
_reflns.pdbx_redundancy              5.4 
_reflns.R_free_details               ? 
_reflns.limit_h_max                  ? 
_reflns.limit_h_min                  ? 
_reflns.limit_k_max                  ? 
_reflns.limit_k_min                  ? 
_reflns.limit_l_max                  ? 
_reflns.limit_l_min                  ? 
_reflns.observed_criterion_F_max     ? 
_reflns.observed_criterion_F_min     ? 
_reflns.pdbx_chi_squared             ? 
_reflns.pdbx_scaling_rejects         ? 
_reflns.pdbx_diffrn_id               1 
_reflns.pdbx_ordinal                 1 
# 
_reflns_shell.d_res_high             1.35 
_reflns_shell.d_res_low              1.45 
_reflns_shell.percent_possible_all   99.9 
_reflns_shell.Rmerge_I_obs           ? 
_reflns_shell.pdbx_Rsym_value        0.358 
_reflns_shell.meanI_over_sigI_obs    3.4 
_reflns_shell.pdbx_redundancy        5.4 
_reflns_shell.percent_possible_obs   ? 
_reflns_shell.number_unique_all      ? 
_reflns_shell.number_measured_all    ? 
_reflns_shell.number_measured_obs    ? 
_reflns_shell.number_unique_obs      ? 
_reflns_shell.pdbx_chi_squared       ? 
_reflns_shell.pdbx_diffrn_id         ? 
_reflns_shell.pdbx_ordinal           1 
# 
_refine.entry_id                                 1TZV 
_refine.ls_number_reflns_obs                     40933 
_refine.ls_number_reflns_all                     ? 
_refine.pdbx_ls_sigma_I                          0 
_refine.pdbx_ls_sigma_F                          0.0 
_refine.pdbx_data_cutoff_high_absF               1049093.51 
_refine.pdbx_data_cutoff_low_absF                0.000000 
_refine.pdbx_data_cutoff_high_rms_absF           ? 
_refine.ls_d_res_low                             19.71 
_refine.ls_d_res_high                            1.35 
_refine.ls_percent_reflns_obs                    99.7 
_refine.ls_R_factor_obs                          0.199 
_refine.ls_R_factor_all                          ? 
_refine.ls_R_factor_R_work                       0.199 
_refine.ls_R_factor_R_free                       0.213 
_refine.ls_R_factor_R_free_error                 0.005 
_refine.ls_R_factor_R_free_error_details         ? 
_refine.ls_percent_reflns_R_free                 5.0 
_refine.ls_number_reflns_R_free                  2049 
_refine.ls_number_parameters                     ? 
_refine.ls_number_restraints                     ? 
_refine.occupancy_min                            ? 
_refine.occupancy_max                            ? 
_refine.correlation_coeff_Fo_to_Fc               ? 
_refine.correlation_coeff_Fo_to_Fc_free          ? 
_refine.B_iso_mean                               26.1 
_refine.aniso_B[1][1]                            -0.68 
_refine.aniso_B[2][2]                            -0.68 
_refine.aniso_B[3][3]                            1.36 
_refine.aniso_B[1][2]                            -0.97 
_refine.aniso_B[1][3]                            0.00 
_refine.aniso_B[2][3]                            0.00 
_refine.solvent_model_details                    'FLAT MODEL' 
_refine.solvent_model_param_ksol                 0.345775 
_refine.solvent_model_param_bsol                 65.1766 
_refine.pdbx_solvent_vdw_probe_radii             ? 
_refine.pdbx_solvent_ion_probe_radii             ? 
_refine.pdbx_solvent_shrinkage_radii             ? 
_refine.pdbx_ls_cross_valid_method               THROUGHOUT 
_refine.details                                  ? 
_refine.pdbx_starting_model                      'PDB ID 1EYV' 
_refine.pdbx_method_to_determine_struct          'MOLECULAR REPLACEMENT' 
_refine.pdbx_isotropic_thermal_model             RESTRAINED 
_refine.pdbx_stereochemistry_target_values       'Engh & Huber' 
_refine.pdbx_stereochem_target_val_spec_case     ? 
_refine.pdbx_R_Free_selection_details            RANDOM 
_refine.pdbx_overall_ESU_R                       ? 
_refine.pdbx_overall_ESU_R_Free                  ? 
_refine.overall_SU_ML                            ? 
_refine.overall_SU_B                             ? 
_refine.ls_redundancy_reflns_obs                 ? 
_refine.B_iso_min                                ? 
_refine.B_iso_max                                ? 
_refine.overall_SU_R_Cruickshank_DPI             ? 
_refine.overall_SU_R_free                        ? 
_refine.ls_wR_factor_R_free                      ? 
_refine.ls_wR_factor_R_work                      ? 
_refine.overall_FOM_free_R_set                   ? 
_refine.overall_FOM_work_R_set                   ? 
_refine.pdbx_refine_id                           'X-RAY DIFFRACTION' 
_refine.pdbx_diffrn_id                           1 
_refine.pdbx_TLS_residual_ADP_flag               ? 
_refine.pdbx_overall_phase_error                 ? 
_refine.pdbx_overall_SU_R_free_Cruickshank_DPI   ? 
_refine.pdbx_overall_SU_R_Blow_DPI               ? 
_refine.pdbx_overall_SU_R_free_Blow_DPI          ? 
# 
_refine_analyze.entry_id                        1TZV 
_refine_analyze.Luzzati_coordinate_error_obs    0.17 
_refine_analyze.Luzzati_sigma_a_obs             0.15 
_refine_analyze.Luzzati_d_res_low_obs           5.00 
_refine_analyze.Luzzati_coordinate_error_free   0.19 
_refine_analyze.Luzzati_sigma_a_free            0.17 
_refine_analyze.Luzzati_d_res_low_free          ? 
_refine_analyze.number_disordered_residues      ? 
_refine_analyze.occupancy_sum_hydrogen          ? 
_refine_analyze.occupancy_sum_non_hydrogen      ? 
_refine_analyze.pdbx_Luzzati_d_res_high_obs     ? 
_refine_analyze.pdbx_refine_id                  'X-RAY DIFFRACTION' 
# 
_refine_hist.pdbx_refine_id                   'X-RAY DIFFRACTION' 
_refine_hist.cycle_id                         LAST 
_refine_hist.pdbx_number_atoms_protein        1323 
_refine_hist.pdbx_number_atoms_nucleic_acid   0 
_refine_hist.pdbx_number_atoms_ligand         0 
_refine_hist.number_atoms_solvent             288 
_refine_hist.number_atoms_total               1611 
_refine_hist.d_res_high                       1.35 
_refine_hist.d_res_low                        19.71 
# 
loop_
_refine_ls_restr.type 
_refine_ls_restr.dev_ideal 
_refine_ls_restr.dev_ideal_target 
_refine_ls_restr.weight 
_refine_ls_restr.number 
_refine_ls_restr.pdbx_refine_id 
_refine_ls_restr.pdbx_restraint_function 
c_bond_d           0.008 ?    ? ? 'X-RAY DIFFRACTION' ? 
c_angle_deg        1.3   ?    ? ? 'X-RAY DIFFRACTION' ? 
c_dihedral_angle_d 19.2  ?    ? ? 'X-RAY DIFFRACTION' ? 
c_improper_angle_d 0.94  ?    ? ? 'X-RAY DIFFRACTION' ? 
c_mcbond_it        2.39  2.00 ? ? 'X-RAY DIFFRACTION' ? 
c_mcangle_it       3.28  3.00 ? ? 'X-RAY DIFFRACTION' ? 
c_scbond_it        4.56  3.00 ? ? 'X-RAY DIFFRACTION' ? 
c_scangle_it       5.99  4.00 ? ? 'X-RAY DIFFRACTION' ? 
# 
_refine_ls_shell.pdbx_total_number_of_bins_used   6 
_refine_ls_shell.d_res_high                       1.35 
_refine_ls_shell.d_res_low                        1.43 
_refine_ls_shell.number_reflns_R_work             6452 
_refine_ls_shell.R_factor_R_work                  0.281 
_refine_ls_shell.percent_reflns_obs               99.9 
_refine_ls_shell.R_factor_R_free                  0.291 
_refine_ls_shell.R_factor_R_free_error            0.016 
_refine_ls_shell.percent_reflns_R_free            4.8 
_refine_ls_shell.number_reflns_R_free             325 
_refine_ls_shell.number_reflns_obs                ? 
_refine_ls_shell.redundancy_reflns_obs            ? 
_refine_ls_shell.number_reflns_all                ? 
_refine_ls_shell.pdbx_refine_id                   'X-RAY DIFFRACTION' 
_refine_ls_shell.R_factor_all                     ? 
# 
loop_
_pdbx_xplor_file.serial_no 
_pdbx_xplor_file.param_file 
_pdbx_xplor_file.topol_file 
_pdbx_xplor_file.pdbx_refine_id 
1 PROTEIN_REP.PARAM PROTEIN.TOP 'X-RAY DIFFRACTION' 
2 DNA-RNA_REP.PARAM DNA-RNA.TOP 'X-RAY DIFFRACTION' 
3 WATER_REP.PARAM   WATER.TOP   'X-RAY DIFFRACTION' 
# 
_struct.entry_id                  1TZV 
_struct.title                     'T. maritima NusB, P3121, Form 1' 
_struct.pdbx_model_details        ? 
_struct.pdbx_CASP_flag            ? 
_struct.pdbx_model_type_details   ? 
# 
_struct_keywords.entry_id        1TZV 
_struct_keywords.pdbx_keywords   TRANSCRIPTION 
_struct_keywords.text            
'N-utilization substance, NusB, RNA-protein interaction, transcriptional antitermination, transcription regulation, TRANSCRIPTION' 
# 
loop_
_struct_asym.id 
_struct_asym.pdbx_blank_PDB_chainid_flag 
_struct_asym.pdbx_modified 
_struct_asym.entity_id 
_struct_asym.details 
A N N 1 ? 
B N N 2 ? 
# 
loop_
_struct_conf.conf_type_id 
_struct_conf.id 
_struct_conf.pdbx_PDB_helix_id 
_struct_conf.beg_label_comp_id 
_struct_conf.beg_label_asym_id 
_struct_conf.beg_label_seq_id 
_struct_conf.pdbx_beg_PDB_ins_code 
_struct_conf.end_label_comp_id 
_struct_conf.end_label_asym_id 
_struct_conf.end_label_seq_id 
_struct_conf.pdbx_end_PDB_ins_code 
_struct_conf.beg_auth_comp_id 
_struct_conf.beg_auth_asym_id 
_struct_conf.beg_auth_seq_id 
_struct_conf.end_auth_comp_id 
_struct_conf.end_auth_asym_id 
_struct_conf.end_auth_seq_id 
_struct_conf.pdbx_PDB_helix_class 
_struct_conf.details 
_struct_conf.pdbx_PDB_helix_length 
HELX_P HELX_P1 1 PRO A 4   ? GLU A 20  ? PRO A 4   GLU A 20  1 ? 17 
HELX_P HELX_P2 2 ASP A 26  ? LEU A 35  ? ASP A 26  LEU A 35  1 ? 10 
HELX_P HELX_P3 3 ASP A 40  ? ASN A 57  ? ASP A 40  ASN A 57  1 ? 18 
HELX_P HELX_P4 4 ASN A 57  ? ARG A 67  ? ASN A 57  ARG A 67  1 ? 11 
HELX_P HELX_P5 5 SER A 73  ? LEU A 77  ? SER A 73  LEU A 77  5 ? 5  
HELX_P HELX_P6 6 SER A 78  ? GLU A 95  ? SER A 78  GLU A 95  1 ? 18 
HELX_P HELX_P7 7 PRO A 99  ? GLY A 115 ? PRO A 99  GLY A 115 1 ? 17 
HELX_P HELX_P8 8 THR A 116 ? ALA A 135 ? THR A 116 ALA A 135 1 ? 20 
HELX_P HELX_P9 9 PRO A 136 ? PHE A 140 ? PRO A 136 PHE A 140 5 ? 5  
# 
_struct_conf_type.id          HELX_P 
_struct_conf_type.criteria    ? 
_struct_conf_type.reference   ? 
# 
_atom_sites.entry_id                    1TZV 
_atom_sites.fract_transf_matrix[1][1]   0.01477438 
_atom_sites.fract_transf_matrix[1][2]   -0.00813193 
_atom_sites.fract_transf_matrix[1][3]   0.00913795 
_atom_sites.fract_transf_matrix[2][1]   0.01316858 
_atom_sites.fract_transf_matrix[2][2]   -0.00982255 
_atom_sites.fract_transf_matrix[2][3]   -0.00990034 
_atom_sites.fract_transf_matrix[3][1]   0.00609158 
_atom_sites.fract_transf_matrix[3][2]   0.00953824 
_atom_sites.fract_transf_matrix[3][3]   -0.00136081 
_atom_sites.fract_transf_vector[1]      0.479180 
_atom_sites.fract_transf_vector[2]      0.123244 
_atom_sites.fract_transf_vector[3]      0.478536 
# 
loop_
_atom_type.symbol 
C 
N 
O 
S 
# 
loop_
_atom_site.group_PDB 
_atom_site.id 
_atom_site.type_symbol 
_atom_site.label_atom_id 
_atom_site.label_alt_id 
_atom_site.label_comp_id 
_atom_site.label_asym_id 
_atom_site.label_entity_id 
_atom_site.label_seq_id 
_atom_site.pdbx_PDB_ins_code 
_atom_site.Cartn_x 
_atom_site.Cartn_y 
_atom_site.Cartn_z 
_atom_site.occupancy 
_atom_site.B_iso_or_equiv 
_atom_site.pdbx_formal_charge 
_atom_site.auth_seq_id 
_atom_site.auth_comp_id 
_atom_site.auth_asym_id 
_atom_site.auth_atom_id 
_atom_site.pdbx_PDB_model_num 
ATOM   1    N N   . MET A 1 1   ? -15.291 18.684  -7.251  1.00 57.05 ? 1   MET A N   1 
ATOM   2    C CA  . MET A 1 1   ? -15.390 17.197  -7.248  1.00 55.20 ? 1   MET A CA  1 
ATOM   3    C C   . MET A 1 1   ? -14.086 16.512  -7.620  1.00 50.13 ? 1   MET A C   1 
ATOM   4    O O   . MET A 1 1   ? -14.076 15.506  -8.330  1.00 53.61 ? 1   MET A O   1 
ATOM   5    C CB  . MET A 1 1   ? -16.507 16.735  -8.184  1.00 51.89 ? 1   MET A CB  1 
ATOM   6    C CG  . MET A 1 1   ? -17.828 16.517  -7.466  1.00 56.16 ? 1   MET A CG  1 
ATOM   7    S SD  . MET A 1 1   ? -19.237 17.337  -8.246  1.00 69.26 ? 1   MET A SD  1 
ATOM   8    C CE  . MET A 1 1   ? -19.056 19.006  -7.597  1.00 55.51 ? 1   MET A CE  1 
ATOM   9    N N   . LYS A 1 2   ? -12.986 17.082  -7.144  1.00 37.18 ? 2   LYS A N   1 
ATOM   10   C CA  . LYS A 1 2   ? -11.666 16.513  -7.376  1.00 41.25 ? 2   LYS A CA  1 
ATOM   11   C C   . LYS A 1 2   ? -11.657 15.216  -6.581  1.00 37.32 ? 2   LYS A C   1 
ATOM   12   O O   . LYS A 1 2   ? -12.223 15.170  -5.488  1.00 31.79 ? 2   LYS A O   1 
ATOM   13   C CB  . LYS A 1 2   ? -10.592 17.447  -6.822  1.00 41.80 ? 2   LYS A CB  1 
ATOM   14   C CG  . LYS A 1 2   ? -9.178  16.911  -6.937  1.00 42.67 ? 2   LYS A CG  1 
ATOM   15   C CD  . LYS A 1 2   ? -8.183  17.788  -6.180  1.00 47.89 ? 2   LYS A CD  1 
ATOM   16   C CE  . LYS A 1 2   ? -8.354  19.268  -6.529  1.00 48.80 ? 2   LYS A CE  1 
ATOM   17   N NZ  . LYS A 1 2   ? -7.250  20.127  -6.006  1.00 51.62 ? 2   LYS A NZ  1 
ATOM   18   N N   . THR A 1 3   ? -11.034 14.168  -7.113  1.00 27.43 ? 3   THR A N   1 
ATOM   19   C CA  . THR A 1 3   ? -10.982 12.899  -6.390  1.00 28.22 ? 3   THR A CA  1 
ATOM   20   C C   . THR A 1 3   ? -9.862  12.989  -5.363  1.00 23.31 ? 3   THR A C   1 
ATOM   21   O O   . THR A 1 3   ? -8.712  13.243  -5.705  1.00 24.66 ? 3   THR A O   1 
ATOM   22   C CB  . THR A 1 3   ? -10.706 11.716  -7.339  1.00 23.60 ? 3   THR A CB  1 
ATOM   23   O OG1 . THR A 1 3   ? -11.696 11.689  -8.378  1.00 27.06 ? 3   THR A OG1 1 
ATOM   24   C CG2 . THR A 1 3   ? -10.757 10.386  -6.561  1.00 23.70 ? 3   THR A CG2 1 
ATOM   25   N N   . PRO A 1 4   ? -10.191 12.809  -4.072  1.00 24.75 ? 4   PRO A N   1 
ATOM   26   C CA  . PRO A 1 4   ? -9.121  12.895  -3.075  1.00 23.36 ? 4   PRO A CA  1 
ATOM   27   C C   . PRO A 1 4   ? -8.104  11.754  -3.133  1.00 19.57 ? 4   PRO A C   1 
ATOM   28   O O   . PRO A 1 4   ? -8.414  10.628  -3.559  1.00 21.95 ? 4   PRO A O   1 
ATOM   29   C CB  . PRO A 1 4   ? -9.876  12.964  -1.741  1.00 26.87 ? 4   PRO A CB  1 
ATOM   30   C CG  . PRO A 1 4   ? -11.176 12.295  -2.038  1.00 36.71 ? 4   PRO A CG  1 
ATOM   31   C CD  . PRO A 1 4   ? -11.518 12.730  -3.440  1.00 28.04 ? 4   PRO A CD  1 
ATOM   32   N N   . ARG A 1 5   ? -6.893  12.071  -2.701  1.00 20.96 ? 5   ARG A N   1 
ATOM   33   C CA  . ARG A 1 5   ? -5.806  11.105  -2.662  1.00 22.30 ? 5   ARG A CA  1 
ATOM   34   C C   . ARG A 1 5   ? -6.228  9.860   -1.887  1.00 20.40 ? 5   ARG A C   1 
ATOM   35   O O   . ARG A 1 5   ? -5.898  8.744   -2.277  1.00 19.63 ? 5   ARG A O   1 
ATOM   36   C CB  . ARG A 1 5   ? -4.577  11.724  -1.996  1.00 22.69 ? 5   ARG A CB  1 
ATOM   37   C CG  . ARG A 1 5   ? -3.464  10.724  -1.660  1.00 23.40 ? 5   ARG A CG  1 
ATOM   38   C CD  . ARG A 1 5   ? -2.263  11.396  -0.991  1.00 26.41 ? 5   ARG A CD  1 
ATOM   39   N NE  . ARG A 1 5   ? -2.603  11.938  0.323   1.00 30.39 ? 5   ARG A NE  1 
ATOM   40   C CZ  . ARG A 1 5   ? -2.545  13.232  0.632   1.00 37.86 ? 5   ARG A CZ  1 
ATOM   41   N NH1 . ARG A 1 5   ? -2.871  13.638  1.850   1.00 41.47 ? 5   ARG A NH1 1 
ATOM   42   N NH2 . ARG A 1 5   ? -2.163  14.121  -0.280  1.00 41.46 ? 5   ARG A NH2 1 
ATOM   43   N N   . ARG A 1 6   ? -6.947  10.042  -0.783  1.00 19.91 ? 6   ARG A N   1 
ATOM   44   C CA  . ARG A 1 6   ? -7.371  8.897   0.002   1.00 18.36 ? 6   ARG A CA  1 
ATOM   45   C C   . ARG A 1 6   ? -8.229  7.925   -0.770  1.00 19.30 ? 6   ARG A C   1 
ATOM   46   O O   . ARG A 1 6   ? -8.108  6.711   -0.571  1.00 17.81 ? 6   ARG A O   1 
ATOM   47   C CB  . ARG A 1 6   ? -8.139  9.342   1.245   1.00 18.95 ? 6   ARG A CB  1 
ATOM   48   C CG  . ARG A 1 6   ? -7.262  9.798   2.387   1.00 25.97 ? 6   ARG A CG  1 
ATOM   49   C CD  . ARG A 1 6   ? -8.102  10.032  3.630   1.00 22.14 ? 6   ARG A CD  1 
ATOM   50   N NE  . ARG A 1 6   ? -7.311  10.536  4.748   1.00 23.68 ? 6   ARG A NE  1 
ATOM   51   C CZ  . ARG A 1 6   ? -7.143  11.822  5.047   1.00 28.58 ? 6   ARG A CZ  1 
ATOM   52   N NH1 . ARG A 1 6   ? -6.396  12.160  6.092   1.00 36.84 ? 6   ARG A NH1 1 
ATOM   53   N NH2 . ARG A 1 6   ? -7.732  12.768  4.323   1.00 29.42 ? 6   ARG A NH2 1 
ATOM   54   N N   . ARG A 1 7   ? -9.113  8.431   -1.625  1.00 19.34 ? 7   ARG A N   1 
ATOM   55   C CA  . ARG A 1 7   ? -9.983  7.557   -2.401  1.00 17.63 ? 7   ARG A CA  1 
ATOM   56   C C   . ARG A 1 7   ? -9.206  6.884   -3.536  1.00 18.29 ? 7   ARG A C   1 
ATOM   57   O O   . ARG A 1 7   ? -9.434  5.711   -3.839  1.00 17.24 ? 7   ARG A O   1 
ATOM   58   C CB  . ARG A 1 7   ? -11.204 8.337   -2.937  1.00 20.53 ? 7   ARG A CB  1 
ATOM   59   C CG  . ARG A 1 7   ? -12.281 7.443   -3.545  1.00 23.80 ? 7   ARG A CG  1 
ATOM   60   C CD  . ARG A 1 7   ? -13.680 8.089   -3.601  1.00 25.06 ? 7   ARG A CD  1 
ATOM   61   N NE  . ARG A 1 7   ? -14.655 7.127   -4.110  1.00 30.59 ? 7   ARG A NE  1 
ATOM   62   C CZ  . ARG A 1 7   ? -15.057 7.047   -5.376  1.00 24.09 ? 7   ARG A CZ  1 
ATOM   63   N NH1 . ARG A 1 7   ? -15.933 6.117   -5.738  1.00 26.37 ? 7   ARG A NH1 1 
ATOM   64   N NH2 . ARG A 1 7   ? -14.610 7.914   -6.274  1.00 27.17 ? 7   ARG A NH2 1 
ATOM   65   N N   . MET A 1 8   ? -8.300  7.626   -4.156  1.00 17.27 ? 8   MET A N   1 
ATOM   66   C CA  . MET A 1 8   ? -7.459  7.075   -5.214  1.00 16.60 ? 8   MET A CA  1 
ATOM   67   C C   . MET A 1 8   ? -6.675  5.901   -4.602  1.00 17.06 ? 8   MET A C   1 
ATOM   68   O O   . MET A 1 8   ? -6.665  4.801   -5.161  1.00 16.69 ? 8   MET A O   1 
ATOM   69   C CB  . MET A 1 8   ? -6.491  8.161   -5.714  1.00 16.45 ? 8   MET A CB  1 
ATOM   70   C CG  . MET A 1 8   ? -5.460  7.734   -6.767  1.00 18.51 ? 8   MET A CG  1 
ATOM   71   S SD  . MET A 1 8   ? -4.066  6.740   -6.185  1.00 18.03 ? 8   MET A SD  1 
ATOM   72   C CE  . MET A 1 8   ? -3.165  7.963   -5.202  1.00 20.09 ? 8   MET A CE  1 
ATOM   73   N N   . ARG A 1 9   ? -6.038  6.130   -3.451  1.00 15.83 ? 9   ARG A N   1 
ATOM   74   C CA  . ARG A 1 9   ? -5.244  5.090   -2.814  1.00 15.46 ? 9   ARG A CA  1 
ATOM   75   C C   . ARG A 1 9   ? -6.086  3.901   -2.388  1.00 15.60 ? 9   ARG A C   1 
ATOM   76   O O   . ARG A 1 9   ? -5.618  2.755   -2.464  1.00 15.70 ? 9   ARG A O   1 
ATOM   77   C CB  . ARG A 1 9   ? -4.477  5.633   -1.606  1.00 14.30 ? 9   ARG A CB  1 
ATOM   78   C CG  . ARG A 1 9   ? -3.422  4.667   -1.106  1.00 17.94 ? 9   ARG A CG  1 
ATOM   79   C CD  . ARG A 1 9   ? -2.802  5.108   0.196   1.00 17.75 ? 9   ARG A CD  1 
ATOM   80   N NE  . ARG A 1 9   ? -1.971  6.304   0.094   1.00 18.59 ? 9   ARG A NE  1 
ATOM   81   C CZ  . ARG A 1 9   ? -2.340  7.503   0.521   1.00 19.93 ? 9   ARG A CZ  1 
ATOM   82   N NH1 . ARG A 1 9   ? -3.535  7.697   1.062   1.00 19.41 ? 9   ARG A NH1 1 
ATOM   83   N NH2 . ARG A 1 9   ? -1.474  8.500   0.476   1.00 20.18 ? 9   ARG A NH2 1 
ATOM   84   N N   A LEU A 1 10  ? -7.312  4.154   -1.938  0.50 14.86 ? 10  LEU A N   1 
ATOM   85   N N   B LEU A 1 10  ? -7.314  4.161   -1.949  0.50 14.65 ? 10  LEU A N   1 
ATOM   86   C CA  A LEU A 1 10  ? -8.184  3.054   -1.537  0.50 16.13 ? 10  LEU A CA  1 
ATOM   87   C CA  B LEU A 1 10  ? -8.187  3.072   -1.534  0.50 16.01 ? 10  LEU A CA  1 
ATOM   88   C C   A LEU A 1 10  ? -8.537  2.177   -2.733  0.50 16.97 ? 10  LEU A C   1 
ATOM   89   C C   B LEU A 1 10  ? -8.548  2.187   -2.727  0.50 16.89 ? 10  LEU A C   1 
ATOM   90   O O   A LEU A 1 10  ? -8.723  0.975   -2.583  0.50 17.18 ? 10  LEU A O   1 
ATOM   91   O O   B LEU A 1 10  ? -8.743  0.987   -2.570  0.50 17.34 ? 10  LEU A O   1 
ATOM   92   C CB  A LEU A 1 10  ? -9.472  3.566   -0.882  0.50 19.26 ? 10  LEU A CB  1 
ATOM   93   C CB  B LEU A 1 10  ? -9.463  3.609   -0.876  0.50 19.41 ? 10  LEU A CB  1 
ATOM   94   C CG  A LEU A 1 10  ? -9.471  3.770   0.636   0.50 16.80 ? 10  LEU A CG  1 
ATOM   95   C CG  B LEU A 1 10  ? -10.320 2.534   -0.196  0.50 18.61 ? 10  LEU A CG  1 
ATOM   96   C CD1 A LEU A 1 10  ? -10.808 4.390   1.016   0.50 20.81 ? 10  LEU A CD1 1 
ATOM   97   C CD1 B LEU A 1 10  ? -9.525  1.859   0.921   0.50 20.64 ? 10  LEU A CD1 1 
ATOM   98   C CD2 A LEU A 1 10  ? -9.230  2.443   1.383   0.50 16.31 ? 10  LEU A CD2 1 
ATOM   99   C CD2 B LEU A 1 10  ? -11.595 3.163   0.359   0.50 22.06 ? 10  LEU A CD2 1 
ATOM   100  N N   . ALA A 1 11  ? -8.640  2.764   -3.923  1.00 14.87 ? 11  ALA A N   1 
ATOM   101  C CA  . ALA A 1 11  ? -8.959  1.957   -5.114  1.00 15.73 ? 11  ALA A CA  1 
ATOM   102  C C   . ALA A 1 11  ? -7.799  0.988   -5.381  1.00 13.66 ? 11  ALA A C   1 
ATOM   103  O O   . ALA A 1 11  ? -8.014  -0.167  -5.768  1.00 14.57 ? 11  ALA A O   1 
ATOM   104  C CB  . ALA A 1 11  ? -9.188  2.861   -6.339  1.00 16.91 ? 11  ALA A CB  1 
ATOM   105  N N   . VAL A 1 12  ? -6.568  1.471   -5.197  1.00 14.22 ? 12  VAL A N   1 
ATOM   106  C CA  . VAL A 1 12  ? -5.383  0.637   -5.373  1.00 13.61 ? 12  VAL A CA  1 
ATOM   107  C C   . VAL A 1 12  ? -5.448  -0.509  -4.350  1.00 13.56 ? 12  VAL A C   1 
ATOM   108  O O   . VAL A 1 12  ? -5.255  -1.682  -4.694  1.00 14.04 ? 12  VAL A O   1 
ATOM   109  C CB  . VAL A 1 12  ? -4.086  1.477   -5.173  1.00 13.98 ? 12  VAL A CB  1 
ATOM   110  C CG1 . VAL A 1 12  ? -2.888  0.574   -5.209  1.00 14.40 ? 12  VAL A CG1 1 
ATOM   111  C CG2 . VAL A 1 12  ? -3.974  2.540   -6.259  1.00 15.49 ? 12  VAL A CG2 1 
ATOM   112  N N   . PHE A 1 13  ? -5.744  -0.160  -3.100  1.00 12.80 ? 13  PHE A N   1 
ATOM   113  C CA  . PHE A 1 13  ? -5.850  -1.175  -2.066  1.00 13.94 ? 13  PHE A CA  1 
ATOM   114  C C   . PHE A 1 13  ? -6.939  -2.187  -2.408  1.00 12.83 ? 13  PHE A C   1 
ATOM   115  O O   . PHE A 1 13  ? -6.715  -3.385  -2.270  1.00 13.70 ? 13  PHE A O   1 
ATOM   116  C CB  . PHE A 1 13  ? -6.145  -0.553  -0.705  1.00 13.04 ? 13  PHE A CB  1 
ATOM   117  C CG  . PHE A 1 13  ? -6.408  -1.583  0.350   1.00 13.01 ? 13  PHE A CG  1 
ATOM   118  C CD1 . PHE A 1 13  ? -5.360  -2.308  0.897   1.00 13.72 ? 13  PHE A CD1 1 
ATOM   119  C CD2 . PHE A 1 13  ? -7.703  -1.912  0.698   1.00 13.79 ? 13  PHE A CD2 1 
ATOM   120  C CE1 . PHE A 1 13  ? -5.611  -3.371  1.778   1.00 14.81 ? 13  PHE A CE1 1 
ATOM   121  C CE2 . PHE A 1 13  ? -7.968  -2.969  1.575   1.00 15.96 ? 13  PHE A CE2 1 
ATOM   122  C CZ  . PHE A 1 13  ? -6.917  -3.698  2.112   1.00 16.99 ? 13  PHE A CZ  1 
ATOM   123  N N   A LYS A 1 14  ? -8.107  -1.723  -2.846  0.50 13.94 ? 14  LYS A N   1 
ATOM   124  N N   B LYS A 1 14  ? -8.107  -1.723  -2.848  0.50 13.98 ? 14  LYS A N   1 
ATOM   125  C CA  A LYS A 1 14  ? -9.175  -2.654  -3.192  0.50 15.08 ? 14  LYS A CA  1 
ATOM   126  C CA  B LYS A 1 14  ? -9.180  -2.648  -3.201  0.50 15.09 ? 14  LYS A CA  1 
ATOM   127  C C   A LYS A 1 14  ? -8.771  -3.613  -4.302  0.50 14.21 ? 14  LYS A C   1 
ATOM   128  C C   B LYS A 1 14  ? -8.762  -3.615  -4.298  0.50 14.50 ? 14  LYS A C   1 
ATOM   129  O O   A LYS A 1 14  ? -9.144  -4.788  -4.266  0.50 16.58 ? 14  LYS A O   1 
ATOM   130  O O   B LYS A 1 14  ? -9.118  -4.797  -4.250  0.50 16.38 ? 14  LYS A O   1 
ATOM   131  C CB  A LYS A 1 14  ? -10.441 -1.889  -3.577  0.50 15.66 ? 14  LYS A CB  1 
ATOM   132  C CB  B LYS A 1 14  ? -10.430 -1.880  -3.636  0.50 16.21 ? 14  LYS A CB  1 
ATOM   133  C CG  A LYS A 1 14  ? -11.064 -1.134  -2.413  0.50 20.56 ? 14  LYS A CG  1 
ATOM   134  C CG  B LYS A 1 14  ? -11.096 -1.099  -2.515  0.50 20.89 ? 14  LYS A CG  1 
ATOM   135  C CD  A LYS A 1 14  ? -12.359 -0.441  -2.815  0.50 25.14 ? 14  LYS A CD  1 
ATOM   136  C CD  B LYS A 1 14  ? -12.297 -0.312  -3.030  0.50 25.71 ? 14  LYS A CD  1 
ATOM   137  C CE  A LYS A 1 14  ? -12.114 0.617   -3.876  0.50 31.04 ? 14  LYS A CE  1 
ATOM   138  C CE  B LYS A 1 14  ? -12.999 0.449   -1.919  0.50 25.55 ? 14  LYS A CE  1 
ATOM   139  N NZ  A LYS A 1 14  ? -13.379 1.214   -4.373  0.50 36.19 ? 14  LYS A NZ  1 
ATOM   140  N NZ  B LYS A 1 14  ? -14.135 1.229   -2.486  0.50 34.01 ? 14  LYS A NZ  1 
ATOM   141  N N   . ALA A 1 15  ? -8.003  -3.142  -5.281  1.00 13.40 ? 15  ALA A N   1 
ATOM   142  C CA  . ALA A 1 15  ? -7.561  -4.030  -6.357  1.00 13.54 ? 15  ALA A CA  1 
ATOM   143  C C   . ALA A 1 15  ? -6.630  -5.102  -5.776  1.00 13.83 ? 15  ALA A C   1 
ATOM   144  O O   . ALA A 1 15  ? -6.751  -6.280  -6.107  1.00 15.25 ? 15  ALA A O   1 
ATOM   145  C CB  . ALA A 1 15  ? -6.860  -3.227  -7.469  1.00 13.98 ? 15  ALA A CB  1 
ATOM   146  N N   . LEU A 1 16  ? -5.707  -4.702  -4.892  1.00 13.01 ? 16  LEU A N   1 
ATOM   147  C CA  . LEU A 1 16  ? -4.795  -5.653  -4.256  1.00 13.47 ? 16  LEU A CA  1 
ATOM   148  C C   . LEU A 1 16  ? -5.579  -6.670  -3.422  1.00 12.96 ? 16  LEU A C   1 
ATOM   149  O O   . LEU A 1 16  ? -5.297  -7.860  -3.479  1.00 13.42 ? 16  LEU A O   1 
ATOM   150  C CB  . LEU A 1 16  ? -3.792  -4.927  -3.339  1.00 13.00 ? 16  LEU A CB  1 
ATOM   151  C CG  . LEU A 1 16  ? -2.818  -4.007  -4.062  1.00 13.47 ? 16  LEU A CG  1 
ATOM   152  C CD1 . LEU A 1 16  ? -2.083  -3.171  -3.032  1.00 15.53 ? 16  LEU A CD1 1 
ATOM   153  C CD2 . LEU A 1 16  ? -1.836  -4.811  -4.874  1.00 15.25 ? 16  LEU A CD2 1 
ATOM   154  N N   . PHE A 1 17  ? -6.546  -6.182  -2.652  1.00 12.39 ? 17  PHE A N   1 
ATOM   155  C CA  . PHE A 1 17  ? -7.380  -7.050  -1.809  1.00 13.89 ? 17  PHE A CA  1 
ATOM   156  C C   . PHE A 1 17  ? -8.133  -8.067  -2.679  1.00 13.36 ? 17  PHE A C   1 
ATOM   157  O O   . PHE A 1 17  ? -8.107  -9.284  -2.415  1.00 15.52 ? 17  PHE A O   1 
ATOM   158  C CB  . PHE A 1 17  ? -8.341  -6.141  -1.027  1.00 15.02 ? 17  PHE A CB  1 
ATOM   159  C CG  . PHE A 1 17  ? -9.329  -6.870  -0.133  1.00 15.72 ? 17  PHE A CG  1 
ATOM   160  C CD1 . PHE A 1 17  ? -10.507 -7.417  -0.657  1.00 20.57 ? 17  PHE A CD1 1 
ATOM   161  C CD2 . PHE A 1 17  ? -9.118  -6.928  1.240   1.00 16.14 ? 17  PHE A CD2 1 
ATOM   162  C CE1 . PHE A 1 17  ? -11.469 -8.013  0.189   1.00 19.65 ? 17  PHE A CE1 1 
ATOM   163  C CE2 . PHE A 1 17  ? -10.068 -7.514  2.096   1.00 16.38 ? 17  PHE A CE2 1 
ATOM   164  C CZ  . PHE A 1 17  ? -11.247 -8.060  1.565   1.00 20.00 ? 17  PHE A CZ  1 
ATOM   165  N N   . GLN A 1 18  ? -8.799  -7.588  -3.719  1.00 14.43 ? 18  GLN A N   1 
ATOM   166  C CA  . GLN A 1 18  ? -9.545  -8.504  -4.577  1.00 15.65 ? 18  GLN A CA  1 
ATOM   167  C C   . GLN A 1 18  ? -8.670  -9.515  -5.306  1.00 15.40 ? 18  GLN A C   1 
ATOM   168  O O   . GLN A 1 18  ? -9.078  -10.669 -5.519  1.00 16.27 ? 18  GLN A O   1 
ATOM   169  C CB  . GLN A 1 18  ? -10.386 -7.710  -5.578  1.00 20.39 ? 18  GLN A CB  1 
ATOM   170  C CG  . GLN A 1 18  ? -11.501 -6.929  -4.897  1.00 22.08 ? 18  GLN A CG  1 
ATOM   171  C CD  . GLN A 1 18  ? -12.523 -6.396  -5.867  1.00 37.22 ? 18  GLN A CD  1 
ATOM   172  O OE1 . GLN A 1 18  ? -13.726 -6.592  -5.684  1.00 53.13 ? 18  GLN A OE1 1 
ATOM   173  N NE2 . GLN A 1 18  ? -12.059 -5.713  -6.905  1.00 37.88 ? 18  GLN A NE2 1 
ATOM   174  N N   . HIS A 1 19  ? -7.449  -9.128  -5.668  1.00 15.75 ? 19  HIS A N   1 
ATOM   175  C CA  . HIS A 1 19  ? -6.589  -10.040 -6.373  1.00 15.09 ? 19  HIS A CA  1 
ATOM   176  C C   . HIS A 1 19  ? -6.242  -11.270 -5.540  1.00 16.43 ? 19  HIS A C   1 
ATOM   177  O O   . HIS A 1 19  ? -5.956  -12.341 -6.099  1.00 16.33 ? 19  HIS A O   1 
ATOM   178  C CB  . HIS A 1 19  ? -5.299  -9.346  -6.837  1.00 16.44 ? 19  HIS A CB  1 
ATOM   179  C CG  . HIS A 1 19  ? -4.436  -10.216 -7.697  1.00 15.44 ? 19  HIS A CG  1 
ATOM   180  N ND1 . HIS A 1 19  ? -3.376  -10.940 -7.200  1.00 18.87 ? 19  HIS A ND1 1 
ATOM   181  C CD2 . HIS A 1 19  ? -4.511  -10.511 -9.019  1.00 17.95 ? 19  HIS A CD2 1 
ATOM   182  C CE1 . HIS A 1 19  ? -2.823  -11.638 -8.182  1.00 20.25 ? 19  HIS A CE1 1 
ATOM   183  N NE2 . HIS A 1 19  ? -3.493  -11.393 -9.291  1.00 20.62 ? 19  HIS A NE2 1 
ATOM   184  N N   . GLU A 1 20  ? -6.260  -11.139 -4.217  1.00 15.04 ? 20  GLU A N   1 
ATOM   185  C CA  . GLU A 1 20  ? -5.938  -12.286 -3.353  1.00 16.06 ? 20  GLU A CA  1 
ATOM   186  C C   . GLU A 1 20  ? -6.899  -13.468 -3.549  1.00 17.12 ? 20  GLU A C   1 
ATOM   187  O O   . GLU A 1 20  ? -6.553  -14.615 -3.229  1.00 17.07 ? 20  GLU A O   1 
ATOM   188  C CB  . GLU A 1 20  ? -5.945  -11.862 -1.876  1.00 15.93 ? 20  GLU A CB  1 
ATOM   189  C CG  . GLU A 1 20  ? -4.842  -10.840 -1.519  1.00 17.99 ? 20  GLU A CG  1 
ATOM   190  C CD  . GLU A 1 20  ? -3.585  -11.493 -0.967  1.00 20.45 ? 20  GLU A CD  1 
ATOM   191  O OE1 . GLU A 1 20  ? -2.555  -10.797 -0.807  1.00 16.54 ? 20  GLU A OE1 1 
ATOM   192  O OE2 . GLU A 1 20  ? -3.630  -12.706 -0.673  1.00 24.08 ? 20  GLU A OE2 1 
ATOM   193  N N   . PHE A 1 21  ? -8.079  -13.187 -4.092  1.00 14.61 ? 21  PHE A N   1 
ATOM   194  C CA  . PHE A 1 21  ? -9.093  -14.220 -4.325  1.00 18.24 ? 21  PHE A CA  1 
ATOM   195  C C   . PHE A 1 21  ? -9.337  -14.429 -5.806  1.00 17.75 ? 21  PHE A C   1 
ATOM   196  O O   . PHE A 1 21  ? -10.207 -15.211 -6.201  1.00 18.95 ? 21  PHE A O   1 
ATOM   197  C CB  . PHE A 1 21  ? -10.375 -13.793 -3.621  1.00 18.86 ? 21  PHE A CB  1 
ATOM   198  C CG  . PHE A 1 21  ? -10.157 -13.432 -2.188  1.00 18.30 ? 21  PHE A CG  1 
ATOM   199  C CD1 . PHE A 1 21  ? -10.105 -12.101 -1.791  1.00 21.11 ? 21  PHE A CD1 1 
ATOM   200  C CD2 . PHE A 1 21  ? -9.885  -14.426 -1.255  1.00 20.63 ? 21  PHE A CD2 1 
ATOM   201  C CE1 . PHE A 1 21  ? -9.777  -11.767 -0.474  1.00 21.70 ? 21  PHE A CE1 1 
ATOM   202  C CE2 . PHE A 1 21  ? -9.557  -14.109 0.053   1.00 22.06 ? 21  PHE A CE2 1 
ATOM   203  C CZ  . PHE A 1 21  ? -9.502  -12.779 0.450   1.00 21.06 ? 21  PHE A CZ  1 
ATOM   204  N N   . ARG A 1 22  ? -8.563  -13.740 -6.632  1.00 17.05 ? 22  ARG A N   1 
ATOM   205  C CA  . ARG A 1 22  ? -8.684  -13.813 -8.085  1.00 16.83 ? 22  ARG A CA  1 
ATOM   206  C C   . ARG A 1 22  ? -7.279  -13.830 -8.649  1.00 17.57 ? 22  ARG A C   1 
ATOM   207  O O   . ARG A 1 22  ? -6.938  -13.034 -9.528  1.00 18.89 ? 22  ARG A O   1 
ATOM   208  C CB  . ARG A 1 22  ? -9.450  -12.581 -8.567  1.00 17.71 ? 22  ARG A CB  1 
ATOM   209  C CG  . ARG A 1 22  ? -10.876 -12.529 -8.046  1.00 19.70 ? 22  ARG A CG  1 
ATOM   210  C CD  . ARG A 1 22  ? -11.543 -11.194 -8.340  1.00 27.27 ? 22  ARG A CD  1 
ATOM   211  N NE  . ARG A 1 22  ? -11.611 -10.895 -9.767  1.00 27.69 ? 22  ARG A NE  1 
ATOM   212  C CZ  . ARG A 1 22  ? -12.088 -9.759  -10.265 1.00 28.72 ? 22  ARG A CZ  1 
ATOM   213  N NH1 . ARG A 1 22  ? -12.118 -9.571  -11.580 1.00 34.41 ? 22  ARG A NH1 1 
ATOM   214  N NH2 . ARG A 1 22  ? -12.529 -8.812  -9.452  1.00 33.53 ? 22  ARG A NH2 1 
ATOM   215  N N   . ARG A 1 23  ? -6.473  -14.767 -8.163  1.00 17.72 ? 23  ARG A N   1 
ATOM   216  C CA  . ARG A 1 23  ? -5.059  -14.842 -8.522  1.00 22.04 ? 23  ARG A CA  1 
ATOM   217  C C   . ARG A 1 23  ? -4.718  -15.163 -9.965  1.00 27.53 ? 23  ARG A C   1 
ATOM   218  O O   . ARG A 1 23  ? -3.582  -14.974 -10.395 1.00 27.76 ? 23  ARG A O   1 
ATOM   219  C CB  . ARG A 1 23  ? -4.355  -15.810 -7.565  1.00 19.94 ? 23  ARG A CB  1 
ATOM   220  C CG  . ARG A 1 23  ? -4.415  -15.336 -6.113  1.00 21.64 ? 23  ARG A CG  1 
ATOM   221  C CD  . ARG A 1 23  ? -3.815  -16.328 -5.132  1.00 22.03 ? 23  ARG A CD  1 
ATOM   222  N NE  . ARG A 1 23  ? -4.033  -15.904 -3.755  1.00 20.09 ? 23  ARG A NE  1 
ATOM   223  C CZ  . ARG A 1 23  ? -3.389  -16.404 -2.709  1.00 24.57 ? 23  ARG A CZ  1 
ATOM   224  N NH1 . ARG A 1 23  ? -3.652  -15.965 -1.479  1.00 26.34 ? 23  ARG A NH1 1 
ATOM   225  N NH2 . ARG A 1 23  ? -2.476  -17.343 -2.904  1.00 24.86 ? 23  ARG A NH2 1 
ATOM   226  N N   . ASP A 1 24  ? -5.707  -15.629 -10.714 1.00 28.59 ? 24  ASP A N   1 
ATOM   227  C CA  . ASP A 1 24  ? -5.524  -15.975 -12.119 1.00 25.77 ? 24  ASP A CA  1 
ATOM   228  C C   . ASP A 1 24  ? -5.797  -14.770 -13.001 1.00 32.92 ? 24  ASP A C   1 
ATOM   229  O O   . ASP A 1 24  ? -5.643  -14.836 -14.223 1.00 31.66 ? 24  ASP A O   1 
ATOM   230  C CB  . ASP A 1 24  ? -6.495  -17.094 -12.492 1.00 29.50 ? 24  ASP A CB  1 
ATOM   231  C CG  . ASP A 1 24  ? -7.942  -16.663 -12.347 1.00 31.13 ? 24  ASP A CG  1 
ATOM   232  O OD1 . ASP A 1 24  ? -8.309  -16.153 -11.266 1.00 35.08 ? 24  ASP A OD1 1 
ATOM   233  O OD2 . ASP A 1 24  ? -8.716  -16.824 -13.314 1.00 51.76 ? 24  ASP A OD2 1 
ATOM   234  N N   . GLU A 1 25  ? -6.222  -13.672 -12.385 1.00 27.30 ? 25  GLU A N   1 
ATOM   235  C CA  . GLU A 1 25  ? -6.532  -12.460 -13.130 1.00 22.71 ? 25  GLU A CA  1 
ATOM   236  C C   . GLU A 1 25  ? -5.447  -11.403 -12.976 1.00 22.07 ? 25  GLU A C   1 
ATOM   237  O O   . GLU A 1 25  ? -4.727  -11.369 -11.967 1.00 23.44 ? 25  GLU A O   1 
ATOM   238  C CB  . GLU A 1 25  ? -7.885  -11.886 -12.691 1.00 25.73 ? 25  GLU A CB  1 
ATOM   239  C CG  . GLU A 1 25  ? -9.095  -12.679 -13.155 1.00 32.27 ? 25  GLU A CG  1 
ATOM   240  C CD  . GLU A 1 25  ? -10.406 -12.099 -12.646 1.00 38.22 ? 25  GLU A CD  1 
ATOM   241  O OE1 . GLU A 1 25  ? -10.964 -12.650 -11.673 1.00 33.27 ? 25  GLU A OE1 1 
ATOM   242  O OE2 . GLU A 1 25  ? -10.876 -11.087 -13.209 1.00 36.96 ? 25  GLU A OE2 1 
ATOM   243  N N   . ASP A 1 26  ? -5.338  -10.546 -13.985 1.00 21.38 ? 26  ASP A N   1 
ATOM   244  C CA  . ASP A 1 26  ? -4.357  -9.469  -14.006 1.00 22.76 ? 26  ASP A CA  1 
ATOM   245  C C   . ASP A 1 26  ? -4.818  -8.377  -13.048 1.00 20.16 ? 26  ASP A C   1 
ATOM   246  O O   . ASP A 1 26  ? -5.947  -7.893  -13.119 1.00 19.45 ? 26  ASP A O   1 
ATOM   247  C CB  . ASP A 1 26  ? -4.235  -8.918  -15.440 1.00 24.85 ? 26  ASP A CB  1 
ATOM   248  C CG  . ASP A 1 26  ? -3.101  -7.897  -15.615 1.00 35.77 ? 26  ASP A CG  1 
ATOM   249  O OD1 . ASP A 1 26  ? -2.730  -7.649  -16.785 1.00 35.12 ? 26  ASP A OD1 1 
ATOM   250  O OD2 . ASP A 1 26  ? -2.580  -7.330  -14.626 1.00 24.28 ? 26  ASP A OD2 1 
ATOM   251  N N   A LEU A 1 27  ? -3.927  -7.999  -12.137 0.50 19.65 ? 27  LEU A N   1 
ATOM   252  N N   B LEU A 1 27  ? -3.932  -8.010  -12.137 0.50 19.31 ? 27  LEU A N   1 
ATOM   253  C CA  A LEU A 1 27  ? -4.217  -6.956  -11.158 0.50 19.09 ? 27  LEU A CA  1 
ATOM   254  C CA  B LEU A 1 27  ? -4.222  -6.967  -11.171 0.50 19.04 ? 27  LEU A CA  1 
ATOM   255  C C   A LEU A 1 27  ? -4.686  -5.681  -11.863 0.50 18.53 ? 27  LEU A C   1 
ATOM   256  C C   B LEU A 1 27  ? -4.701  -5.696  -11.873 0.50 18.56 ? 27  LEU A C   1 
ATOM   257  O O   A LEU A 1 27  ? -5.550  -4.954  -11.351 0.50 18.14 ? 27  LEU A O   1 
ATOM   258  O O   B LEU A 1 27  ? -5.580  -4.983  -11.369 0.50 18.64 ? 27  LEU A O   1 
ATOM   259  C CB  A LEU A 1 27  ? -2.963  -6.662  -10.338 0.50 21.23 ? 27  LEU A CB  1 
ATOM   260  C CB  B LEU A 1 27  ? -2.961  -6.678  -10.386 0.50 20.17 ? 27  LEU A CB  1 
ATOM   261  C CG  A LEU A 1 27  ? -3.203  -6.206  -8.901  0.50 26.17 ? 27  LEU A CG  1 
ATOM   262  C CG  B LEU A 1 27  ? -3.071  -5.689  -9.246  0.50 14.21 ? 27  LEU A CG  1 
ATOM   263  C CD1 A LEU A 1 27  ? -2.745  -7.284  -7.938  0.50 27.82 ? 27  LEU A CD1 1 
ATOM   264  C CD1 B LEU A 1 27  ? -4.001  -6.208  -8.126  0.50 14.28 ? 27  LEU A CD1 1 
ATOM   265  C CD2 A LEU A 1 27  ? -2.441  -4.934  -8.644  0.50 29.40 ? 27  LEU A CD2 1 
ATOM   266  C CD2 B LEU A 1 27  ? -1.666  -5.505  -8.722  0.50 13.87 ? 27  LEU A CD2 1 
ATOM   267  N N   . GLU A 1 28  ? -4.120  -5.403  -13.037 1.00 18.38 ? 28  GLU A N   1 
ATOM   268  C CA  . GLU A 1 28  ? -4.519  -4.214  -13.783 1.00 18.81 ? 28  GLU A CA  1 
ATOM   269  C C   . GLU A 1 28  ? -5.981  -4.275  -14.210 1.00 20.03 ? 28  GLU A C   1 
ATOM   270  O O   . GLU A 1 28  ? -6.679  -3.268  -14.164 1.00 20.25 ? 28  GLU A O   1 
ATOM   271  C CB  . GLU A 1 28  ? -3.643  -4.032  -15.016 1.00 21.42 ? 28  GLU A CB  1 
ATOM   272  C CG  . GLU A 1 28  ? -2.201  -3.748  -14.686 1.00 20.32 ? 28  GLU A CG  1 
ATOM   273  C CD  . GLU A 1 28  ? -1.407  -3.372  -15.923 1.00 22.60 ? 28  GLU A CD  1 
ATOM   274  O OE1 . GLU A 1 28  ? -0.378  -4.024  -16.190 1.00 22.13 ? 28  GLU A OE1 1 
ATOM   275  O OE2 . GLU A 1 28  ? -1.821  -2.425  -16.633 1.00 29.50 ? 28  GLU A OE2 1 
ATOM   276  N N   . GLN A 1 29  ? -6.453  -5.451  -14.628 1.00 20.09 ? 29  GLN A N   1 
ATOM   277  C CA  . GLN A 1 29  ? -7.846  -5.600  -15.039 1.00 22.93 ? 29  GLN A CA  1 
ATOM   278  C C   . GLN A 1 29  ? -8.780  -5.436  -13.856 1.00 21.62 ? 29  GLN A C   1 
ATOM   279  O O   . GLN A 1 29  ? -9.853  -4.843  -13.965 1.00 21.71 ? 29  GLN A O   1 
ATOM   280  C CB  . GLN A 1 29  ? -8.077  -6.968  -15.693 1.00 26.12 ? 29  GLN A CB  1 
ATOM   281  C CG  . GLN A 1 29  ? -7.800  -6.970  -17.186 1.00 39.92 ? 29  GLN A CG  1 
ATOM   282  C CD  . GLN A 1 29  ? -8.668  -5.966  -17.933 1.00 49.30 ? 29  GLN A CD  1 
ATOM   283  O OE1 . GLN A 1 29  ? -9.894  -6.091  -17.968 1.00 55.35 ? 29  GLN A OE1 1 
ATOM   284  N NE2 . GLN A 1 29  ? -8.033  -4.961  -18.527 1.00 47.74 ? 29  GLN A NE2 1 
ATOM   285  N N   . ILE A 1 30  ? -8.373  -5.968  -12.709 1.00 19.37 ? 30  ILE A N   1 
ATOM   286  C CA  . ILE A 1 30  ? -9.185  -5.824  -11.512 1.00 18.39 ? 30  ILE A CA  1 
ATOM   287  C C   . ILE A 1 30  ? -9.333  -4.335  -11.173 1.00 16.64 ? 30  ILE A C   1 
ATOM   288  O O   . ILE A 1 30  ? -10.417 -3.887  -10.841 1.00 18.40 ? 30  ILE A O   1 
ATOM   289  C CB  . ILE A 1 30  ? -8.564  -6.579  -10.330 1.00 18.32 ? 30  ILE A CB  1 
ATOM   290  C CG1 . ILE A 1 30  ? -8.634  -8.087  -10.617 1.00 18.76 ? 30  ILE A CG1 1 
ATOM   291  C CG2 . ILE A 1 30  ? -9.302  -6.236  -9.049  1.00 20.47 ? 30  ILE A CG2 1 
ATOM   292  C CD1 . ILE A 1 30  ? -7.952  -8.951  -9.574  1.00 20.22 ? 30  ILE A CD1 1 
ATOM   293  N N   . LEU A 1 31  ? -8.244  -3.569  -11.274 1.00 16.00 ? 31  LEU A N   1 
ATOM   294  C CA  . LEU A 1 31  ? -8.341  -2.134  -10.985 1.00 16.59 ? 31  LEU A CA  1 
ATOM   295  C C   . LEU A 1 31  ? -9.323  -1.460  -11.942 1.00 17.60 ? 31  LEU A C   1 
ATOM   296  O O   . LEU A 1 31  ? -10.096 -0.594  -11.533 1.00 17.66 ? 31  LEU A O   1 
ATOM   297  C CB  . LEU A 1 31  ? -6.972  -1.445  -11.085 1.00 17.32 ? 31  LEU A CB  1 
ATOM   298  C CG  . LEU A 1 31  ? -7.028  0.081   -10.898 1.00 16.21 ? 31  LEU A CG  1 
ATOM   299  C CD1 . LEU A 1 31  ? -7.458  0.420   -9.472  1.00 17.71 ? 31  LEU A CD1 1 
ATOM   300  C CD2 . LEU A 1 31  ? -5.688  0.711   -11.201 1.00 18.78 ? 31  LEU A CD2 1 
ATOM   301  N N   . GLU A 1 32  ? -9.304  -1.852  -13.217 1.00 17.70 ? 32  GLU A N   1 
ATOM   302  C CA  . GLU A 1 32  ? -10.233 -1.244  -14.180 1.00 19.59 ? 32  GLU A CA  1 
ATOM   303  C C   . GLU A 1 32  ? -11.711 -1.468  -13.841 1.00 21.67 ? 32  GLU A C   1 
ATOM   304  O O   . GLU A 1 32  ? -12.565 -0.658  -14.217 1.00 24.90 ? 32  GLU A O   1 
ATOM   305  C CB  . GLU A 1 32  ? -9.942  -1.733  -15.603 1.00 24.63 ? 32  GLU A CB  1 
ATOM   306  C CG  . GLU A 1 32  ? -8.607  -1.232  -16.164 1.00 24.00 ? 32  GLU A CG  1 
ATOM   307  C CD  . GLU A 1 32  ? -8.440  0.278   -16.070 1.00 23.34 ? 32  GLU A CD  1 
ATOM   308  O OE1 . GLU A 1 32  ? -9.338  1.032   -16.505 1.00 26.12 ? 32  GLU A OE1 1 
ATOM   309  O OE2 . GLU A 1 32  ? -7.397  0.724   -15.560 1.00 22.85 ? 32  GLU A OE2 1 
ATOM   310  N N   . GLU A 1 33  ? -12.032 -2.552  -13.140 1.00 20.69 ? 33  GLU A N   1 
ATOM   311  C CA  . GLU A 1 33  ? -13.423 -2.809  -12.751 1.00 23.61 ? 33  GLU A CA  1 
ATOM   312  C C   . GLU A 1 33  ? -13.823 -1.840  -11.635 1.00 25.79 ? 33  GLU A C   1 
ATOM   313  O O   . GLU A 1 33  ? -14.976 -1.413  -11.537 1.00 26.04 ? 33  GLU A O   1 
ATOM   314  C CB  . GLU A 1 33  ? -13.604 -4.234  -12.227 1.00 22.36 ? 33  GLU A CB  1 
ATOM   315  C CG  . GLU A 1 33  ? -13.270 -5.351  -13.206 1.00 34.26 ? 33  GLU A CG  1 
ATOM   316  C CD  . GLU A 1 33  ? -13.509 -6.726  -12.601 1.00 29.84 ? 33  GLU A CD  1 
ATOM   317  O OE1 . GLU A 1 33  ? -13.657 -6.812  -11.362 1.00 34.33 ? 33  GLU A OE1 1 
ATOM   318  O OE2 . GLU A 1 33  ? -13.539 -7.716  -13.359 1.00 39.79 ? 33  GLU A OE2 1 
ATOM   319  N N   . ILE A 1 34  ? -12.851 -1.495  -10.793 1.00 22.18 ? 34  ILE A N   1 
ATOM   320  C CA  . ILE A 1 34  ? -13.067 -0.597  -9.658  1.00 19.03 ? 34  ILE A CA  1 
ATOM   321  C C   . ILE A 1 34  ? -13.159 0.857   -10.105 1.00 24.00 ? 34  ILE A C   1 
ATOM   322  O O   . ILE A 1 34  ? -14.020 1.612   -9.636  1.00 26.20 ? 34  ILE A O   1 
ATOM   323  C CB  . ILE A 1 34  ? -11.911 -0.768  -8.631  1.00 18.57 ? 34  ILE A CB  1 
ATOM   324  C CG1 . ILE A 1 34  ? -12.026 -2.151  -7.985  1.00 19.16 ? 34  ILE A CG1 1 
ATOM   325  C CG2 . ILE A 1 34  ? -11.950 0.321   -7.571  1.00 20.57 ? 34  ILE A CG2 1 
ATOM   326  C CD1 . ILE A 1 34  ? -10.739 -2.630  -7.352  1.00 17.38 ? 34  ILE A CD1 1 
ATOM   327  N N   . LEU A 1 35  ? -12.269 1.251   -11.013 1.00 21.20 ? 35  LEU A N   1 
ATOM   328  C CA  . LEU A 1 35  ? -12.268 2.616   -11.523 1.00 21.44 ? 35  LEU A CA  1 
ATOM   329  C C   . LEU A 1 35  ? -13.497 2.816   -12.405 1.00 28.63 ? 35  LEU A C   1 
ATOM   330  O O   . LEU A 1 35  ? -13.834 1.971   -13.234 1.00 34.45 ? 35  LEU A O   1 
ATOM   331  C CB  . LEU A 1 35  ? -10.992 2.902   -12.333 1.00 20.81 ? 35  LEU A CB  1 
ATOM   332  C CG  . LEU A 1 35  ? -9.674  2.824   -11.548 1.00 19.45 ? 35  LEU A CG  1 
ATOM   333  C CD1 . LEU A 1 35  ? -8.505  3.000   -12.501 1.00 19.76 ? 35  LEU A CD1 1 
ATOM   334  C CD2 . LEU A 1 35  ? -9.637  3.885   -10.449 1.00 20.26 ? 35  LEU A CD2 1 
ATOM   335  N N   . ASP A 1 36  ? -14.183 3.924   -12.188 1.00 27.28 ? 36  ASP A N   1 
ATOM   336  C CA  . ASP A 1 36  ? -15.359 4.246   -12.981 1.00 28.99 ? 36  ASP A CA  1 
ATOM   337  C C   . ASP A 1 36  ? -15.495 5.752   -13.065 1.00 27.13 ? 36  ASP A C   1 
ATOM   338  O O   . ASP A 1 36  ? -14.557 6.492   -12.747 1.00 26.73 ? 36  ASP A O   1 
ATOM   339  C CB  . ASP A 1 36  ? -16.625 3.613   -12.381 1.00 32.09 ? 36  ASP A CB  1 
ATOM   340  C CG  . ASP A 1 36  ? -16.876 4.028   -10.951 1.00 30.66 ? 36  ASP A CG  1 
ATOM   341  O OD1 . ASP A 1 36  ? -16.382 5.091   -10.546 1.00 24.90 ? 36  ASP A OD1 1 
ATOM   342  O OD2 . ASP A 1 36  ? -17.587 3.295   -10.234 1.00 31.60 ? 36  ASP A OD2 1 
ATOM   343  N N   . GLU A 1 37  ? -16.670 6.204   -13.496 1.00 32.79 ? 37  GLU A N   1 
ATOM   344  C CA  . GLU A 1 37  ? -16.945 7.623   -13.652 1.00 31.33 ? 37  GLU A CA  1 
ATOM   345  C C   . GLU A 1 37  ? -16.773 8.451   -12.383 1.00 31.25 ? 37  GLU A C   1 
ATOM   346  O O   . GLU A 1 37  ? -16.590 9.666   -12.462 1.00 33.57 ? 37  GLU A O   1 
ATOM   347  C CB  . GLU A 1 37  ? -18.364 7.823   -14.207 1.00 34.01 ? 37  GLU A CB  1 
ATOM   348  C CG  . GLU A 1 37  ? -19.427 6.994   -13.497 1.00 35.74 ? 37  GLU A CG  1 
ATOM   349  C CD  . GLU A 1 37  ? -19.343 5.509   -13.833 1.00 45.64 ? 37  GLU A CD  1 
ATOM   350  O OE1 . GLU A 1 37  ? -19.962 4.697   -13.107 1.00 55.62 ? 37  GLU A OE1 1 
ATOM   351  O OE2 . GLU A 1 37  ? -18.673 5.153   -14.829 1.00 48.93 ? 37  GLU A OE2 1 
ATOM   352  N N   . THR A 1 38  ? -16.824 7.812   -11.217 1.00 28.26 ? 38  THR A N   1 
ATOM   353  C CA  . THR A 1 38  ? -16.667 8.559   -9.969  1.00 27.75 ? 38  THR A CA  1 
ATOM   354  C C   . THR A 1 38  ? -15.218 8.961   -9.679  1.00 27.39 ? 38  THR A C   1 
ATOM   355  O O   . THR A 1 38  ? -14.954 9.736   -8.753  1.00 30.69 ? 38  THR A O   1 
ATOM   356  C CB  . THR A 1 38  ? -17.236 7.790   -8.750  1.00 30.58 ? 38  THR A CB  1 
ATOM   357  O OG1 . THR A 1 38  ? -16.429 6.643   -8.462  1.00 26.58 ? 38  THR A OG1 1 
ATOM   358  C CG2 . THR A 1 38  ? -18.665 7.345   -9.029  1.00 33.52 ? 38  THR A CG2 1 
ATOM   359  N N   . TYR A 1 39  ? -14.280 8.449   -10.477 1.00 22.65 ? 39  TYR A N   1 
ATOM   360  C CA  . TYR A 1 39  ? -12.871 8.791   -10.309 1.00 25.72 ? 39  TYR A CA  1 
ATOM   361  C C   . TYR A 1 39  ? -12.461 9.729   -11.431 1.00 24.71 ? 39  TYR A C   1 
ATOM   362  O O   . TYR A 1 39  ? -12.761 9.457   -12.595 1.00 28.35 ? 39  TYR A O   1 
ATOM   363  C CB  . TYR A 1 39  ? -11.990 7.536   -10.361 1.00 20.81 ? 39  TYR A CB  1 
ATOM   364  C CG  . TYR A 1 39  ? -12.196 6.582   -9.210  1.00 19.70 ? 39  TYR A CG  1 
ATOM   365  C CD1 . TYR A 1 39  ? -13.280 5.711   -9.190  1.00 22.24 ? 39  TYR A CD1 1 
ATOM   366  C CD2 . TYR A 1 39  ? -11.309 6.568   -8.130  1.00 18.34 ? 39  TYR A CD2 1 
ATOM   367  C CE1 . TYR A 1 39  ? -13.482 4.846   -8.127  1.00 23.07 ? 39  TYR A CE1 1 
ATOM   368  C CE2 . TYR A 1 39  ? -11.503 5.709   -7.061  1.00 21.59 ? 39  TYR A CE2 1 
ATOM   369  C CZ  . TYR A 1 39  ? -12.585 4.854   -7.069  1.00 22.11 ? 39  TYR A CZ  1 
ATOM   370  O OH  . TYR A 1 39  ? -12.777 3.991   -6.021  1.00 23.03 ? 39  TYR A OH  1 
ATOM   371  N N   . ASP A 1 40  ? -11.789 10.829  -11.103 1.00 22.26 ? 40  ASP A N   1 
ATOM   372  C CA  . ASP A 1 40  ? -11.384 11.759  -12.151 1.00 22.03 ? 40  ASP A CA  1 
ATOM   373  C C   . ASP A 1 40  ? -10.146 11.283  -12.910 1.00 24.13 ? 40  ASP A C   1 
ATOM   374  O O   . ASP A 1 40  ? -9.495  10.301  -12.523 1.00 24.16 ? 40  ASP A O   1 
ATOM   375  C CB  . ASP A 1 40  ? -11.212 13.203  -11.613 1.00 24.41 ? 40  ASP A CB  1 
ATOM   376  C CG  . ASP A 1 40  ? -10.098 13.353  -10.579 1.00 27.12 ? 40  ASP A CG  1 
ATOM   377  O OD1 . ASP A 1 40  ? -9.233  12.458  -10.461 1.00 23.70 ? 40  ASP A OD1 1 
ATOM   378  O OD2 . ASP A 1 40  ? -10.066 14.406  -9.884  1.00 23.00 ? 40  ASP A OD2 1 
ATOM   379  N N   . LYS A 1 41  ? -9.841  11.953  -14.015 1.00 26.37 ? 41  LYS A N   1 
ATOM   380  C CA  . LYS A 1 41  ? -8.707  11.575  -14.854 1.00 23.16 ? 41  LYS A CA  1 
ATOM   381  C C   . LYS A 1 41  ? -7.401  11.364  -14.080 1.00 22.82 ? 41  LYS A C   1 
ATOM   382  O O   . LYS A 1 41  ? -6.697  10.370  -14.297 1.00 23.06 ? 41  LYS A O   1 
ATOM   383  C CB  . LYS A 1 41  ? -8.523  12.635  -15.959 1.00 25.32 ? 41  LYS A CB  1 
ATOM   384  C CG  . LYS A 1 41  ? -7.295  12.441  -16.834 1.00 32.98 ? 41  LYS A CG  1 
ATOM   385  C CD  . LYS A 1 41  ? -7.159  13.576  -17.846 1.00 34.62 ? 41  LYS A CD  1 
ATOM   386  C CE  . LYS A 1 41  ? -5.880  13.444  -18.665 1.00 39.02 ? 41  LYS A CE  1 
ATOM   387  N NZ  . LYS A 1 41  ? -5.900  12.246  -19.553 1.00 35.21 ? 41  LYS A NZ  1 
ATOM   388  N N   . LYS A 1 42  ? -7.082  12.286  -13.181 1.00 25.75 ? 42  LYS A N   1 
ATOM   389  C CA  . LYS A 1 42  ? -5.856  12.198  -12.385 1.00 24.62 ? 42  LYS A CA  1 
ATOM   390  C C   . LYS A 1 42  ? -5.870  10.981  -11.447 1.00 22.61 ? 42  LYS A C   1 
ATOM   391  O O   . LYS A 1 42  ? -4.869  10.273  -11.323 1.00 21.51 ? 42  LYS A O   1 
ATOM   392  C CB  . LYS A 1 42  ? -5.676  13.481  -11.567 1.00 26.68 ? 42  LYS A CB  1 
ATOM   393  C CG  . LYS A 1 42  ? -4.488  13.472  -10.628 1.00 28.49 ? 42  LYS A CG  1 
ATOM   394  C CD  . LYS A 1 42  ? -3.169  13.531  -11.367 1.00 41.36 ? 42  LYS A CD  1 
ATOM   395  C CE  . LYS A 1 42  ? -2.007  13.314  -10.405 1.00 49.64 ? 42  LYS A CE  1 
ATOM   396  N NZ  . LYS A 1 42  ? -2.240  14.007  -9.105  1.00 42.56 ? 42  LYS A NZ  1 
ATOM   397  N N   . ALA A 1 43  ? -6.998  10.742  -10.789 1.00 22.17 ? 43  ALA A N   1 
ATOM   398  C CA  . ALA A 1 43  ? -7.082  9.597   -9.876  1.00 20.40 ? 43  ALA A CA  1 
ATOM   399  C C   . ALA A 1 43  ? -6.928  8.282   -10.647 1.00 20.45 ? 43  ALA A C   1 
ATOM   400  O O   . ALA A 1 43  ? -6.301  7.341   -10.156 1.00 19.41 ? 43  ALA A O   1 
ATOM   401  C CB  . ALA A 1 43  ? -8.399  9.622   -9.133  1.00 20.70 ? 43  ALA A CB  1 
ATOM   402  N N   . LYS A 1 44  ? -7.478  8.201   -11.855 1.00 19.10 ? 44  LYS A N   1 
ATOM   403  C CA  . LYS A 1 44  ? -7.338  6.981   -12.635 1.00 19.31 ? 44  LYS A CA  1 
ATOM   404  C C   . LYS A 1 44  ? -5.887  6.801   -13.042 1.00 20.89 ? 44  LYS A C   1 
ATOM   405  O O   . LYS A 1 44  ? -5.352  5.702   -12.998 1.00 20.58 ? 44  LYS A O   1 
ATOM   406  C CB  . LYS A 1 44  ? -8.226  7.027   -13.881 1.00 19.34 ? 44  LYS A CB  1 
ATOM   407  C CG  . LYS A 1 44  ? -9.706  6.943   -13.578 1.00 19.17 ? 44  LYS A CG  1 
ATOM   408  C CD  . LYS A 1 44  ? -10.523 7.012   -14.874 1.00 26.26 ? 44  LYS A CD  1 
ATOM   409  C CE  . LYS A 1 44  ? -12.014 6.878   -14.601 1.00 26.76 ? 44  LYS A CE  1 
ATOM   410  N NZ  . LYS A 1 44  ? -12.833 7.162   -15.814 1.00 41.17 ? 44  LYS A NZ  1 
ATOM   411  N N   . GLU A 1 45  ? -5.262  7.887   -13.473 1.00 20.59 ? 45  GLU A N   1 
ATOM   412  C CA  . GLU A 1 45  ? -3.863  7.851   -13.874 1.00 22.19 ? 45  GLU A CA  1 
ATOM   413  C C   . GLU A 1 45  ? -2.997  7.399   -12.695 1.00 17.82 ? 45  GLU A C   1 
ATOM   414  O O   . GLU A 1 45  ? -2.143  6.525   -12.830 1.00 18.81 ? 45  GLU A O   1 
ATOM   415  C CB  . GLU A 1 45  ? -3.421  9.251   -14.322 1.00 21.79 ? 45  GLU A CB  1 
ATOM   416  C CG  . GLU A 1 45  ? -1.981  9.381   -14.755 1.00 35.17 ? 45  GLU A CG  1 
ATOM   417  C CD  . GLU A 1 45  ? -1.576  10.834  -14.954 1.00 41.72 ? 45  GLU A CD  1 
ATOM   418  O OE1 . GLU A 1 45  ? -2.457  11.652  -15.310 1.00 47.25 ? 45  GLU A OE1 1 
ATOM   419  O OE2 . GLU A 1 45  ? -0.381  11.153  -14.766 1.00 43.36 ? 45  GLU A OE2 1 
ATOM   420  N N   . ASP A 1 46  ? -3.212  8.024   -11.542 1.00 18.71 ? 46  ASP A N   1 
ATOM   421  C CA  . ASP A 1 46  ? -2.431  7.688   -10.359 1.00 18.52 ? 46  ASP A CA  1 
ATOM   422  C C   . ASP A 1 46  ? -2.636  6.236   -9.920  1.00 15.38 ? 46  ASP A C   1 
ATOM   423  O O   . ASP A 1 46  ? -1.663  5.526   -9.695  1.00 16.75 ? 46  ASP A O   1 
ATOM   424  C CB  . ASP A 1 46  ? -2.781  8.633   -9.208  1.00 19.36 ? 46  ASP A CB  1 
ATOM   425  C CG  . ASP A 1 46  ? -2.383  10.071  -9.485  1.00 27.15 ? 46  ASP A CG  1 
ATOM   426  O OD1 . ASP A 1 46  ? -1.497  10.295  -10.333 1.00 24.46 ? 46  ASP A OD1 1 
ATOM   427  O OD2 . ASP A 1 46  ? -2.947  10.973  -8.827  1.00 27.09 ? 46  ASP A OD2 1 
ATOM   428  N N   . ALA A 1 47  ? -3.887  5.801   -9.818  1.00 17.16 ? 47  ALA A N   1 
ATOM   429  C CA  . ALA A 1 47  ? -4.160  4.425   -9.394  1.00 16.27 ? 47  ALA A CA  1 
ATOM   430  C C   . ALA A 1 47  ? -3.504  3.421   -10.327 1.00 16.02 ? 47  ALA A C   1 
ATOM   431  O O   . ALA A 1 47  ? -2.906  2.445   -9.880  1.00 16.82 ? 47  ALA A O   1 
ATOM   432  C CB  . ALA A 1 47  ? -5.640  4.188   -9.316  1.00 17.85 ? 47  ALA A CB  1 
ATOM   433  N N   . ARG A 1 48  ? -3.577  3.681   -11.636 1.00 16.18 ? 48  ARG A N   1 
ATOM   434  C CA  . ARG A 1 48  ? -2.949  2.790   -12.614 1.00 16.68 ? 48  ARG A CA  1 
ATOM   435  C C   . ARG A 1 48  ? -1.416  2.742   -12.438 1.00 16.54 ? 48  ARG A C   1 
ATOM   436  O O   . ARG A 1 48  ? -0.807  1.666   -12.529 1.00 17.85 ? 48  ARG A O   1 
ATOM   437  C CB  . ARG A 1 48  ? -3.320  3.230   -14.050 1.00 18.35 ? 48  ARG A CB  1 
ATOM   438  C CG  . ARG A 1 48  ? -4.770  2.964   -14.374 1.00 19.54 ? 48  ARG A CG  1 
ATOM   439  C CD  . ARG A 1 48  ? -5.222  3.656   -15.671 1.00 20.09 ? 48  ARG A CD  1 
ATOM   440  N NE  . ARG A 1 48  ? -6.628  3.360   -15.907 1.00 19.54 ? 48  ARG A NE  1 
ATOM   441  C CZ  . ARG A 1 48  ? -7.492  4.200   -16.474 1.00 20.98 ? 48  ARG A CZ  1 
ATOM   442  N NH1 . ARG A 1 48  ? -8.755  3.837   -16.633 1.00 22.06 ? 48  ARG A NH1 1 
ATOM   443  N NH2 . ARG A 1 48  ? -7.084  5.392   -16.875 1.00 23.39 ? 48  ARG A NH2 1 
ATOM   444  N N   . ARG A 1 49  ? -0.789  3.893   -12.202 1.00 16.88 ? 49  ARG A N   1 
ATOM   445  C CA  . ARG A 1 49  ? 0.653   3.939   -12.008 1.00 16.85 ? 49  ARG A CA  1 
ATOM   446  C C   . ARG A 1 49  ? 1.026   3.127   -10.747 1.00 16.72 ? 49  ARG A C   1 
ATOM   447  O O   . ARG A 1 49  ? 1.997   2.353   -10.744 1.00 18.08 ? 49  ARG A O   1 
ATOM   448  C CB  . ARG A 1 49  ? 1.140   5.393   -11.867 1.00 19.19 ? 49  ARG A CB  1 
ATOM   449  C CG  . ARG A 1 49  ? 2.638   5.496   -11.681 1.00 18.71 ? 49  ARG A CG  1 
ATOM   450  C CD  . ARG A 1 49  ? 3.137   6.945   -11.514 1.00 20.52 ? 49  ARG A CD  1 
ATOM   451  N NE  . ARG A 1 49  ? 2.656   7.566   -10.281 1.00 19.68 ? 49  ARG A NE  1 
ATOM   452  C CZ  . ARG A 1 49  ? 1.638   8.416   -10.226 1.00 20.17 ? 49  ARG A CZ  1 
ATOM   453  N NH1 . ARG A 1 49  ? 1.258   8.920   -9.061  1.00 20.56 ? 49  ARG A NH1 1 
ATOM   454  N NH2 . ARG A 1 49  ? 1.008   8.786   -11.333 1.00 22.23 ? 49  ARG A NH2 1 
ATOM   455  N N   . TYR A 1 50  ? 0.263   3.332   -9.672  1.00 15.48 ? 50  TYR A N   1 
ATOM   456  C CA  . TYR A 1 50  ? 0.493   2.585   -8.426  1.00 14.42 ? 50  TYR A CA  1 
ATOM   457  C C   . TYR A 1 50  ? 0.415   1.069   -8.648  1.00 13.66 ? 50  TYR A C   1 
ATOM   458  O O   . TYR A 1 50  ? 1.320   0.320   -8.265  1.00 15.00 ? 50  TYR A O   1 
ATOM   459  C CB  . TYR A 1 50  ? -0.555  2.956   -7.353  1.00 16.62 ? 50  TYR A CB  1 
ATOM   460  C CG  . TYR A 1 50  ? -0.220  4.126   -6.441  1.00 14.28 ? 50  TYR A CG  1 
ATOM   461  C CD1 . TYR A 1 50  ? -0.036  5.416   -6.961  1.00 17.30 ? 50  TYR A CD1 1 
ATOM   462  C CD2 . TYR A 1 50  ? -0.133  3.955   -5.052  1.00 15.70 ? 50  TYR A CD2 1 
ATOM   463  C CE1 . TYR A 1 50  ? 0.209   6.501   -6.113  1.00 18.37 ? 50  TYR A CE1 1 
ATOM   464  C CE2 . TYR A 1 50  ? 0.120   5.038   -4.205  1.00 15.68 ? 50  TYR A CE2 1 
ATOM   465  C CZ  . TYR A 1 50  ? 0.279   6.299   -4.739  1.00 17.01 ? 50  TYR A CZ  1 
ATOM   466  O OH  . TYR A 1 50  ? 0.449   7.364   -3.886  1.00 19.07 ? 50  TYR A OH  1 
ATOM   467  N N   . ILE A 1 51  ? -0.678  0.622   -9.252  1.00 15.78 ? 51  ILE A N   1 
ATOM   468  C CA  . ILE A 1 51  ? -0.857  -0.812  -9.476  1.00 15.29 ? 51  ILE A CA  1 
ATOM   469  C C   . ILE A 1 51  ? 0.243   -1.377  -10.367 1.00 16.27 ? 51  ILE A C   1 
ATOM   470  O O   . ILE A 1 51  ? 0.785   -2.443  -10.088 1.00 17.81 ? 51  ILE A O   1 
ATOM   471  C CB  . ILE A 1 51  ? -2.271  -1.092  -10.029 1.00 17.06 ? 51  ILE A CB  1 
ATOM   472  C CG1 . ILE A 1 51  ? -3.282  -1.017  -8.874  1.00 19.08 ? 51  ILE A CG1 1 
ATOM   473  C CG2 . ILE A 1 51  ? -2.326  -2.454  -10.733 1.00 19.66 ? 51  ILE A CG2 1 
ATOM   474  C CD1 . ILE A 1 51  ? -3.068  -2.068  -7.750  1.00 16.73 ? 51  ILE A CD1 1 
ATOM   475  N N   . ARG A 1 52  ? 0.616   -0.662  -11.426 1.00 16.95 ? 52  ARG A N   1 
ATOM   476  C CA  . ARG A 1 52  ? 1.683   -1.180  -12.279 1.00 19.56 ? 52  ARG A CA  1 
ATOM   477  C C   . ARG A 1 52  ? 3.014   -1.180  -11.542 1.00 17.14 ? 52  ARG A C   1 
ATOM   478  O O   . ARG A 1 52  ? 3.815   -2.102  -11.709 1.00 18.74 ? 52  ARG A O   1 
ATOM   479  C CB  . ARG A 1 52  ? 1.764   -0.384  -13.579 1.00 19.39 ? 52  ARG A CB  1 
ATOM   480  C CG  . ARG A 1 52  ? 0.620   -0.761  -14.509 1.00 27.99 ? 52  ARG A CG  1 
ATOM   481  C CD  . ARG A 1 52  ? 0.624   0.004   -15.816 1.00 27.31 ? 52  ARG A CD  1 
ATOM   482  N NE  . ARG A 1 52  ? 1.751   -0.329  -16.685 1.00 26.33 ? 52  ARG A NE  1 
ATOM   483  C CZ  . ARG A 1 52  ? 1.899   0.184   -17.907 1.00 22.09 ? 52  ARG A CZ  1 
ATOM   484  N NH1 . ARG A 1 52  ? 0.990   1.031   -18.363 1.00 28.67 ? 52  ARG A NH1 1 
ATOM   485  N NH2 . ARG A 1 52  ? 2.943   -0.141  -18.655 1.00 24.96 ? 52  ARG A NH2 1 
ATOM   486  N N   . GLY A 1 53  ? 3.231   -0.163  -10.706 1.00 17.08 ? 53  GLY A N   1 
ATOM   487  C CA  . GLY A 1 53  ? 4.461   -0.073  -9.937  1.00 16.55 ? 53  GLY A CA  1 
ATOM   488  C C   . GLY A 1 53  ? 4.589   -1.174  -8.901  1.00 18.00 ? 53  GLY A C   1 
ATOM   489  O O   . GLY A 1 53  ? 5.668   -1.717  -8.674  1.00 19.45 ? 53  GLY A O   1 
ATOM   490  N N   . ILE A 1 54  ? 3.473   -1.512  -8.261  1.00 16.79 ? 54  ILE A N   1 
ATOM   491  C CA  . ILE A 1 54  ? 3.487   -2.565  -7.262  1.00 17.57 ? 54  ILE A CA  1 
ATOM   492  C C   . ILE A 1 54  ? 3.695   -3.899  -7.976  1.00 18.29 ? 54  ILE A C   1 
ATOM   493  O O   . ILE A 1 54  ? 4.481   -4.729  -7.531  1.00 19.99 ? 54  ILE A O   1 
ATOM   494  C CB  . ILE A 1 54  ? 2.174   -2.550  -6.455  1.00 14.98 ? 54  ILE A CB  1 
ATOM   495  C CG1 . ILE A 1 54  ? 2.142   -1.281  -5.582  1.00 15.65 ? 54  ILE A CG1 1 
ATOM   496  C CG2 . ILE A 1 54  ? 2.046   -3.831  -5.620  1.00 17.45 ? 54  ILE A CG2 1 
ATOM   497  C CD1 . ILE A 1 54  ? 0.765   -0.934  -5.029  1.00 16.76 ? 54  ILE A CD1 1 
ATOM   498  N N   . LYS A 1 55  ? 3.028   -4.092  -9.109  1.00 20.37 ? 55  LYS A N   1 
ATOM   499  C CA  . LYS A 1 55  ? 3.189   -5.347  -9.835  1.00 23.79 ? 55  LYS A CA  1 
ATOM   500  C C   . LYS A 1 55  ? 4.625   -5.536  -10.326 1.00 22.30 ? 55  LYS A C   1 
ATOM   501  O O   . LYS A 1 55  ? 5.192   -6.620  -10.193 1.00 27.28 ? 55  LYS A O   1 
ATOM   502  C CB  . LYS A 1 55  ? 2.220   -5.403  -11.026 1.00 25.32 ? 55  LYS A CB  1 
ATOM   503  C CG  . LYS A 1 55  ? 2.276   -6.727  -11.772 1.00 26.02 ? 55  LYS A CG  1 
ATOM   504  C CD  . LYS A 1 55  ? 1.074   -6.955  -12.675 1.00 36.53 ? 55  LYS A CD  1 
ATOM   505  C CE  . LYS A 1 55  ? 1.123   -6.123  -13.936 1.00 41.80 ? 55  LYS A CE  1 
ATOM   506  N NZ  . LYS A 1 55  ? 0.105   -6.592  -14.918 1.00 38.67 ? 55  LYS A NZ  1 
ATOM   507  N N   A GLU A 1 56  ? 5.211   -4.472  -10.865 0.50 21.70 ? 56  GLU A N   1 
ATOM   508  N N   B GLU A 1 56  ? 5.219   -4.485  -10.873 0.50 21.79 ? 56  GLU A N   1 
ATOM   509  C CA  A GLU A 1 56  ? 6.574   -4.500  -11.397 0.50 25.68 ? 56  GLU A CA  1 
ATOM   510  C CA  B GLU A 1 56  ? 6.578   -4.576  -11.395 0.50 24.66 ? 56  GLU A CA  1 
ATOM   511  C C   A GLU A 1 56  ? 7.652   -4.695  -10.337 0.50 27.84 ? 56  GLU A C   1 
ATOM   512  C C   B GLU A 1 56  ? 7.663   -4.701  -10.333 0.50 27.97 ? 56  GLU A C   1 
ATOM   513  O O   A GLU A 1 56  ? 8.704   -5.273  -10.609 0.50 27.44 ? 56  GLU A O   1 
ATOM   514  O O   B GLU A 1 56  ? 8.742   -5.229  -10.602 0.50 26.96 ? 56  GLU A O   1 
ATOM   515  C CB  A GLU A 1 56  ? 6.853   -3.197  -12.164 0.50 28.30 ? 56  GLU A CB  1 
ATOM   516  C CB  B GLU A 1 56  ? 6.861   -3.382  -12.309 0.50 29.80 ? 56  GLU A CB  1 
ATOM   517  C CG  A GLU A 1 56  ? 8.328   -2.790  -12.259 0.50 35.69 ? 56  GLU A CG  1 
ATOM   518  C CG  B GLU A 1 56  ? 6.557   -3.664  -13.776 0.50 38.70 ? 56  GLU A CG  1 
ATOM   519  C CD  A GLU A 1 56  ? 9.164   -3.711  -13.131 0.50 44.58 ? 56  GLU A CD  1 
ATOM   520  C CD  B GLU A 1 56  ? 5.190   -4.292  -13.992 0.50 41.07 ? 56  GLU A CD  1 
ATOM   521  O OE1 A GLU A 1 56  ? 10.404  -3.555  -13.135 0.50 45.59 ? 56  GLU A OE1 1 
ATOM   522  O OE1 B GLU A 1 56  ? 4.172   -3.581  -13.860 0.50 43.77 ? 56  GLU A OE1 1 
ATOM   523  O OE2 A GLU A 1 56  ? 8.591   -4.586  -13.816 0.50 47.47 ? 56  GLU A OE2 1 
ATOM   524  O OE2 B GLU A 1 56  ? 5.135   -5.505  -14.293 0.50 45.02 ? 56  GLU A OE2 1 
ATOM   525  N N   . ASN A 1 57  ? 7.388   -4.216  -9.128  1.00 20.70 ? 57  ASN A N   1 
ATOM   526  C CA  . ASN A 1 57  ? 8.362   -4.310  -8.045  1.00 21.13 ? 57  ASN A CA  1 
ATOM   527  C C   . ASN A 1 57  ? 7.912   -5.245  -6.899  1.00 16.96 ? 57  ASN A C   1 
ATOM   528  O O   . ASN A 1 57  ? 8.474   -5.181  -5.810  1.00 18.58 ? 57  ASN A O   1 
ATOM   529  C CB  . ASN A 1 57  ? 8.610   -2.908  -7.477  1.00 21.27 ? 57  ASN A CB  1 
ATOM   530  C CG  . ASN A 1 57  ? 9.256   -1.957  -8.481  1.00 26.72 ? 57  ASN A CG  1 
ATOM   531  O OD1 . ASN A 1 57  ? 10.456  -2.040  -8.752  1.00 30.00 ? 57  ASN A OD1 1 
ATOM   532  N ND2 . ASN A 1 57  ? 8.460   -1.042  -9.025  1.00 29.91 ? 57  ASN A ND2 1 
ATOM   533  N N   . LEU A 1 58  ? 6.950   -6.125  -7.146  1.00 19.17 ? 58  LEU A N   1 
ATOM   534  C CA  . LEU A 1 58  ? 6.410   -6.959  -6.068  1.00 17.73 ? 58  LEU A CA  1 
ATOM   535  C C   . LEU A 1 58  ? 7.441   -7.755  -5.279  1.00 20.77 ? 58  LEU A C   1 
ATOM   536  O O   . LEU A 1 58  ? 7.421   -7.753  -4.052  1.00 18.51 ? 58  LEU A O   1 
ATOM   537  C CB  . LEU A 1 58  ? 5.334   -7.910  -6.602  1.00 21.20 ? 58  LEU A CB  1 
ATOM   538  C CG  . LEU A 1 58  ? 4.512   -8.572  -5.492  1.00 18.70 ? 58  LEU A CG  1 
ATOM   539  C CD1 . LEU A 1 58  ? 3.781   -7.513  -4.689  1.00 22.14 ? 58  LEU A CD1 1 
ATOM   540  C CD2 . LEU A 1 58  ? 3.531   -9.568  -6.082  1.00 26.39 ? 58  LEU A CD2 1 
ATOM   541  N N   . SER A 1 59  ? 8.347   -8.438  -5.969  1.00 20.59 ? 59  SER A N   1 
ATOM   542  C CA  . SER A 1 59  ? 9.362   -9.230  -5.279  1.00 20.82 ? 59  SER A CA  1 
ATOM   543  C C   . SER A 1 59  ? 10.243  -8.373  -4.388  1.00 18.08 ? 59  SER A C   1 
ATOM   544  O O   . SER A 1 59  ? 10.505  -8.728  -3.236  1.00 18.73 ? 59  SER A O   1 
ATOM   545  C CB  . SER A 1 59  ? 10.242  -9.974  -6.290  1.00 24.37 ? 59  SER A CB  1 
ATOM   546  O OG  . SER A 1 59  ? 9.489   -10.933 -7.003  1.00 35.29 ? 59  SER A OG  1 
ATOM   547  N N   . MET A 1 60  ? 10.724  -7.257  -4.921  1.00 17.67 ? 60  MET A N   1 
ATOM   548  C CA  . MET A 1 60  ? 11.583  -6.378  -4.147  1.00 19.57 ? 60  MET A CA  1 
ATOM   549  C C   . MET A 1 60  ? 10.819  -5.795  -2.951  1.00 18.22 ? 60  MET A C   1 
ATOM   550  O O   . MET A 1 60  ? 11.351  -5.692  -1.855  1.00 17.94 ? 60  MET A O   1 
ATOM   551  C CB  . MET A 1 60  ? 12.126  -5.270  -5.056  1.00 24.90 ? 60  MET A CB  1 
ATOM   552  C CG  . MET A 1 60  ? 12.965  -4.221  -4.359  1.00 23.29 ? 60  MET A CG  1 
ATOM   553  S SD  . MET A 1 60  ? 11.913  -2.946  -3.650  1.00 29.93 ? 60  MET A SD  1 
ATOM   554  C CE  . MET A 1 60  ? 11.505  -2.013  -5.083  1.00 35.39 ? 60  MET A CE  1 
ATOM   555  N N   . ILE A 1 61  ? 9.560   -5.427  -3.167  1.00 17.35 ? 61  ILE A N   1 
ATOM   556  C CA  . ILE A 1 61  ? 8.735   -4.861  -2.091  1.00 16.73 ? 61  ILE A CA  1 
ATOM   557  C C   . ILE A 1 61  ? 8.488   -5.905  -0.991  1.00 14.50 ? 61  ILE A C   1 
ATOM   558  O O   . ILE A 1 61  ? 8.694   -5.627  0.201   1.00 15.81 ? 61  ILE A O   1 
ATOM   559  C CB  . ILE A 1 61  ? 7.388   -4.329  -2.665  1.00 15.35 ? 61  ILE A CB  1 
ATOM   560  C CG1 . ILE A 1 61  ? 7.643   -3.061  -3.477  1.00 18.00 ? 61  ILE A CG1 1 
ATOM   561  C CG2 . ILE A 1 61  ? 6.398   -4.036  -1.548  1.00 16.66 ? 61  ILE A CG2 1 
ATOM   562  C CD1 . ILE A 1 61  ? 6.468   -2.663  -4.334  1.00 18.28 ? 61  ILE A CD1 1 
ATOM   563  N N   . ASP A 1 62  ? 8.059   -7.106  -1.377  1.00 14.90 ? 62  ASP A N   1 
ATOM   564  C CA  . ASP A 1 62  ? 7.802   -8.161  -0.397  1.00 14.92 ? 62  ASP A CA  1 
ATOM   565  C C   . ASP A 1 62  ? 9.076   -8.535  0.365   1.00 14.23 ? 62  ASP A C   1 
ATOM   566  O O   . ASP A 1 62  ? 9.051   -8.699  1.585   1.00 16.35 ? 62  ASP A O   1 
ATOM   567  C CB  . ASP A 1 62  ? 7.239   -9.414  -1.086  1.00 14.09 ? 62  ASP A CB  1 
ATOM   568  C CG  . ASP A 1 62  ? 5.780   -9.279  -1.448  1.00 14.79 ? 62  ASP A CG  1 
ATOM   569  O OD1 . ASP A 1 62  ? 5.172   -8.215  -1.187  1.00 15.38 ? 62  ASP A OD1 1 
ATOM   570  O OD2 . ASP A 1 62  ? 5.215   -10.263 -2.005  1.00 17.92 ? 62  ASP A OD2 1 
ATOM   571  N N   A ASP A 1 63  ? 10.180  -8.663  -0.367  0.50 17.39 ? 63  ASP A N   1 
ATOM   572  N N   B ASP A 1 63  ? 10.185  -8.684  -0.352  0.50 17.54 ? 63  ASP A N   1 
ATOM   573  C CA  A ASP A 1 63  ? 11.471  -9.004  0.230   0.50 18.55 ? 63  ASP A CA  1 
ATOM   574  C CA  B ASP A 1 63  ? 11.441  -9.044  0.301   0.50 17.62 ? 63  ASP A CA  1 
ATOM   575  C C   A ASP A 1 63  ? 11.891  -7.960  1.259   0.50 16.86 ? 63  ASP A C   1 
ATOM   576  C C   B ASP A 1 63  ? 11.897  -7.957  1.276   0.50 17.00 ? 63  ASP A C   1 
ATOM   577  O O   A ASP A 1 63  ? 12.416  -8.293  2.320   0.50 18.88 ? 63  ASP A O   1 
ATOM   578  O O   B ASP A 1 63  ? 12.461  -8.262  2.324   0.50 18.80 ? 63  ASP A O   1 
ATOM   579  C CB  A ASP A 1 63  ? 12.530  -9.144  -0.881  0.50 22.84 ? 63  ASP A CB  1 
ATOM   580  C CB  B ASP A 1 63  ? 12.519  -9.335  -0.749  0.50 19.26 ? 63  ASP A CB  1 
ATOM   581  C CG  A ASP A 1 63  ? 13.917  -8.654  -0.464  0.50 29.25 ? 63  ASP A CG  1 
ATOM   582  C CG  B ASP A 1 63  ? 12.232  -10.599 -1.540  0.50 17.63 ? 63  ASP A CG  1 
ATOM   583  O OD1 A ASP A 1 63  ? 14.904  -9.339  -0.800  0.50 39.17 ? 63  ASP A OD1 1 
ATOM   584  O OD1 B ASP A 1 63  ? 12.948  -10.849 -2.532  0.50 24.09 ? 63  ASP A OD1 1 
ATOM   585  O OD2 A ASP A 1 63  ? 14.037  -7.584  0.168   0.50 36.23 ? 63  ASP A OD2 1 
ATOM   586  O OD2 B ASP A 1 63  ? 11.300  -11.342 -1.171  0.50 20.12 ? 63  ASP A OD2 1 
ATOM   587  N N   . LEU A 1 64  ? 11.653  -6.694  0.946   1.00 17.25 ? 64  LEU A N   1 
ATOM   588  C CA  . LEU A 1 64  ? 12.016  -5.611  1.848   1.00 15.58 ? 64  LEU A CA  1 
ATOM   589  C C   . LEU A 1 64  ? 11.140  -5.661  3.115   1.00 18.53 ? 64  LEU A C   1 
ATOM   590  O O   . LEU A 1 64  ? 11.650  -5.593  4.230   1.00 18.03 ? 64  LEU A O   1 
ATOM   591  C CB  . LEU A 1 64  ? 11.862  -4.258  1.148   1.00 18.51 ? 64  LEU A CB  1 
ATOM   592  C CG  . LEU A 1 64  ? 12.156  -3.025  2.023   1.00 20.59 ? 64  LEU A CG  1 
ATOM   593  C CD1 . LEU A 1 64  ? 13.546  -3.126  2.653   1.00 23.55 ? 64  LEU A CD1 1 
ATOM   594  C CD2 . LEU A 1 64  ? 12.033  -1.773  1.189   1.00 21.38 ? 64  LEU A CD2 1 
ATOM   595  N N   . ILE A 1 65  ? 9.825   -5.797  2.953   1.00 16.95 ? 65  ILE A N   1 
ATOM   596  C CA  . ILE A 1 65  ? 8.941   -5.865  4.113   1.00 16.19 ? 65  ILE A CA  1 
ATOM   597  C C   . ILE A 1 65  ? 9.330   -7.028  5.030   1.00 14.81 ? 65  ILE A C   1 
ATOM   598  O O   . ILE A 1 65  ? 9.360   -6.894  6.259   1.00 17.00 ? 65  ILE A O   1 
ATOM   599  C CB  . ILE A 1 65  ? 7.467   -6.055  3.664   1.00 14.38 ? 65  ILE A CB  1 
ATOM   600  C CG1 . ILE A 1 65  ? 6.994   -4.809  2.919   1.00 16.71 ? 65  ILE A CG1 1 
ATOM   601  C CG2 . ILE A 1 65  ? 6.575   -6.306  4.871   1.00 15.63 ? 65  ILE A CG2 1 
ATOM   602  C CD1 . ILE A 1 65  ? 5.759   -5.082  2.060   1.00 15.30 ? 65  ILE A CD1 1 
ATOM   603  N N   . SER A 1 66  ? 9.658   -8.164  4.426   1.00 17.20 ? 66  SER A N   1 
ATOM   604  C CA  . SER A 1 66  ? 10.016  -9.351  5.187   1.00 18.43 ? 66  SER A CA  1 
ATOM   605  C C   . SER A 1 66  ? 11.240  -9.151  6.090   1.00 18.44 ? 66  SER A C   1 
ATOM   606  O O   . SER A 1 66  ? 11.398  -9.871  7.077   1.00 20.89 ? 66  SER A O   1 
ATOM   607  C CB  . SER A 1 66  ? 10.221  -10.535 4.238   1.00 19.04 ? 66  SER A CB  1 
ATOM   608  O OG  . SER A 1 66  ? 8.988   -10.904 3.611   1.00 20.62 ? 66  SER A OG  1 
ATOM   609  N N   A ARG A 1 67  ? 12.095  -8.187  5.760   0.50 19.54 ? 67  ARG A N   1 
ATOM   610  N N   B ARG A 1 67  ? 12.072  -8.165  5.755   0.50 19.60 ? 67  ARG A N   1 
ATOM   611  C CA  A ARG A 1 67  ? 13.273  -7.926  6.587   0.50 22.00 ? 67  ARG A CA  1 
ATOM   612  C CA  B ARG A 1 67  ? 13.269  -7.843  6.538   0.50 22.18 ? 67  ARG A CA  1 
ATOM   613  C C   A ARG A 1 67  ? 12.891  -7.296  7.925   0.50 25.00 ? 67  ARG A C   1 
ATOM   614  C C   B ARG A 1 67  ? 12.900  -7.231  7.889   0.50 24.27 ? 67  ARG A C   1 
ATOM   615  O O   A ARG A 1 67  ? 13.741  -7.112  8.801   0.50 26.81 ? 67  ARG A O   1 
ATOM   616  O O   B ARG A 1 67  ? 13.768  -7.003  8.737   0.50 25.23 ? 67  ARG A O   1 
ATOM   617  C CB  A ARG A 1 67  ? 14.247  -7.006  5.854   0.50 25.84 ? 67  ARG A CB  1 
ATOM   618  C CB  B ARG A 1 67  ? 14.148  -6.853  5.768   0.50 24.76 ? 67  ARG A CB  1 
ATOM   619  C CG  A ARG A 1 67  ? 14.896  -7.638  4.641   0.50 28.84 ? 67  ARG A CG  1 
ATOM   620  C CG  B ARG A 1 67  ? 14.589  -7.350  4.410   0.50 31.71 ? 67  ARG A CG  1 
ATOM   621  C CD  A ARG A 1 67  ? 15.807  -6.638  3.962   0.50 34.11 ? 67  ARG A CD  1 
ATOM   622  C CD  B ARG A 1 67  ? 15.470  -8.580  4.532   0.50 33.83 ? 67  ARG A CD  1 
ATOM   623  N NE  A ARG A 1 67  ? 15.705  -6.710  2.510   0.50 40.69 ? 67  ARG A NE  1 
ATOM   624  N NE  B ARG A 1 67  ? 15.770  -9.183  3.235   0.50 39.92 ? 67  ARG A NE  1 
ATOM   625  C CZ  A ARG A 1 67  ? 16.250  -5.825  1.686   0.50 41.82 ? 67  ARG A CZ  1 
ATOM   626  C CZ  B ARG A 1 67  ? 16.321  -8.535  2.215   0.50 39.89 ? 67  ARG A CZ  1 
ATOM   627  N NH1 A ARG A 1 67  ? 16.937  -4.801  2.174   0.50 40.63 ? 67  ARG A NH1 1 
ATOM   628  N NH1 B ARG A 1 67  ? 16.637  -7.253  2.332   0.50 44.96 ? 67  ARG A NH1 1 
ATOM   629  N NH2 A ARG A 1 67  ? 16.096  -5.957  0.377   0.50 46.86 ? 67  ARG A NH2 1 
ATOM   630  N NH2 B ARG A 1 67  ? 16.554  -9.170  1.074   0.50 44.07 ? 67  ARG A NH2 1 
ATOM   631  N N   . TYR A 1 68  ? 11.613  -6.961  8.083   1.00 18.86 ? 68  TYR A N   1 
ATOM   632  C CA  . TYR A 1 68  ? 11.136  -6.365  9.318   1.00 19.28 ? 68  TYR A CA  1 
ATOM   633  C C   . TYR A 1 68  ? 10.127  -7.252  10.034  1.00 17.66 ? 68  TYR A C   1 
ATOM   634  O O   . TYR A 1 68  ? 9.565   -6.848  11.047  1.00 20.11 ? 68  TYR A O   1 
ATOM   635  C CB  . TYR A 1 68  ? 10.524  -4.990  9.028   1.00 19.39 ? 68  TYR A CB  1 
ATOM   636  C CG  . TYR A 1 68  ? 11.522  -4.034  8.419   1.00 18.99 ? 68  TYR A CG  1 
ATOM   637  C CD1 . TYR A 1 68  ? 11.784  -4.047  7.051   1.00 19.90 ? 68  TYR A CD1 1 
ATOM   638  C CD2 . TYR A 1 68  ? 12.259  -3.161  9.222   1.00 20.15 ? 68  TYR A CD2 1 
ATOM   639  C CE1 . TYR A 1 68  ? 12.758  -3.220  6.494   1.00 21.80 ? 68  TYR A CE1 1 
ATOM   640  C CE2 . TYR A 1 68  ? 13.240  -2.328  8.679   1.00 23.41 ? 68  TYR A CE2 1 
ATOM   641  C CZ  . TYR A 1 68  ? 13.481  -2.368  7.313   1.00 19.89 ? 68  TYR A CZ  1 
ATOM   642  O OH  . TYR A 1 68  ? 14.453  -1.564  6.757   1.00 24.46 ? 68  TYR A OH  1 
ATOM   643  N N   . LEU A 1 69  ? 9.908   -8.457  9.514   1.00 18.60 ? 69  LEU A N   1 
ATOM   644  C CA  . LEU A 1 69  ? 8.949   -9.396  10.103  1.00 18.45 ? 69  LEU A CA  1 
ATOM   645  C C   . LEU A 1 69  ? 9.715   -10.561 10.716  1.00 19.22 ? 69  LEU A C   1 
ATOM   646  O O   . LEU A 1 69  ? 10.757  -10.956 10.191  1.00 22.06 ? 69  LEU A O   1 
ATOM   647  C CB  . LEU A 1 69  ? 7.995   -9.928  9.023   1.00 20.02 ? 69  LEU A CB  1 
ATOM   648  C CG  . LEU A 1 69  ? 7.163   -8.874  8.281   1.00 18.30 ? 69  LEU A CG  1 
ATOM   649  C CD1 . LEU A 1 69  ? 6.343   -9.538  7.175   1.00 21.35 ? 69  LEU A CD1 1 
ATOM   650  C CD2 . LEU A 1 69  ? 6.245   -8.161  9.268   1.00 19.61 ? 69  LEU A CD2 1 
ATOM   651  N N   . GLU A 1 70  ? 9.207   -11.082 11.831  1.00 20.88 ? 70  GLU A N   1 
ATOM   652  C CA  . GLU A 1 70  ? 9.814   -12.234 12.496  1.00 21.56 ? 70  GLU A CA  1 
ATOM   653  C C   . GLU A 1 70  ? 8.725   -13.193 12.985  1.00 23.79 ? 70  GLU A C   1 
ATOM   654  O O   . GLU A 1 70  ? 8.608   -14.301 12.474  1.00 26.97 ? 70  GLU A O   1 
ATOM   655  C CB  . GLU A 1 70  ? 10.680  -11.814 13.686  1.00 22.58 ? 70  GLU A CB  1 
ATOM   656  C CG  . GLU A 1 70  ? 11.431  -12.985 14.324  1.00 35.84 ? 70  GLU A CG  1 
ATOM   657  C CD  . GLU A 1 70  ? 12.138  -12.592 15.601  1.00 41.65 ? 70  GLU A CD  1 
ATOM   658  O OE1 . GLU A 1 70  ? 12.827  -11.560 15.584  1.00 29.56 ? 70  GLU A OE1 1 
ATOM   659  O OE2 . GLU A 1 70  ? 12.006  -13.311 16.618  1.00 41.95 ? 70  GLU A OE2 1 
ATOM   660  N N   A LYS A 1 71  ? 7.940   -12.761 13.968  0.50 24.40 ? 71  LYS A N   1 
ATOM   661  N N   B LYS A 1 71  ? 7.940   -12.763 13.968  0.50 24.41 ? 71  LYS A N   1 
ATOM   662  C CA  A LYS A 1 71  ? 6.871   -13.599 14.508  0.50 27.46 ? 71  LYS A CA  1 
ATOM   663  C CA  B LYS A 1 71  ? 6.876   -13.607 14.502  0.50 27.43 ? 71  LYS A CA  1 
ATOM   664  C C   A LYS A 1 71  ? 5.905   -13.969 13.389  0.50 29.20 ? 71  LYS A C   1 
ATOM   665  C C   B LYS A 1 71  ? 5.909   -13.972 13.383  0.50 29.22 ? 71  LYS A C   1 
ATOM   666  O O   A LYS A 1 71  ? 5.479   -15.120 13.273  0.50 30.44 ? 71  LYS A O   1 
ATOM   667  O O   B LYS A 1 71  ? 5.484   -15.124 13.262  0.50 30.46 ? 71  LYS A O   1 
ATOM   668  C CB  A LYS A 1 71  ? 6.116   -12.855 15.612  0.50 29.20 ? 71  LYS A CB  1 
ATOM   669  C CB  B LYS A 1 71  ? 6.124   -12.880 15.617  0.50 29.21 ? 71  LYS A CB  1 
ATOM   670  C CG  A LYS A 1 71  ? 4.942   -13.638 16.195  0.50 39.55 ? 71  LYS A CG  1 
ATOM   671  C CG  B LYS A 1 71  ? 4.995   -13.702 16.222  0.50 39.96 ? 71  LYS A CG  1 
ATOM   672  C CD  A LYS A 1 71  ? 4.180   -12.815 17.223  0.50 39.01 ? 71  LYS A CD  1 
ATOM   673  C CD  B LYS A 1 71  ? 4.304   -12.962 17.353  0.50 39.33 ? 71  LYS A CD  1 
ATOM   674  C CE  A LYS A 1 71  ? 3.034   -13.610 17.831  0.50 41.63 ? 71  LYS A CE  1 
ATOM   675  C CE  B LYS A 1 71  ? 3.254   -13.839 18.011  0.50 41.46 ? 71  LYS A CE  1 
ATOM   676  N NZ  A LYS A 1 71  ? 2.301   -12.818 18.858  0.50 41.52 ? 71  LYS A NZ  1 
ATOM   677  N NZ  B LYS A 1 71  ? 3.850   -15.097 18.540  0.50 41.23 ? 71  LYS A NZ  1 
ATOM   678  N N   . TRP A 1 72  ? 5.563   -12.978 12.572  1.00 25.37 ? 72  TRP A N   1 
ATOM   679  C CA  . TRP A 1 72  ? 4.656   -13.177 11.453  1.00 27.46 ? 72  TRP A CA  1 
ATOM   680  C C   . TRP A 1 72  ? 5.451   -13.184 10.154  1.00 26.61 ? 72  TRP A C   1 
ATOM   681  O O   . TRP A 1 72  ? 6.504   -12.552 10.066  1.00 37.75 ? 72  TRP A O   1 
ATOM   682  C CB  . TRP A 1 72  ? 3.647   -12.031 11.397  1.00 31.25 ? 72  TRP A CB  1 
ATOM   683  C CG  . TRP A 1 72  ? 2.692   -12.005 12.541  1.00 30.50 ? 72  TRP A CG  1 
ATOM   684  C CD1 . TRP A 1 72  ? 2.871   -11.414 13.756  1.00 33.32 ? 72  TRP A CD1 1 
ATOM   685  C CD2 . TRP A 1 72  ? 1.410   -12.637 12.581  1.00 30.82 ? 72  TRP A CD2 1 
ATOM   686  N NE1 . TRP A 1 72  ? 1.773   -11.641 14.558  1.00 36.48 ? 72  TRP A NE1 1 
ATOM   687  C CE2 . TRP A 1 72  ? 0.865   -12.389 13.861  1.00 39.74 ? 72  TRP A CE2 1 
ATOM   688  C CE3 . TRP A 1 72  ? 0.674   -13.389 11.658  1.00 30.79 ? 72  TRP A CE3 1 
ATOM   689  C CZ2 . TRP A 1 72  ? -0.395  -12.874 14.241  1.00 35.14 ? 72  TRP A CZ2 1 
ATOM   690  C CZ3 . TRP A 1 72  ? -0.577  -13.870 12.033  1.00 29.47 ? 72  TRP A CZ3 1 
ATOM   691  C CH2 . TRP A 1 72  ? -1.098  -13.608 13.318  1.00 35.48 ? 72  TRP A CH2 1 
ATOM   692  N N   . SER A 1 73  ? 4.986   -13.935 9.169   1.00 26.04 ? 73  SER A N   1 
ATOM   693  C CA  . SER A 1 73  ? 5.635   -13.932 7.864   1.00 25.21 ? 73  SER A CA  1 
ATOM   694  C C   . SER A 1 73  ? 4.637   -13.140 7.021   1.00 19.55 ? 73  SER A C   1 
ATOM   695  O O   . SER A 1 73  ? 3.462   -13.038 7.379   1.00 21.62 ? 73  SER A O   1 
ATOM   696  C CB  . SER A 1 73  ? 5.780   -15.344 7.308   1.00 25.44 ? 73  SER A CB  1 
ATOM   697  O OG  . SER A 1 73  ? 4.511   -15.902 7.030   1.00 28.53 ? 73  SER A OG  1 
ATOM   698  N N   . LEU A 1 74  ? 5.098   -12.575 5.920   1.00 19.09 ? 74  LEU A N   1 
ATOM   699  C CA  . LEU A 1 74  ? 4.223   -11.785 5.059   1.00 18.50 ? 74  LEU A CA  1 
ATOM   700  C C   . LEU A 1 74  ? 2.998   -12.593 4.622   1.00 16.57 ? 74  LEU A C   1 
ATOM   701  O O   . LEU A 1 74  ? 1.894   -12.070 4.590   1.00 18.36 ? 74  LEU A O   1 
ATOM   702  C CB  . LEU A 1 74  ? 5.006   -11.312 3.838   1.00 22.88 ? 74  LEU A CB  1 
ATOM   703  C CG  . LEU A 1 74  ? 4.321   -10.291 2.933   1.00 17.14 ? 74  LEU A CG  1 
ATOM   704  C CD1 . LEU A 1 74  ? 3.975   -9.030  3.710   1.00 19.54 ? 74  LEU A CD1 1 
ATOM   705  C CD2 . LEU A 1 74  ? 5.265   -9.967  1.778   1.00 26.31 ? 74  LEU A CD2 1 
ATOM   706  N N   . ASN A 1 75  ? 3.194   -13.870 4.333   1.00 18.88 ? 75  ASN A N   1 
ATOM   707  C CA  . ASN A 1 75  ? 2.090   -14.707 3.884   1.00 21.17 ? 75  ASN A CA  1 
ATOM   708  C C   . ASN A 1 75  ? 1.077   -15.058 4.971   1.00 21.00 ? 75  ASN A C   1 
ATOM   709  O O   . ASN A 1 75  ? -0.080  -15.370 4.674   1.00 23.37 ? 75  ASN A O   1 
ATOM   710  C CB  . ASN A 1 75  ? 2.639   -15.988 3.246   1.00 27.49 ? 75  ASN A CB  1 
ATOM   711  C CG  . ASN A 1 75  ? 3.431   -16.836 4.221   1.00 42.85 ? 75  ASN A CG  1 
ATOM   712  O OD1 . ASN A 1 75  ? 4.507   -17.335 3.892   0.00 52.81 ? 75  ASN A OD1 1 
ATOM   713  N ND2 . ASN A 1 75  ? 2.894   -17.020 5.421   0.00 47.47 ? 75  ASN A ND2 1 
ATOM   714  N N   . ARG A 1 76  ? 1.495   -14.979 6.231   1.00 18.67 ? 76  ARG A N   1 
ATOM   715  C CA  . ARG A 1 76  ? 0.608   -15.305 7.342   1.00 19.29 ? 76  ARG A CA  1 
ATOM   716  C C   . ARG A 1 76  ? -0.184  -14.108 7.828   1.00 17.76 ? 76  ARG A C   1 
ATOM   717  O O   . ARG A 1 76  ? -1.146  -14.252 8.574   1.00 18.28 ? 76  ARG A O   1 
ATOM   718  C CB  . ARG A 1 76  ? 1.404   -15.934 8.484   1.00 20.68 ? 76  ARG A CB  1 
ATOM   719  C CG  . ARG A 1 76  ? 1.693   -17.424 8.252   1.00 27.22 ? 76  ARG A CG  1 
ATOM   720  C CD  . ARG A 1 76  ? 2.560   -17.982 9.373   1.00 36.59 ? 76  ARG A CD  1 
ATOM   721  N NE  . ARG A 1 76  ? 2.102   -17.517 10.679  1.00 50.26 ? 76  ARG A NE  1 
ATOM   722  C CZ  . ARG A 1 76  ? 2.872   -16.881 11.557  1.00 44.17 ? 76  ARG A CZ  1 
ATOM   723  N NH1 . ARG A 1 76  ? 4.148   -16.634 11.270  1.00 42.59 ? 76  ARG A NH1 1 
ATOM   724  N NH2 . ARG A 1 76  ? 2.365   -16.483 12.719  1.00 46.66 ? 76  ARG A NH2 1 
ATOM   725  N N   . LEU A 1 77  ? 0.233   -12.906 7.430   1.00 16.22 ? 77  LEU A N   1 
ATOM   726  C CA  . LEU A 1 77  ? -0.528  -11.723 7.790   1.00 15.03 ? 77  LEU A CA  1 
ATOM   727  C C   . LEU A 1 77  ? -1.854  -11.790 7.033   1.00 13.90 ? 77  LEU A C   1 
ATOM   728  O O   . LEU A 1 77  ? -2.003  -12.552 6.068   1.00 15.73 ? 77  LEU A O   1 
ATOM   729  C CB  . LEU A 1 77  ? 0.206   -10.439 7.363   1.00 14.89 ? 77  LEU A CB  1 
ATOM   730  C CG  . LEU A 1 77  ? 1.527   -10.136 8.077   1.00 16.74 ? 77  LEU A CG  1 
ATOM   731  C CD1 . LEU A 1 77  ? 2.187   -8.912  7.420   1.00 17.15 ? 77  LEU A CD1 1 
ATOM   732  C CD2 . LEU A 1 77  ? 1.274   -9.893  9.552   1.00 19.28 ? 77  LEU A CD2 1 
ATOM   733  N N   . SER A 1 78  ? -2.804  -10.985 7.482   1.00 13.70 ? 78  SER A N   1 
ATOM   734  C CA  . SER A 1 78  ? -4.095  -10.939 6.814   1.00 13.58 ? 78  SER A CA  1 
ATOM   735  C C   . SER A 1 78  ? -3.940  -10.284 5.449   1.00 14.70 ? 78  SER A C   1 
ATOM   736  O O   . SER A 1 78  ? -2.946  -9.588  5.172   1.00 15.05 ? 78  SER A O   1 
ATOM   737  C CB  . SER A 1 78  ? -5.084  -10.120 7.617   1.00 14.77 ? 78  SER A CB  1 
ATOM   738  O OG  . SER A 1 78  ? -4.732  -8.726  7.554   1.00 15.77 ? 78  SER A OG  1 
ATOM   739  N N   A VAL A 1 79  ? -4.916  -10.511 4.582   0.50 15.19 ? 79  VAL A N   1 
ATOM   740  N N   B VAL A 1 79  ? -4.928  -10.498 4.592   0.50 15.49 ? 79  VAL A N   1 
ATOM   741  C CA  A VAL A 1 79  ? -4.871  -9.914  3.259   0.50 16.04 ? 79  VAL A CA  1 
ATOM   742  C CA  B VAL A 1 79  ? -4.908  -9.910  3.264   0.50 16.19 ? 79  VAL A CA  1 
ATOM   743  C C   A VAL A 1 79  ? -4.808  -8.383  3.397   0.50 14.39 ? 79  VAL A C   1 
ATOM   744  C C   B VAL A 1 79  ? -4.843  -8.381  3.378   0.50 15.03 ? 79  VAL A C   1 
ATOM   745  O O   A VAL A 1 79  ? -4.167  -7.714  2.580   0.50 15.77 ? 79  VAL A O   1 
ATOM   746  O O   B VAL A 1 79  ? -4.244  -7.713  2.528   0.50 16.43 ? 79  VAL A O   1 
ATOM   747  C CB  A VAL A 1 79  ? -6.102  -10.327 2.391   0.50 15.24 ? 79  VAL A CB  1 
ATOM   748  C CB  B VAL A 1 79  ? -6.158  -10.331 2.443   0.50 14.95 ? 79  VAL A CB  1 
ATOM   749  C CG1 A VAL A 1 79  ? -6.039  -11.822 2.056   0.50 18.11 ? 79  VAL A CG1 1 
ATOM   750  C CG1 B VAL A 1 79  ? -7.433  -10.056 3.232   0.50 19.64 ? 79  VAL A CG1 1 
ATOM   751  C CG2 A VAL A 1 79  ? -7.400  -10.008 3.128   0.50 19.92 ? 79  VAL A CG2 1 
ATOM   752  C CG2 B VAL A 1 79  ? -6.190  -9.583  1.126   0.50 15.44 ? 79  VAL A CG2 1 
ATOM   753  N N   . VAL A 1 80  ? -5.449  -7.829  4.421   1.00 12.93 ? 80  VAL A N   1 
ATOM   754  C CA  . VAL A 1 80  ? -5.420  -6.386  4.605   1.00 12.76 ? 80  VAL A CA  1 
ATOM   755  C C   . VAL A 1 80  ? -4.030  -5.901  4.992   1.00 12.56 ? 80  VAL A C   1 
ATOM   756  O O   . VAL A 1 80  ? -3.473  -4.999  4.343   1.00 12.98 ? 80  VAL A O   1 
ATOM   757  C CB  . VAL A 1 80  ? -6.394  -5.925  5.679   1.00 12.75 ? 80  VAL A CB  1 
ATOM   758  C CG1 . VAL A 1 80  ? -6.246  -4.414  5.909   1.00 14.96 ? 80  VAL A CG1 1 
ATOM   759  C CG2 . VAL A 1 80  ? -7.836  -6.266  5.263   1.00 15.92 ? 80  VAL A CG2 1 
ATOM   760  N N   . ASP A 1 81  ? -3.431  -6.480  6.029   1.00 12.89 ? 81  ASP A N   1 
ATOM   761  C CA  . ASP A 1 81  ? -2.130  -5.992  6.468   1.00 14.32 ? 81  ASP A CA  1 
ATOM   762  C C   . ASP A 1 81  ? -1.031  -6.211  5.437   1.00 13.44 ? 81  ASP A C   1 
ATOM   763  O O   . ASP A 1 81  ? -0.177  -5.341  5.236   1.00 14.18 ? 81  ASP A O   1 
ATOM   764  C CB  . ASP A 1 81  ? -1.774  -6.635  7.803   1.00 13.46 ? 81  ASP A CB  1 
ATOM   765  C CG  . ASP A 1 81  ? -2.685  -6.172  8.922   1.00 16.09 ? 81  ASP A CG  1 
ATOM   766  O OD1 . ASP A 1 81  ? -3.332  -5.111  8.754   1.00 16.91 ? 81  ASP A OD1 1 
ATOM   767  O OD2 . ASP A 1 81  ? -2.728  -6.877  9.962   1.00 17.48 ? 81  ASP A OD2 1 
ATOM   768  N N   . ARG A 1 82  ? -1.016  -7.362  4.779   1.00 13.78 ? 82  ARG A N   1 
ATOM   769  C CA  . ARG A 1 82  ? -0.009  -7.625  3.762   1.00 12.96 ? 82  ARG A CA  1 
ATOM   770  C C   . ARG A 1 82  ? -0.085  -6.592  2.636   1.00 12.62 ? 82  ARG A C   1 
ATOM   771  O O   . ARG A 1 82  ? 0.939   -6.022  2.200   1.00 14.14 ? 82  ARG A O   1 
ATOM   772  C CB  . ARG A 1 82  ? -0.221  -9.044  3.181   1.00 12.79 ? 82  ARG A CB  1 
ATOM   773  C CG  . ARG A 1 82  ? 0.554   -9.330  1.880   1.00 14.56 ? 82  ARG A CG  1 
ATOM   774  C CD  . ARG A 1 82  ? 0.572   -10.824 1.506   1.00 14.73 ? 82  ARG A CD  1 
ATOM   775  N NE  . ARG A 1 82  ? -0.770  -11.384 1.394   1.00 14.77 ? 82  ARG A NE  1 
ATOM   776  C CZ  . ARG A 1 82  ? -1.367  -12.082 2.352   1.00 15.67 ? 82  ARG A CZ  1 
ATOM   777  N NH1 . ARG A 1 82  ? -2.597  -12.521 2.153   1.00 17.20 ? 82  ARG A NH1 1 
ATOM   778  N NH2 . ARG A 1 82  ? -0.732  -12.379 3.480   1.00 16.69 ? 82  ARG A NH2 1 
ATOM   779  N N   . ASN A 1 83  ? -1.294  -6.311  2.170   1.00 13.24 ? 83  ASN A N   1 
ATOM   780  C CA  . ASN A 1 83  ? -1.425  -5.376  1.064   1.00 13.45 ? 83  ASN A CA  1 
ATOM   781  C C   . ASN A 1 83  ? -1.299  -3.910  1.464   1.00 11.47 ? 83  ASN A C   1 
ATOM   782  O O   . ASN A 1 83  ? -0.838  -3.094  0.652   1.00 12.93 ? 83  ASN A O   1 
ATOM   783  C CB  . ASN A 1 83  ? -2.680  -5.728  0.278   1.00 12.64 ? 83  ASN A CB  1 
ATOM   784  C CG  . ASN A 1 83  ? -2.522  -7.055  -0.432  1.00 12.39 ? 83  ASN A CG  1 
ATOM   785  O OD1 . ASN A 1 83  ? -3.131  -8.085  -0.049  1.00 16.59 ? 83  ASN A OD1 1 
ATOM   786  N ND2 . ASN A 1 83  ? -1.661  -7.084  -1.397  1.00 11.44 ? 83  ASN A ND2 1 
ATOM   787  N N   . VAL A 1 84  ? -1.657  -3.568  2.692   1.00 12.82 ? 84  VAL A N   1 
ATOM   788  C CA  . VAL A 1 84  ? -1.427  -2.200  3.150   1.00 13.28 ? 84  VAL A CA  1 
ATOM   789  C C   . VAL A 1 84  ? 0.106   -2.018  3.200   1.00 12.44 ? 84  VAL A C   1 
ATOM   790  O O   . VAL A 1 84  ? 0.619   -0.967  2.784   1.00 12.48 ? 84  VAL A O   1 
ATOM   791  C CB  . VAL A 1 84  ? -2.016  -1.955  4.558   1.00 13.30 ? 84  VAL A CB  1 
ATOM   792  C CG1 . VAL A 1 84  ? -1.424  -0.656  5.178   1.00 14.23 ? 84  VAL A CG1 1 
ATOM   793  C CG2 . VAL A 1 84  ? -3.521  -1.824  4.449   1.00 14.94 ? 84  VAL A CG2 1 
ATOM   794  N N   . LEU A 1 85  ? 0.851   -3.000  3.688   1.00 12.24 ? 85  LEU A N   1 
ATOM   795  C CA  . LEU A 1 85  ? 2.304   -2.861  3.742   1.00 13.61 ? 85  LEU A CA  1 
ATOM   796  C C   . LEU A 1 85  ? 2.899   -2.754  2.344   1.00 12.31 ? 85  LEU A C   1 
ATOM   797  O O   . LEU A 1 85  ? 3.799   -1.940  2.100   1.00 13.34 ? 85  LEU A O   1 
ATOM   798  C CB  . LEU A 1 85  ? 2.928   -4.021  4.531   1.00 14.01 ? 85  LEU A CB  1 
ATOM   799  C CG  . LEU A 1 85  ? 2.650   -3.966  6.041   1.00 13.70 ? 85  LEU A CG  1 
ATOM   800  C CD1 . LEU A 1 85  ? 3.171   -5.253  6.696   1.00 15.91 ? 85  LEU A CD1 1 
ATOM   801  C CD2 . LEU A 1 85  ? 3.323   -2.742  6.686   1.00 15.13 ? 85  LEU A CD2 1 
ATOM   802  N N   . ARG A 1 86  ? 2.411   -3.541  1.394   1.00 13.26 ? 86  ARG A N   1 
ATOM   803  C CA  . ARG A 1 86  ? 2.911   -3.461  0.018   1.00 12.71 ? 86  ARG A CA  1 
ATOM   804  C C   . ARG A 1 86  ? 2.645   -2.077  -0.578  1.00 12.56 ? 86  ARG A C   1 
ATOM   805  O O   . ARG A 1 86  ? 3.539   -1.449  -1.168  1.00 13.62 ? 86  ARG A O   1 
ATOM   806  C CB  . ARG A 1 86  ? 2.238   -4.508  -0.881  1.00 14.19 ? 86  ARG A CB  1 
ATOM   807  C CG  . ARG A 1 86  ? 2.717   -5.911  -0.655  1.00 13.50 ? 86  ARG A CG  1 
ATOM   808  C CD  . ARG A 1 86  ? 1.754   -6.877  -1.297  1.00 15.69 ? 86  ARG A CD  1 
ATOM   809  N NE  . ARG A 1 86  ? 2.385   -8.184  -1.475  1.00 14.63 ? 86  ARG A NE  1 
ATOM   810  C CZ  . ARG A 1 86  ? 1.722   -9.294  -1.794  1.00 15.15 ? 86  ARG A CZ  1 
ATOM   811  N NH1 . ARG A 1 86  ? 2.386   -10.428 -1.977  1.00 15.42 ? 86  ARG A NH1 1 
ATOM   812  N NH2 . ARG A 1 86  ? 0.396   -9.274  -1.875  1.00 16.41 ? 86  ARG A NH2 1 
ATOM   813  N N   A LEU A 1 87  ? 1.418   -1.602  -0.430  0.50 13.98 ? 87  LEU A N   1 
ATOM   814  N N   B LEU A 1 87  ? 1.419   -1.601  -0.427  0.50 13.93 ? 87  LEU A N   1 
ATOM   815  C CA  A LEU A 1 87  ? 1.005   -0.305  -0.961  0.50 13.59 ? 87  LEU A CA  1 
ATOM   816  C CA  B LEU A 1 87  ? 1.021   -0.309  -0.971  0.50 13.47 ? 87  LEU A CA  1 
ATOM   817  C C   A LEU A 1 87  ? 1.813   0.849   -0.362  0.50 13.26 ? 87  LEU A C   1 
ATOM   818  C C   B LEU A 1 87  ? 1.850   0.826   -0.365  0.50 11.70 ? 87  LEU A C   1 
ATOM   819  O O   A LEU A 1 87  ? 2.317   1.733   -1.083  0.50 15.43 ? 87  LEU A O   1 
ATOM   820  O O   B LEU A 1 87  ? 2.406   1.674   -1.085  0.50 16.07 ? 87  LEU A O   1 
ATOM   821  C CB  A LEU A 1 87  ? -0.498  -0.112  -0.698  0.50 16.05 ? 87  LEU A CB  1 
ATOM   822  C CB  B LEU A 1 87  ? -0.478  -0.083  -0.705  0.50 16.35 ? 87  LEU A CB  1 
ATOM   823  C CG  A LEU A 1 87  ? -1.161  1.232   -1.026  0.50 19.34 ? 87  LEU A CG  1 
ATOM   824  C CG  B LEU A 1 87  ? -1.213  0.994   -1.520  0.50 16.61 ? 87  LEU A CG  1 
ATOM   825  C CD1 A LEU A 1 87  ? -0.749  1.725   -2.401  0.50 21.46 ? 87  LEU A CD1 1 
ATOM   826  C CD1 B LEU A 1 87  ? -2.694  0.961   -1.138  0.50 16.49 ? 87  LEU A CD1 1 
ATOM   827  C CD2 A LEU A 1 87  ? -2.673  1.059   -0.955  0.50 27.73 ? 87  LEU A CD2 1 
ATOM   828  C CD2 B LEU A 1 87  ? -0.622  2.375   -1.265  0.50 24.40 ? 87  LEU A CD2 1 
ATOM   829  N N   . ALA A 1 88  ? 1.938   0.854   0.956   1.00 13.14 ? 88  ALA A N   1 
ATOM   830  C CA  . ALA A 1 88  ? 2.691   1.900   1.646   1.00 13.00 ? 88  ALA A CA  1 
ATOM   831  C C   . ALA A 1 88  ? 4.179   1.853   1.309   1.00 12.76 ? 88  ALA A C   1 
ATOM   832  O O   . ALA A 1 88  ? 4.807   2.919   1.182   1.00 14.83 ? 88  ALA A O   1 
ATOM   833  C CB  . ALA A 1 88  ? 2.501   1.782   3.174   1.00 13.01 ? 88  ALA A CB  1 
ATOM   834  N N   . THR A 1 89  ? 4.769   0.664   1.189   1.00 12.90 ? 89  THR A N   1 
ATOM   835  C CA  . THR A 1 89  ? 6.197   0.550   0.862   1.00 14.29 ? 89  THR A CA  1 
ATOM   836  C C   . THR A 1 89  ? 6.416   1.078   -0.556  1.00 14.31 ? 89  THR A C   1 
ATOM   837  O O   . THR A 1 89  ? 7.372   1.831   -0.808  1.00 15.85 ? 89  THR A O   1 
ATOM   838  C CB  . THR A 1 89  ? 6.666   -0.910  1.024   1.00 14.31 ? 89  THR A CB  1 
ATOM   839  O OG1 . THR A 1 89  ? 6.512   -1.273  2.400   1.00 14.64 ? 89  THR A OG1 1 
ATOM   840  C CG2 . THR A 1 89  ? 8.161   -1.075  0.664   1.00 13.94 ? 89  THR A CG2 1 
ATOM   841  N N   . TYR A 1 90  ? 5.530   0.730   -1.482  1.00 14.26 ? 90  TYR A N   1 
ATOM   842  C CA  . TYR A 1 90  ? 5.624   1.234   -2.837  1.00 15.14 ? 90  TYR A CA  1 
ATOM   843  C C   . TYR A 1 90  ? 5.577   2.761   -2.806  1.00 14.75 ? 90  TYR A C   1 
ATOM   844  O O   . TYR A 1 90  ? 6.399   3.441   -3.430  1.00 16.82 ? 90  TYR A O   1 
ATOM   845  C CB  . TYR A 1 90  ? 4.448   0.720   -3.683  1.00 14.28 ? 90  TYR A CB  1 
ATOM   846  C CG  . TYR A 1 90  ? 4.303   1.513   -4.964  1.00 14.49 ? 90  TYR A CG  1 
ATOM   847  C CD1 . TYR A 1 90  ? 5.188   1.313   -6.043  1.00 16.37 ? 90  TYR A CD1 1 
ATOM   848  C CD2 . TYR A 1 90  ? 3.401   2.574   -5.043  1.00 14.18 ? 90  TYR A CD2 1 
ATOM   849  C CE1 . TYR A 1 90  ? 5.176   2.168   -7.148  1.00 17.39 ? 90  TYR A CE1 1 
ATOM   850  C CE2 . TYR A 1 90  ? 3.386   3.437   -6.148  1.00 17.68 ? 90  TYR A CE2 1 
ATOM   851  C CZ  . TYR A 1 90  ? 4.281   3.222   -7.183  1.00 18.32 ? 90  TYR A CZ  1 
ATOM   852  O OH  . TYR A 1 90  ? 4.318   4.106   -8.244  1.00 20.18 ? 90  TYR A OH  1 
ATOM   853  N N   . GLU A 1 91  ? 4.607   3.318   -2.093  1.00 14.50 ? 91  GLU A N   1 
ATOM   854  C CA  . GLU A 1 91  ? 4.456   4.760   -2.039  1.00 16.14 ? 91  GLU A CA  1 
ATOM   855  C C   . GLU A 1 91  ? 5.684   5.428   -1.413  1.00 16.54 ? 91  GLU A C   1 
ATOM   856  O O   . GLU A 1 91  ? 6.177   6.452   -1.928  1.00 17.77 ? 91  GLU A O   1 
ATOM   857  C CB  . GLU A 1 91  ? 3.174   5.120   -1.275  1.00 13.96 ? 91  GLU A CB  1 
ATOM   858  C CG  . GLU A 1 91  ? 2.822   6.580   -1.375  1.00 16.59 ? 91  GLU A CG  1 
ATOM   859  C CD  . GLU A 1 91  ? 1.494   6.874   -0.717  1.00 17.27 ? 91  GLU A CD  1 
ATOM   860  O OE1 . GLU A 1 91  ? 1.492   7.207   0.488   1.00 20.28 ? 91  GLU A OE1 1 
ATOM   861  O OE2 . GLU A 1 91  ? 0.460   6.759   -1.386  1.00 16.85 ? 91  GLU A OE2 1 
ATOM   862  N N   . LEU A 1 92  ? 6.172   4.869   -0.320  1.00 15.50 ? 92  LEU A N   1 
ATOM   863  C CA  . LEU A 1 92  ? 7.368   5.376   0.361   1.00 17.22 ? 92  LEU A CA  1 
ATOM   864  C C   . LEU A 1 92  ? 8.575   5.445   -0.594  1.00 17.05 ? 92  LEU A C   1 
ATOM   865  O O   . LEU A 1 92  ? 9.281   6.469   -0.685  1.00 18.86 ? 92  LEU A O   1 
ATOM   866  C CB  . LEU A 1 92  ? 7.732   4.425   1.495   1.00 19.36 ? 92  LEU A CB  1 
ATOM   867  C CG  . LEU A 1 92  ? 7.953   4.747   2.962   1.00 44.58 ? 92  LEU A CG  1 
ATOM   868  C CD1 . LEU A 1 92  ? 7.138   3.783   3.821   1.00 34.03 ? 92  LEU A CD1 1 
ATOM   869  C CD2 . LEU A 1 92  ? 9.429   4.588   3.276   1.00 41.14 ? 92  LEU A CD2 1 
ATOM   870  N N   . LEU A 1 93  ? 8.821   4.359   -1.315  1.00 16.78 ? 93  LEU A N   1 
ATOM   871  C CA  . LEU A 1 93  ? 9.978   4.285   -2.197  1.00 17.92 ? 93  LEU A CA  1 
ATOM   872  C C   . LEU A 1 93  ? 9.879   5.003   -3.523  1.00 22.34 ? 93  LEU A C   1 
ATOM   873  O O   . LEU A 1 93  ? 10.869  5.593   -3.983  1.00 21.75 ? 93  LEU A O   1 
ATOM   874  C CB  . LEU A 1 93  ? 10.294  2.821   -2.505  1.00 18.99 ? 93  LEU A CB  1 
ATOM   875  C CG  . LEU A 1 93  ? 10.682  1.904   -1.355  1.00 20.23 ? 93  LEU A CG  1 
ATOM   876  C CD1 . LEU A 1 93  ? 10.698  0.464   -1.861  1.00 23.12 ? 93  LEU A CD1 1 
ATOM   877  C CD2 . LEU A 1 93  ? 12.041  2.326   -0.812  1.00 24.66 ? 93  LEU A CD2 1 
ATOM   878  N N   . PHE A 1 94  ? 8.700   4.982   -4.131  1.00 18.67 ? 94  PHE A N   1 
ATOM   879  C CA  . PHE A 1 94  ? 8.531   5.481   -5.487  1.00 19.92 ? 94  PHE A CA  1 
ATOM   880  C C   . PHE A 1 94  ? 7.732   6.721   -5.772  1.00 22.17 ? 94  PHE A C   1 
ATOM   881  O O   . PHE A 1 94  ? 7.860   7.305   -6.855  1.00 24.59 ? 94  PHE A O   1 
ATOM   882  C CB  . PHE A 1 94  ? 7.965   4.340   -6.337  1.00 20.72 ? 94  PHE A CB  1 
ATOM   883  C CG  . PHE A 1 94  ? 8.859   3.140   -6.398  1.00 20.88 ? 94  PHE A CG  1 
ATOM   884  C CD1 . PHE A 1 94  ? 9.995   3.156   -7.196  1.00 28.82 ? 94  PHE A CD1 1 
ATOM   885  C CD2 . PHE A 1 94  ? 8.599   2.007   -5.632  1.00 21.33 ? 94  PHE A CD2 1 
ATOM   886  C CE1 . PHE A 1 94  ? 10.858  2.059   -7.232  1.00 33.37 ? 94  PHE A CE1 1 
ATOM   887  C CE2 . PHE A 1 94  ? 9.453   0.907   -5.660  1.00 23.00 ? 94  PHE A CE2 1 
ATOM   888  C CZ  . PHE A 1 94  ? 10.590  0.934   -6.461  1.00 26.16 ? 94  PHE A CZ  1 
ATOM   889  N N   . GLU A 1 95  ? 6.882   7.118   -4.844  1.00 17.90 ? 95  GLU A N   1 
ATOM   890  C CA  . GLU A 1 95  ? 6.076   8.290   -5.075  1.00 21.48 ? 95  GLU A CA  1 
ATOM   891  C C   . GLU A 1 95  ? 6.743   9.438   -4.343  1.00 24.19 ? 95  GLU A C   1 
ATOM   892  O O   . GLU A 1 95  ? 6.509   9.677   -3.163  1.00 22.82 ? 95  GLU A O   1 
ATOM   893  C CB  . GLU A 1 95  ? 4.642   8.033   -4.602  1.00 19.80 ? 95  GLU A CB  1 
ATOM   894  C CG  . GLU A 1 95  ? 3.966   6.941   -5.445  1.00 19.69 ? 95  GLU A CG  1 
ATOM   895  C CD  . GLU A 1 95  ? 3.669   7.392   -6.871  1.00 19.58 ? 95  GLU A CD  1 
ATOM   896  O OE1 . GLU A 1 95  ? 3.606   6.555   -7.786  1.00 20.33 ? 95  GLU A OE1 1 
ATOM   897  O OE2 . GLU A 1 95  ? 3.477   8.609   -7.075  1.00 25.20 ? 95  GLU A OE2 1 
ATOM   898  N N   A LYS A 1 96  ? 7.622   10.131  -5.057  0.50 32.44 ? 96  LYS A N   1 
ATOM   899  N N   B LYS A 1 96  ? 7.634   10.126  -5.048  0.50 32.37 ? 96  LYS A N   1 
ATOM   900  C CA  A LYS A 1 96  ? 8.305   11.267  -4.481  0.50 34.72 ? 96  LYS A CA  1 
ATOM   901  C CA  B LYS A 1 96  ? 8.326   11.256  -4.463  0.50 34.60 ? 96  LYS A CA  1 
ATOM   902  C C   A LYS A 1 96  ? 7.281   12.380  -4.465  0.50 35.89 ? 96  LYS A C   1 
ATOM   903  C C   B LYS A 1 96  ? 7.296   12.375  -4.461  0.50 35.99 ? 96  LYS A C   1 
ATOM   904  O O   A LYS A 1 96  ? 6.487   12.494  -5.392  0.50 48.19 ? 96  LYS A O   1 
ATOM   905  O O   B LYS A 1 96  ? 6.508   12.482  -5.395  0.50 48.23 ? 96  LYS A O   1 
ATOM   906  C CB  A LYS A 1 96  ? 9.509   11.671  -5.337  0.50 35.46 ? 96  LYS A CB  1 
ATOM   907  C CB  B LYS A 1 96  ? 9.538   11.640  -5.320  0.50 35.47 ? 96  LYS A CB  1 
ATOM   908  C CG  A LYS A 1 96  ? 10.603  10.606  -5.449  0.50 37.38 ? 96  LYS A CG  1 
ATOM   909  C CG  B LYS A 1 96  ? 10.463  10.470  -5.661  0.50 37.60 ? 96  LYS A CG  1 
ATOM   910  C CD  A LYS A 1 96  ? 10.983  10.002  -4.094  0.50 42.88 ? 96  LYS A CD  1 
ATOM   911  C CD  B LYS A 1 96  ? 10.994  9.781   -4.411  0.50 43.60 ? 96  LYS A CD  1 
ATOM   912  C CE  A LYS A 1 96  ? 10.928  11.039  -2.979  0.50 39.45 ? 96  LYS A CE  1 
ATOM   913  C CE  B LYS A 1 96  ? 11.794  8.528   -4.754  0.50 38.94 ? 96  LYS A CE  1 
ATOM   914  N NZ  A LYS A 1 96  ? 12.059  10.987  -2.026  0.50 51.65 ? 96  LYS A NZ  1 
ATOM   915  N NZ  B LYS A 1 96  ? 13.023  8.823   -5.537  0.50 50.51 ? 96  LYS A NZ  1 
ATOM   916  N N   . ASP A 1 97  ? 7.305   13.180  -3.404  1.00 31.61 ? 97  ASP A N   1 
ATOM   917  C CA  . ASP A 1 97  ? 6.384   14.315  -3.215  1.00 29.43 ? 97  ASP A CA  1 
ATOM   918  C C   . ASP A 1 97  ? 5.430   14.033  -2.058  1.00 29.19 ? 97  ASP A C   1 
ATOM   919  O O   . ASP A 1 97  ? 4.813   14.951  -1.526  1.00 37.14 ? 97  ASP A O   1 
ATOM   920  C CB  . ASP A 1 97  ? 5.553   14.641  -4.464  1.00 32.75 ? 97  ASP A CB  1 
ATOM   921  C CG  . ASP A 1 97  ? 4.240   13.881  -4.509  1.00 45.31 ? 97  ASP A CG  1 
ATOM   922  O OD1 . ASP A 1 97  ? 3.243   14.385  -3.946  1.00 52.40 ? 97  ASP A OD1 1 
ATOM   923  O OD2 . ASP A 1 97  ? 4.205   12.776  -5.091  1.00 41.67 ? 97  ASP A OD2 1 
ATOM   924  N N   A ILE A 1 98  ? 5.313   12.763  -1.676  0.50 28.01 ? 98  ILE A N   1 
ATOM   925  N N   B ILE A 1 98  ? 5.298   12.767  -1.677  0.50 28.35 ? 98  ILE A N   1 
ATOM   926  C CA  A ILE A 1 98  ? 4.436   12.387  -0.568  0.50 25.75 ? 98  ILE A CA  1 
ATOM   927  C CA  B ILE A 1 98  ? 4.414   12.423  -0.565  0.50 25.65 ? 98  ILE A CA  1 
ATOM   928  C C   A ILE A 1 98  ? 5.269   12.262  0.699   0.50 21.29 ? 98  ILE A C   1 
ATOM   929  C C   B ILE A 1 98  ? 5.257   12.272  0.688   0.50 21.53 ? 98  ILE A C   1 
ATOM   930  O O   A ILE A 1 98  ? 6.173   11.433  0.776   0.50 22.89 ? 98  ILE A O   1 
ATOM   931  O O   B ILE A 1 98  ? 6.152   11.433  0.748   0.50 23.13 ? 98  ILE A O   1 
ATOM   932  C CB  A ILE A 1 98  ? 3.728   11.031  -0.824  0.50 26.55 ? 98  ILE A CB  1 
ATOM   933  C CB  B ILE A 1 98  ? 3.651   11.110  -0.828  0.50 26.81 ? 98  ILE A CB  1 
ATOM   934  C CG1 A ILE A 1 98  ? 2.993   11.064  -2.166  0.50 27.26 ? 98  ILE A CG1 1 
ATOM   935  C CG1 B ILE A 1 98  ? 2.843   11.240  -2.120  0.50 25.78 ? 98  ILE A CG1 1 
ATOM   936  C CG2 A ILE A 1 98  ? 2.739   10.736  0.308   0.50 26.95 ? 98  ILE A CG2 1 
ATOM   937  C CG2 B ILE A 1 98  ? 2.714   10.804  0.345   0.50 26.67 ? 98  ILE A CG2 1 
ATOM   938  C CD1 A ILE A 1 98  ? 1.909   12.121  -2.261  0.50 23.94 ? 98  ILE A CD1 1 
ATOM   939  C CD1 B ILE A 1 98  ? 2.076   9.999   -2.489  0.50 22.46 ? 98  ILE A CD1 1 
ATOM   940  N N   . PRO A 1 99  ? 4.994   13.105  1.705   1.00 20.36 ? 99  PRO A N   1 
ATOM   941  C CA  . PRO A 1 99  ? 5.762   13.021  2.945   1.00 24.09 ? 99  PRO A CA  1 
ATOM   942  C C   . PRO A 1 99  ? 5.612   11.662  3.610   1.00 18.20 ? 99  PRO A C   1 
ATOM   943  O O   . PRO A 1 99  ? 4.536   11.023  3.546   1.00 20.76 ? 99  PRO A O   1 
ATOM   944  C CB  . PRO A 1 99  ? 5.197   14.163  3.797   1.00 24.04 ? 99  PRO A CB  1 
ATOM   945  C CG  . PRO A 1 99  ? 3.848   14.411  3.219   1.00 39.87 ? 99  PRO A CG  1 
ATOM   946  C CD  . PRO A 1 99  ? 4.026   14.214  1.746   1.00 28.37 ? 99  PRO A CD  1 
ATOM   947  N N   . ILE A 1 100 ? 6.680   11.220  4.251   1.00 19.76 ? 100 ILE A N   1 
ATOM   948  C CA  . ILE A 1 100 ? 6.679   9.945   4.942   1.00 20.22 ? 100 ILE A CA  1 
ATOM   949  C C   . ILE A 1 100 ? 5.488   9.855   5.892   1.00 19.79 ? 100 ILE A C   1 
ATOM   950  O O   . ILE A 1 100 ? 4.783   8.845   5.921   1.00 19.74 ? 100 ILE A O   1 
ATOM   951  C CB  . ILE A 1 100 ? 7.976   9.769   5.748   1.00 25.36 ? 100 ILE A CB  1 
ATOM   952  C CG1 . ILE A 1 100 ? 9.169   9.733   4.795   1.00 22.63 ? 100 ILE A CG1 1 
ATOM   953  C CG2 . ILE A 1 100 ? 7.908   8.516   6.603   1.00 25.75 ? 100 ILE A CG2 1 
ATOM   954  C CD1 . ILE A 1 100 ? 10.507  9.898   5.512   1.00 35.62 ? 100 ILE A CD1 1 
ATOM   955  N N   . GLU A 1 101 ? 5.257   10.903  6.671   1.00 21.44 ? 101 GLU A N   1 
ATOM   956  C CA  . GLU A 1 101 ? 4.162   10.927  7.632   1.00 20.76 ? 101 GLU A CA  1 
ATOM   957  C C   . GLU A 1 101 ? 2.804   10.701  6.975   1.00 20.73 ? 101 GLU A C   1 
ATOM   958  O O   . GLU A 1 101 ? 1.933   10.046  7.562   1.00 20.33 ? 101 GLU A O   1 
ATOM   959  C CB  . GLU A 1 101 ? 4.173   12.262  8.384   1.00 23.95 ? 101 GLU A CB  1 
ATOM   960  C CG  . GLU A 1 101 ? 3.079   12.407  9.428   1.00 37.48 ? 101 GLU A CG  1 
ATOM   961  C CD  . GLU A 1 101 ? 3.247   13.667  10.270  1.00 47.01 ? 101 GLU A CD  1 
ATOM   962  O OE1 . GLU A 1 101 ? 4.228   13.740  11.042  1.00 49.61 ? 101 GLU A OE1 1 
ATOM   963  O OE2 . GLU A 1 101 ? 2.404   14.583  10.155  1.00 47.17 ? 101 GLU A OE2 1 
ATOM   964  N N   . VAL A 1 102 ? 2.596   11.235  5.779   1.00 18.16 ? 102 VAL A N   1 
ATOM   965  C CA  . VAL A 1 102 ? 1.322   11.043  5.091   1.00 21.45 ? 102 VAL A CA  1 
ATOM   966  C C   . VAL A 1 102 ? 1.158   9.575   4.673   1.00 18.79 ? 102 VAL A C   1 
ATOM   967  O O   . VAL A 1 102 ? 0.098   8.960   4.873   1.00 18.82 ? 102 VAL A O   1 
ATOM   968  C CB  . VAL A 1 102 ? 1.209   11.963  3.851   1.00 23.41 ? 102 VAL A CB  1 
ATOM   969  C CG1 . VAL A 1 102 ? 0.035   11.565  2.999   1.00 24.09 ? 102 VAL A CG1 1 
ATOM   970  C CG2 . VAL A 1 102 ? 1.035   13.406  4.300   1.00 22.98 ? 102 VAL A CG2 1 
ATOM   971  N N   . THR A 1 103 ? 2.201   8.992   4.109   1.00 16.60 ? 103 THR A N   1 
ATOM   972  C CA  . THR A 1 103 ? 2.140   7.599   3.695   1.00 16.71 ? 103 THR A CA  1 
ATOM   973  C C   . THR A 1 103 ? 1.844   6.732   4.901   1.00 17.38 ? 103 THR A C   1 
ATOM   974  O O   . THR A 1 103 ? 0.954   5.871   4.860   1.00 16.74 ? 103 THR A O   1 
ATOM   975  C CB  . THR A 1 103 ? 3.468   7.163   3.069   1.00 17.52 ? 103 THR A CB  1 
ATOM   976  O OG1 . THR A 1 103 ? 3.636   7.860   1.830   1.00 18.40 ? 103 THR A OG1 1 
ATOM   977  C CG2 . THR A 1 103 ? 3.482   5.645   2.815   1.00 17.93 ? 103 THR A CG2 1 
ATOM   978  N N   . ILE A 1 104 ? 2.551   6.940   5.998   1.00 16.34 ? 104 ILE A N   1 
ATOM   979  C CA  . ILE A 1 104 ? 2.343   6.093   7.162   1.00 18.81 ? 104 ILE A CA  1 
ATOM   980  C C   . ILE A 1 104 ? 0.973   6.307   7.806   1.00 17.10 ? 104 ILE A C   1 
ATOM   981  O O   . ILE A 1 104 ? 0.250   5.341   8.074   1.00 16.35 ? 104 ILE A O   1 
ATOM   982  C CB  . ILE A 1 104 ? 3.494   6.290   8.186   1.00 15.06 ? 104 ILE A CB  1 
ATOM   983  C CG1 . ILE A 1 104 ? 4.819   5.862   7.540   1.00 19.21 ? 104 ILE A CG1 1 
ATOM   984  C CG2 . ILE A 1 104 ? 3.215   5.503   9.454   1.00 17.56 ? 104 ILE A CG2 1 
ATOM   985  C CD1 . ILE A 1 104 ? 6.024   6.049   8.444   1.00 26.53 ? 104 ILE A CD1 1 
ATOM   986  N N   . ASP A 1 105 ? 0.589   7.554   8.031   1.00 16.19 ? 105 ASP A N   1 
ATOM   987  C CA  . ASP A 1 105 ? -0.696  7.833   8.650   1.00 16.18 ? 105 ASP A CA  1 
ATOM   988  C C   . ASP A 1 105 ? -1.862  7.275   7.830   1.00 16.59 ? 105 ASP A C   1 
ATOM   989  O O   . ASP A 1 105 ? -2.800  6.695   8.374   1.00 17.04 ? 105 ASP A O   1 
ATOM   990  C CB  . ASP A 1 105 ? -0.901  9.348   8.843   1.00 18.58 ? 105 ASP A CB  1 
ATOM   991  C CG  . ASP A 1 105 ? -0.036  9.932   9.951   1.00 21.71 ? 105 ASP A CG  1 
ATOM   992  O OD1 . ASP A 1 105 ? -0.097  11.168  10.148  1.00 23.94 ? 105 ASP A OD1 1 
ATOM   993  O OD2 . ASP A 1 105 ? 0.697   9.177   10.620  1.00 22.42 ? 105 ASP A OD2 1 
ATOM   994  N N   A GLU A 1 106 ? -1.823  7.446   6.516   0.50 16.69 ? 106 GLU A N   1 
ATOM   995  N N   B GLU A 1 106 ? -1.797  7.455   6.518   0.50 17.70 ? 106 GLU A N   1 
ATOM   996  C CA  A GLU A 1 106 ? -2.909  6.948   5.676   0.50 16.86 ? 106 GLU A CA  1 
ATOM   997  C CA  B GLU A 1 106 ? -2.883  7.000   5.669   0.50 17.18 ? 106 GLU A CA  1 
ATOM   998  C C   A GLU A 1 106 ? -2.944  5.431   5.624   0.50 21.99 ? 106 GLU A C   1 
ATOM   999  C C   B GLU A 1 106 ? -2.912  5.481   5.465   0.50 13.52 ? 106 GLU A C   1 
ATOM   1000 O O   A GLU A 1 106 ? -4.014  4.825   5.579   0.50 18.01 ? 106 GLU A O   1 
ATOM   1001 O O   B GLU A 1 106 ? -3.980  4.924   5.201   0.50 17.16 ? 106 GLU A O   1 
ATOM   1002 C CB  A GLU A 1 106 ? -2.785  7.496   4.258   0.50 24.21 ? 106 GLU A CB  1 
ATOM   1003 C CB  B GLU A 1 106 ? -2.897  7.838   4.374   0.50 17.90 ? 106 GLU A CB  1 
ATOM   1004 C CG  A GLU A 1 106 ? -3.030  8.977   4.153   0.50 25.57 ? 106 GLU A CG  1 
ATOM   1005 C CG  B GLU A 1 106 ? -3.015  9.352   4.740   0.50 16.35 ? 106 GLU A CG  1 
ATOM   1006 C CD  A GLU A 1 106 ? -4.301  9.390   4.849   0.50 26.53 ? 106 GLU A CD  1 
ATOM   1007 C CD  B GLU A 1 106 ? -3.189  10.343  3.578   0.50 23.30 ? 106 GLU A CD  1 
ATOM   1008 O OE1 A GLU A 1 106 ? -5.327  8.710   4.659   0.50 21.96 ? 106 GLU A OE1 1 
ATOM   1009 O OE1 B GLU A 1 106 ? -3.178  9.960   2.397   0.50 16.44 ? 106 GLU A OE1 1 
ATOM   1010 O OE2 A GLU A 1 106 ? -4.281  10.396  5.583   0.50 22.74 ? 106 GLU A OE2 1 
ATOM   1011 O OE2 B GLU A 1 106 ? -3.339  11.555  3.861   0.50 19.52 ? 106 GLU A OE2 1 
ATOM   1012 N N   . ALA A 1 107 ? -1.772  4.814   5.640   1.00 15.38 ? 107 ALA A N   1 
ATOM   1013 C CA  . ALA A 1 107 ? -1.690  3.355   5.578   1.00 16.02 ? 107 ALA A CA  1 
ATOM   1014 C C   . ALA A 1 107 ? -2.313  2.810   6.874   1.00 16.75 ? 107 ALA A C   1 
ATOM   1015 O O   . ALA A 1 107 ? -3.070  1.837   6.854   1.00 17.11 ? 107 ALA A O   1 
ATOM   1016 C CB  . ALA A 1 107 ? -0.245  2.917   5.473   1.00 16.86 ? 107 ALA A CB  1 
ATOM   1017 N N   . ILE A 1 108 ? -1.988  3.411   8.011   1.00 15.79 ? 108 ILE A N   1 
ATOM   1018 C CA  . ILE A 1 108 ? -2.550  3.001   9.292   1.00 17.36 ? 108 ILE A CA  1 
ATOM   1019 C C   . ILE A 1 108 ? -4.076  3.114   9.226   1.00 16.53 ? 108 ILE A C   1 
ATOM   1020 O O   . ILE A 1 108 ? -4.784  2.239   9.746   1.00 16.11 ? 108 ILE A O   1 
ATOM   1021 C CB  . ILE A 1 108 ? -2.020  3.904   10.446  1.00 17.37 ? 108 ILE A CB  1 
ATOM   1022 C CG1 . ILE A 1 108 ? -0.539  3.623   10.704  1.00 18.84 ? 108 ILE A CG1 1 
ATOM   1023 C CG2 . ILE A 1 108 ? -2.837  3.690   11.723  1.00 18.15 ? 108 ILE A CG2 1 
ATOM   1024 C CD1 . ILE A 1 108 ? 0.134   4.731   11.527  1.00 19.70 ? 108 ILE A CD1 1 
ATOM   1025 N N   . GLU A 1 109 ? -4.592  4.175   8.622   1.00 14.88 ? 109 GLU A N   1 
ATOM   1026 C CA  . GLU A 1 109 ? -6.043  4.355   8.492   1.00 16.29 ? 109 GLU A CA  1 
ATOM   1027 C C   . GLU A 1 109 ? -6.661  3.179   7.740   1.00 16.21 ? 109 GLU A C   1 
ATOM   1028 O O   . GLU A 1 109 ? -7.731  2.679   8.140   1.00 17.13 ? 109 GLU A O   1 
ATOM   1029 C CB  . GLU A 1 109 ? -6.387  5.638   7.730   1.00 18.24 ? 109 GLU A CB  1 
ATOM   1030 C CG  . GLU A 1 109 ? -6.249  6.967   8.483   1.00 25.29 ? 109 GLU A CG  1 
ATOM   1031 C CD  . GLU A 1 109 ? -6.400  8.183   7.548   1.00 39.53 ? 109 GLU A CD  1 
ATOM   1032 O OE1 . GLU A 1 109 ? -6.900  8.022   6.408   1.00 37.81 ? 109 GLU A OE1 1 
ATOM   1033 O OE2 . GLU A 1 109 ? -6.024  9.307   7.952   1.00 34.95 ? 109 GLU A OE2 1 
ATOM   1034 N N   . ILE A 1 110 ? -6.035  2.733   6.652   1.00 16.07 ? 110 ILE A N   1 
ATOM   1035 C CA  . ILE A 1 110 ? -6.591  1.609   5.906   1.00 15.27 ? 110 ILE A CA  1 
ATOM   1036 C C   . ILE A 1 110 ? -6.541  0.346   6.750   1.00 16.99 ? 110 ILE A C   1 
ATOM   1037 O O   . ILE A 1 110 ? -7.510  -0.417  6.788   1.00 16.65 ? 110 ILE A O   1 
ATOM   1038 C CB  . ILE A 1 110 ? -5.839  1.395   4.570   1.00 14.13 ? 110 ILE A CB  1 
ATOM   1039 C CG1 . ILE A 1 110 ? -5.990  2.641   3.684   1.00 16.58 ? 110 ILE A CG1 1 
ATOM   1040 C CG2 . ILE A 1 110 ? -6.421  0.162   3.834   1.00 15.75 ? 110 ILE A CG2 1 
ATOM   1041 C CD1 . ILE A 1 110 ? -5.197  2.554   2.350   1.00 16.66 ? 110 ILE A CD1 1 
ATOM   1042 N N   . ALA A 1 111 ? -5.433  0.106   7.436   1.00 14.21 ? 111 ALA A N   1 
ATOM   1043 C CA  . ALA A 1 111 ? -5.316  -1.080  8.274   1.00 15.68 ? 111 ALA A CA  1 
ATOM   1044 C C   . ALA A 1 111 ? -6.382  -1.083  9.361   1.00 15.86 ? 111 ALA A C   1 
ATOM   1045 O O   . ALA A 1 111 ? -6.959  -2.134  9.646   1.00 15.77 ? 111 ALA A O   1 
ATOM   1046 C CB  . ALA A 1 111 ? -3.930  -1.152  8.905   1.00 15.26 ? 111 ALA A CB  1 
ATOM   1047 N N   . LYS A 1 112 ? -6.660  0.063   9.963   1.00 16.13 ? 112 LYS A N   1 
ATOM   1048 C CA  . LYS A 1 112 ? -7.682  0.134   11.011  1.00 16.51 ? 112 LYS A CA  1 
ATOM   1049 C C   . LYS A 1 112 ? -9.081  -0.029  10.423  1.00 20.94 ? 112 LYS A C   1 
ATOM   1050 O O   . LYS A 1 112 ? -9.956  -0.657  11.035  1.00 20.68 ? 112 LYS A O   1 
ATOM   1051 C CB  . LYS A 1 112 ? -7.583  1.463   11.749  1.00 18.87 ? 112 LYS A CB  1 
ATOM   1052 C CG  . LYS A 1 112 ? -6.378  1.536   12.650  1.00 20.31 ? 112 LYS A CG  1 
ATOM   1053 C CD  . LYS A 1 112 ? -6.361  2.849   13.431  1.00 26.14 ? 112 LYS A CD  1 
ATOM   1054 C CE  . LYS A 1 112 ? -5.226  2.879   14.433  1.00 36.68 ? 112 LYS A CE  1 
ATOM   1055 N NZ  . LYS A 1 112 ? -5.307  4.104   15.279  1.00 41.63 ? 112 LYS A NZ  1 
ATOM   1056 N N   . ARG A 1 113 ? -9.280  0.509   9.227   1.00 18.11 ? 113 ARG A N   1 
ATOM   1057 C CA  . ARG A 1 113 ? -10.550 0.456   8.509   1.00 19.75 ? 113 ARG A CA  1 
ATOM   1058 C C   . ARG A 1 113 ? -11.060 -0.973  8.391   1.00 16.53 ? 113 ARG A C   1 
ATOM   1059 O O   . ARG A 1 113 ? -12.236 -1.254  8.697   1.00 18.57 ? 113 ARG A O   1 
ATOM   1060 C CB  . ARG A 1 113 ? -10.344 1.058   7.101   1.00 19.89 ? 113 ARG A CB  1 
ATOM   1061 C CG  . ARG A 1 113 ? -11.544 1.089   6.160   1.00 20.75 ? 113 ARG A CG  1 
ATOM   1062 C CD  . ARG A 1 113 ? -11.122 1.723   4.817   1.00 22.27 ? 113 ARG A CD  1 
ATOM   1063 N NE  . ARG A 1 113 ? -12.209 1.724   3.837   1.00 22.86 ? 113 ARG A NE  1 
ATOM   1064 C CZ  . ARG A 1 113 ? -13.167 2.641   3.778   1.00 20.51 ? 113 ARG A CZ  1 
ATOM   1065 N NH1 . ARG A 1 113 ? -14.110 2.548   2.860   1.00 23.95 ? 113 ARG A NH1 1 
ATOM   1066 N NH2 . ARG A 1 113 ? -13.175 3.657   4.633   1.00 24.86 ? 113 ARG A NH2 1 
ATOM   1067 N N   . TYR A 1 114 ? -10.187 -1.874  7.968   1.00 15.54 ? 114 TYR A N   1 
ATOM   1068 C CA  . TYR A 1 114 ? -10.553 -3.261  7.748   1.00 16.49 ? 114 TYR A CA  1 
ATOM   1069 C C   . TYR A 1 114 ? -10.032 -4.212  8.795   1.00 17.59 ? 114 TYR A C   1 
ATOM   1070 O O   . TYR A 1 114 ? -10.227 -5.419  8.663   1.00 21.19 ? 114 TYR A O   1 
ATOM   1071 C CB  . TYR A 1 114 ? -10.035 -3.741  6.396   1.00 18.87 ? 114 TYR A CB  1 
ATOM   1072 C CG  . TYR A 1 114 ? -10.493 -2.905  5.236   1.00 18.64 ? 114 TYR A CG  1 
ATOM   1073 C CD1 . TYR A 1 114 ? -9.640  -1.989  4.630   1.00 21.14 ? 114 TYR A CD1 1 
ATOM   1074 C CD2 . TYR A 1 114 ? -11.783 -3.026  4.755   1.00 17.70 ? 114 TYR A CD2 1 
ATOM   1075 C CE1 . TYR A 1 114 ? -10.074 -1.209  3.571   1.00 23.08 ? 114 TYR A CE1 1 
ATOM   1076 C CE2 . TYR A 1 114 ? -12.232 -2.261  3.692   1.00 18.04 ? 114 TYR A CE2 1 
ATOM   1077 C CZ  . TYR A 1 114 ? -11.370 -1.351  3.108   1.00 21.68 ? 114 TYR A CZ  1 
ATOM   1078 O OH  . TYR A 1 114 ? -11.810 -0.586  2.052   1.00 26.61 ? 114 TYR A OH  1 
ATOM   1079 N N   . GLY A 1 115 ? -9.392  -3.666  9.827   1.00 16.67 ? 115 GLY A N   1 
ATOM   1080 C CA  . GLY A 1 115 ? -8.853  -4.494  10.895  1.00 15.65 ? 115 GLY A CA  1 
ATOM   1081 C C   . GLY A 1 115 ? -9.253  -3.947  12.240  1.00 16.08 ? 115 GLY A C   1 
ATOM   1082 O O   . GLY A 1 115 ? -10.411 -3.601  12.469  1.00 18.27 ? 115 GLY A O   1 
ATOM   1083 N N   . THR A 1 116 ? -8.281  -3.872  13.149  1.00 17.16 ? 116 THR A N   1 
ATOM   1084 C CA  . THR A 1 116 ? -8.494  -3.372  14.509  1.00 16.34 ? 116 THR A CA  1 
ATOM   1085 C C   . THR A 1 116 ? -7.432  -2.341  14.863  1.00 18.81 ? 116 THR A C   1 
ATOM   1086 O O   . THR A 1 116 ? -6.516  -2.067  14.076  1.00 17.13 ? 116 THR A O   1 
ATOM   1087 C CB  . THR A 1 116 ? -8.327  -4.484  15.552  1.00 17.92 ? 116 THR A CB  1 
ATOM   1088 O OG1 . THR A 1 116 ? -6.961  -4.929  15.547  1.00 18.81 ? 116 THR A OG1 1 
ATOM   1089 C CG2 . THR A 1 116 ? -9.261  -5.676  15.241  1.00 17.79 ? 116 THR A CG2 1 
ATOM   1090 N N   A GLU A 1 117 ? -7.544  -1.780  16.060  0.50 17.64 ? 117 GLU A N   1 
ATOM   1091 N N   B GLU A 1 117 ? -7.544  -1.772  16.056  0.50 17.53 ? 117 GLU A N   1 
ATOM   1092 C CA  A GLU A 1 117 ? -6.568  -0.807  16.523  0.50 19.29 ? 117 GLU A CA  1 
ATOM   1093 C CA  B GLU A 1 117 ? -6.558  -0.806  16.514  0.50 18.97 ? 117 GLU A CA  1 
ATOM   1094 C C   A GLU A 1 117 ? -5.205  -1.497  16.549  0.50 20.01 ? 117 GLU A C   1 
ATOM   1095 C C   B GLU A 1 117 ? -5.199  -1.496  16.557  0.50 20.14 ? 117 GLU A C   1 
ATOM   1096 O O   A GLU A 1 117 ? -4.186  -0.882  16.223  0.50 19.86 ? 117 GLU A O   1 
ATOM   1097 O O   B GLU A 1 117 ? -4.175  -0.880  16.253  0.50 20.04 ? 117 GLU A O   1 
ATOM   1098 C CB  A GLU A 1 117 ? -6.929  -0.325  17.926  0.50 22.90 ? 117 GLU A CB  1 
ATOM   1099 C CB  B GLU A 1 117 ? -6.938  -0.287  17.899  0.50 22.55 ? 117 GLU A CB  1 
ATOM   1100 C CG  A GLU A 1 117 ? -6.105  0.857   18.411  0.50 25.64 ? 117 GLU A CG  1 
ATOM   1101 C CG  B GLU A 1 117 ? -8.043  0.749   17.873  0.50 26.84 ? 117 GLU A CG  1 
ATOM   1102 C CD  A GLU A 1 117 ? -6.840  2.176   18.266  0.50 35.68 ? 117 GLU A CD  1 
ATOM   1103 C CD  B GLU A 1 117 ? -7.563  2.090   17.346  0.50 32.56 ? 117 GLU A CD  1 
ATOM   1104 O OE1 A GLU A 1 117 ? -7.114  2.820   19.302  0.50 42.97 ? 117 GLU A OE1 1 
ATOM   1105 O OE1 B GLU A 1 117 ? -8.416  2.945   17.028  0.50 37.95 ? 117 GLU A OE1 1 
ATOM   1106 O OE2 A GLU A 1 117 ? -7.150  2.568   17.120  0.50 33.37 ? 117 GLU A OE2 1 
ATOM   1107 O OE2 B GLU A 1 117 ? -6.330  2.291   17.264  0.50 34.62 ? 117 GLU A OE2 1 
ATOM   1108 N N   . ASN A 1 118 ? -5.181  -2.772  16.929  1.00 17.95 ? 118 ASN A N   1 
ATOM   1109 C CA  . ASN A 1 118 ? -3.935  -3.526  16.981  1.00 20.55 ? 118 ASN A CA  1 
ATOM   1110 C C   . ASN A 1 118 ? -3.318  -3.649  15.589  1.00 20.29 ? 118 ASN A C   1 
ATOM   1111 O O   . ASN A 1 118 ? -2.088  -3.623  15.461  1.00 19.29 ? 118 ASN A O   1 
ATOM   1112 C CB  . ASN A 1 118 ? -4.153  -4.913  17.588  1.00 21.05 ? 118 ASN A CB  1 
ATOM   1113 C CG  . ASN A 1 118 ? -4.412  -4.863  19.083  1.00 34.14 ? 118 ASN A CG  1 
ATOM   1114 O OD1 . ASN A 1 118 ? -4.721  -5.881  19.703  1.00 37.29 ? 118 ASN A OD1 1 
ATOM   1115 N ND2 . ASN A 1 118 ? -4.277  -3.682  19.669  1.00 33.44 ? 118 ASN A ND2 1 
ATOM   1116 N N   . SER A 1 119 ? -4.149  -3.797  14.550  1.00 17.03 ? 119 SER A N   1 
ATOM   1117 C CA  . SER A 1 119 ? -3.649  -3.866  13.158  1.00 19.93 ? 119 SER A CA  1 
ATOM   1118 C C   . SER A 1 119 ? -2.927  -2.572  12.834  1.00 17.24 ? 119 SER A C   1 
ATOM   1119 O O   . SER A 1 119 ? -1.826  -2.567  12.261  1.00 18.69 ? 119 SER A O   1 
ATOM   1120 C CB  . SER A 1 119 ? -4.792  -3.951  12.135  1.00 17.97 ? 119 SER A CB  1 
ATOM   1121 O OG  . SER A 1 119 ? -5.699  -4.984  12.448  1.00 19.04 ? 119 SER A OG  1 
ATOM   1122 N N   . GLY A 1 120 ? -3.577  -1.468  13.161  1.00 16.55 ? 120 GLY A N   1 
ATOM   1123 C CA  . GLY A 1 120 ? -3.000  -0.163  12.913  1.00 20.00 ? 120 GLY A CA  1 
ATOM   1124 C C   . GLY A 1 120 ? -1.665  -0.026  13.600  1.00 19.13 ? 120 GLY A C   1 
ATOM   1125 O O   . GLY A 1 120 ? -0.699  0.423   12.984  1.00 19.00 ? 120 GLY A O   1 
ATOM   1126 N N   A LYS A 1 121 ? -1.587  -0.407  14.870  0.50 17.32 ? 121 LYS A N   1 
ATOM   1127 N N   B LYS A 1 121 ? -1.596  -0.409  14.871  0.50 17.36 ? 121 LYS A N   1 
ATOM   1128 C CA  A LYS A 1 121 ? -0.328  -0.289  15.586  0.50 19.11 ? 121 LYS A CA  1 
ATOM   1129 C CA  B LYS A 1 121 ? -0.350  -0.309  15.618  0.50 19.49 ? 121 LYS A CA  1 
ATOM   1130 C C   A LYS A 1 121 ? 0.745   -1.178  14.970  0.50 17.93 ? 121 LYS A C   1 
ATOM   1131 C C   B LYS A 1 121 ? 0.734   -1.177  14.984  0.50 17.65 ? 121 LYS A C   1 
ATOM   1132 O O   A LYS A 1 121 ? 1.899   -0.770  14.837  0.50 18.62 ? 121 LYS A O   1 
ATOM   1133 O O   B LYS A 1 121 ? 1.883   -0.752  14.848  0.50 19.28 ? 121 LYS A O   1 
ATOM   1134 C CB  A LYS A 1 121 ? -0.530  -0.625  17.067  0.50 19.73 ? 121 LYS A CB  1 
ATOM   1135 C CB  B LYS A 1 121 ? -0.580  -0.724  17.079  0.50 20.98 ? 121 LYS A CB  1 
ATOM   1136 C CG  A LYS A 1 121 ? -1.409  0.369   17.795  0.50 23.00 ? 121 LYS A CG  1 
ATOM   1137 C CG  B LYS A 1 121 ? 0.682   -0.798  17.938  0.50 21.13 ? 121 LYS A CG  1 
ATOM   1138 C CD  A LYS A 1 121 ? -1.573  -0.015  19.256  0.50 32.28 ? 121 LYS A CD  1 
ATOM   1139 C CD  B LYS A 1 121 ? 0.885   0.454   18.783  0.50 33.78 ? 121 LYS A CD  1 
ATOM   1140 C CE  A LYS A 1 121 ? -2.475  0.965   19.984  0.50 33.94 ? 121 LYS A CE  1 
ATOM   1141 C CE  B LYS A 1 121 ? 1.232   1.663   17.933  0.50 33.93 ? 121 LYS A CE  1 
ATOM   1142 N NZ  A LYS A 1 121 ? -2.619  0.611   21.424  0.50 39.18 ? 121 LYS A NZ  1 
ATOM   1143 N NZ  B LYS A 1 121 ? 1.463   2.882   18.756  0.50 37.25 ? 121 LYS A NZ  1 
ATOM   1144 N N   . PHE A 1 122 ? 0.376   -2.395  14.588  1.00 16.13 ? 122 PHE A N   1 
ATOM   1145 C CA  . PHE A 1 122 ? 1.329   -3.293  13.977  1.00 16.63 ? 122 PHE A CA  1 
ATOM   1146 C C   . PHE A 1 122 ? 1.913   -2.696  12.692  1.00 16.90 ? 122 PHE A C   1 
ATOM   1147 O O   . PHE A 1 122 ? 3.139   -2.673  12.497  1.00 17.46 ? 122 PHE A O   1 
ATOM   1148 C CB  . PHE A 1 122 ? 0.658   -4.614  13.658  1.00 17.72 ? 122 PHE A CB  1 
ATOM   1149 C CG  . PHE A 1 122 ? 1.502   -5.518  12.828  1.00 19.46 ? 122 PHE A CG  1 
ATOM   1150 C CD1 . PHE A 1 122 ? 2.542   -6.233  13.402  1.00 24.17 ? 122 PHE A CD1 1 
ATOM   1151 C CD2 . PHE A 1 122 ? 1.277   -5.631  11.462  1.00 21.87 ? 122 PHE A CD2 1 
ATOM   1152 C CE1 . PHE A 1 122 ? 3.348   -7.063  12.622  1.00 28.66 ? 122 PHE A CE1 1 
ATOM   1153 C CE2 . PHE A 1 122 ? 2.069   -6.452  10.674  1.00 21.98 ? 122 PHE A CE2 1 
ATOM   1154 C CZ  . PHE A 1 122 ? 3.112   -7.171  11.267  1.00 22.04 ? 122 PHE A CZ  1 
ATOM   1155 N N   A VAL A 1 123 ? 1.022   -2.229  11.827  0.50 15.16 ? 123 VAL A N   1 
ATOM   1156 N N   B VAL A 1 123 ? 1.059   -2.225  11.785  0.50 15.89 ? 123 VAL A N   1 
ATOM   1157 C CA  A VAL A 1 123 ? 1.409   -1.614  10.567  0.50 16.26 ? 123 VAL A CA  1 
ATOM   1158 C CA  B VAL A 1 123 ? 1.588   -1.651  10.544  0.50 17.75 ? 123 VAL A CA  1 
ATOM   1159 C C   A VAL A 1 123 ? 2.300   -0.398  10.826  0.50 17.32 ? 123 VAL A C   1 
ATOM   1160 C C   B VAL A 1 123 ? 2.341   -0.349  10.807  0.50 18.52 ? 123 VAL A C   1 
ATOM   1161 O O   A VAL A 1 123 ? 3.327   -0.221  10.169  0.50 17.51 ? 123 VAL A O   1 
ATOM   1162 O O   B VAL A 1 123 ? 3.299   -0.033  10.103  0.50 16.79 ? 123 VAL A O   1 
ATOM   1163 C CB  A VAL A 1 123 ? 0.156   -1.168  9.769   0.50 15.65 ? 123 VAL A CB  1 
ATOM   1164 C CB  B VAL A 1 123 ? 0.488   -1.418  9.475   0.50 16.70 ? 123 VAL A CB  1 
ATOM   1165 C CG1 A VAL A 1 123 ? 0.552   -0.263  8.615   0.50 16.73 ? 123 VAL A CG1 1 
ATOM   1166 C CG1 B VAL A 1 123 ? -0.178  -2.733  9.157   0.50 15.84 ? 123 VAL A CG1 1 
ATOM   1167 C CG2 A VAL A 1 123 ? -0.588  -2.388  9.249   0.50 23.42 ? 123 VAL A CG2 1 
ATOM   1168 C CG2 B VAL A 1 123 ? -0.517  -0.376  9.941   0.50 23.10 ? 123 VAL A CG2 1 
ATOM   1169 N N   . ASN A 1 124 ? 1.915   0.417   11.808  1.00 16.60 ? 124 ASN A N   1 
ATOM   1170 C CA  . ASN A 1 124 ? 2.633   1.649   12.148  1.00 17.94 ? 124 ASN A CA  1 
ATOM   1171 C C   . ASN A 1 124 ? 4.080   1.289   12.501  1.00 16.30 ? 124 ASN A C   1 
ATOM   1172 O O   . ASN A 1 124 ? 5.031   1.938   12.037  1.00 17.31 ? 124 ASN A O   1 
ATOM   1173 C CB  . ASN A 1 124 ? 1.945   2.312   13.349  1.00 18.26 ? 124 ASN A CB  1 
ATOM   1174 C CG  . ASN A 1 124 ? 2.436   3.737   13.632  1.00 31.44 ? 124 ASN A CG  1 
ATOM   1175 O OD1 . ASN A 1 124 ? 1.921   4.401   14.534  1.00 28.57 ? 124 ASN A OD1 1 
ATOM   1176 N ND2 . ASN A 1 124 ? 3.416   4.210   12.874  1.00 27.68 ? 124 ASN A ND2 1 
ATOM   1177 N N   . GLY A 1 125 ? 4.252   0.248   13.301  1.00 15.79 ? 125 GLY A N   1 
ATOM   1178 C CA  . GLY A 1 125 ? 5.589   -0.146  13.724  1.00 17.40 ? 125 GLY A CA  1 
ATOM   1179 C C   . GLY A 1 125 ? 6.474   -0.587  12.576  1.00 17.97 ? 125 GLY A C   1 
ATOM   1180 O O   . GLY A 1 125 ? 7.655   -0.178  12.475  1.00 18.85 ? 125 GLY A O   1 
ATOM   1181 N N   A ILE A 1 126 ? 5.937   -1.426  11.697  0.50 16.88 ? 126 ILE A N   1 
ATOM   1182 N N   B ILE A 1 126 ? 5.930   -1.429  11.701  0.50 16.85 ? 126 ILE A N   1 
ATOM   1183 C CA  A ILE A 1 126 ? 6.715   -1.895  10.563  0.50 16.80 ? 126 ILE A CA  1 
ATOM   1184 C CA  B ILE A 1 126 ? 6.692   -1.913  10.561  0.50 16.74 ? 126 ILE A CA  1 
ATOM   1185 C C   A ILE A 1 126 ? 7.069   -0.745  9.623   0.50 15.83 ? 126 ILE A C   1 
ATOM   1186 C C   B ILE A 1 126 ? 7.059   -0.763  9.618   0.50 15.86 ? 126 ILE A C   1 
ATOM   1187 O O   A ILE A 1 126 ? 8.222   -0.601  9.203   0.50 17.59 ? 126 ILE A O   1 
ATOM   1188 O O   B ILE A 1 126 ? 8.215   -0.635  9.196   0.50 18.37 ? 126 ILE A O   1 
ATOM   1189 C CB  A ILE A 1 126 ? 5.952   -2.959  9.760   0.50 15.42 ? 126 ILE A CB  1 
ATOM   1190 C CB  B ILE A 1 126 ? 5.899   -2.976  9.761   0.50 16.01 ? 126 ILE A CB  1 
ATOM   1191 C CG1 A ILE A 1 126 ? 5.678   -4.168  10.650  0.50 20.16 ? 126 ILE A CG1 1 
ATOM   1192 C CG1 B ILE A 1 126 ? 5.532   -4.154  10.674  0.50 19.79 ? 126 ILE A CG1 1 
ATOM   1193 C CG2 A ILE A 1 126 ? 6.742   -3.368  8.529   0.50 16.92 ? 126 ILE A CG2 1 
ATOM   1194 C CG2 B ILE A 1 126 ? 6.709   -3.450  8.566   0.50 16.62 ? 126 ILE A CG2 1 
ATOM   1195 C CD1 A ILE A 1 126 ? 4.973   -5.252  9.928   0.50 30.96 ? 126 ILE A CD1 1 
ATOM   1196 C CD1 B ILE A 1 126 ? 6.726   -4.879  11.262  0.50 17.37 ? 126 ILE A CD1 1 
ATOM   1197 N N   . LEU A 1 127 ? 6.086   0.074   9.286   1.00 14.78 ? 127 LEU A N   1 
ATOM   1198 C CA  . LEU A 1 127 ? 6.351   1.186   8.383   1.00 16.46 ? 127 LEU A CA  1 
ATOM   1199 C C   . LEU A 1 127 ? 7.312   2.232   8.950   1.00 17.70 ? 127 LEU A C   1 
ATOM   1200 O O   . LEU A 1 127 ? 8.115   2.788   8.189   1.00 17.48 ? 127 LEU A O   1 
ATOM   1201 C CB  . LEU A 1 127 ? 5.055   1.842   7.932   1.00 15.31 ? 127 LEU A CB  1 
ATOM   1202 C CG  . LEU A 1 127 ? 4.157   0.947   7.053   1.00 15.35 ? 127 LEU A CG  1 
ATOM   1203 C CD1 . LEU A 1 127 ? 2.880   1.687   6.752   1.00 15.21 ? 127 LEU A CD1 1 
ATOM   1204 C CD2 . LEU A 1 127 ? 4.858   0.560   5.749   1.00 16.35 ? 127 LEU A CD2 1 
ATOM   1205 N N   . ASP A 1 128 ? 7.254   2.512   10.252  1.00 16.31 ? 128 ASP A N   1 
ATOM   1206 C CA  . ASP A 1 128 ? 8.189   3.482   10.835  1.00 18.00 ? 128 ASP A CA  1 
ATOM   1207 C C   . ASP A 1 128 ? 9.602   2.960   10.632  1.00 19.93 ? 128 ASP A C   1 
ATOM   1208 O O   . ASP A 1 128 ? 10.519  3.727   10.302  1.00 20.76 ? 128 ASP A O   1 
ATOM   1209 C CB  . ASP A 1 128 ? 7.954   3.665   12.342  1.00 19.76 ? 128 ASP A CB  1 
ATOM   1210 C CG  . ASP A 1 128 ? 6.824   4.618   12.658  1.00 23.24 ? 128 ASP A CG  1 
ATOM   1211 O OD1 . ASP A 1 128 ? 6.484   4.713   13.859  1.00 28.19 ? 128 ASP A OD1 1 
ATOM   1212 O OD2 . ASP A 1 128 ? 6.269   5.273   11.751  1.00 25.85 ? 128 ASP A OD2 1 
ATOM   1213 N N   . ARG A 1 129 ? 9.797   1.659   10.827  1.00 17.93 ? 129 ARG A N   1 
ATOM   1214 C CA  . ARG A 1 129 ? 11.108  1.046   10.668  1.00 19.13 ? 129 ARG A CA  1 
ATOM   1215 C C   . ARG A 1 129 ? 11.561  1.060   9.208   1.00 20.64 ? 129 ARG A C   1 
ATOM   1216 O O   . ARG A 1 129 ? 12.717  1.375   8.903   1.00 21.86 ? 129 ARG A O   1 
ATOM   1217 C CB  . ARG A 1 129 ? 11.091  -0.380  11.247  1.00 20.45 ? 129 ARG A CB  1 
ATOM   1218 C CG  . ARG A 1 129 ? 11.009  -0.409  12.783  1.00 19.72 ? 129 ARG A CG  1 
ATOM   1219 C CD  . ARG A 1 129 ? 10.526  -1.762  13.333  1.00 22.71 ? 129 ARG A CD  1 
ATOM   1220 N NE  . ARG A 1 129 ? 11.455  -2.848  13.041  1.00 26.16 ? 129 ARG A NE  1 
ATOM   1221 C CZ  . ARG A 1 129 ? 11.119  -4.130  12.897  1.00 27.57 ? 129 ARG A CZ  1 
ATOM   1222 N NH1 . ARG A 1 129 ? 12.054  -5.029  12.633  1.00 27.43 ? 129 ARG A NH1 1 
ATOM   1223 N NH2 . ARG A 1 129 ? 9.849   -4.518  12.985  1.00 29.77 ? 129 ARG A NH2 1 
ATOM   1224 N N   . ILE A 1 130 ? 10.670  0.734   8.280   1.00 19.36 ? 130 ILE A N   1 
ATOM   1225 C CA  . ILE A 1 130 ? 11.043  0.757   6.872   1.00 19.28 ? 130 ILE A CA  1 
ATOM   1226 C C   . ILE A 1 130 ? 11.387  2.185   6.438   1.00 17.39 ? 130 ILE A C   1 
ATOM   1227 O O   . ILE A 1 130 ? 12.379  2.401   5.730   1.00 18.73 ? 130 ILE A O   1 
ATOM   1228 C CB  . ILE A 1 130 ? 9.899   0.227   5.968   1.00 16.64 ? 130 ILE A CB  1 
ATOM   1229 C CG1 . ILE A 1 130 ? 9.709   -1.273  6.207   1.00 16.47 ? 130 ILE A CG1 1 
ATOM   1230 C CG2 . ILE A 1 130 ? 10.197  0.516   4.495   1.00 18.70 ? 130 ILE A CG2 1 
ATOM   1231 C CD1 . ILE A 1 130 ? 8.437   -1.836  5.563   1.00 17.45 ? 130 ILE A CD1 1 
ATOM   1232 N N   . ALA A 1 131 ? 10.582  3.147   6.867   1.00 18.55 ? 131 ALA A N   1 
ATOM   1233 C CA  . ALA A 1 131 ? 10.797  4.542   6.482   1.00 19.04 ? 131 ALA A CA  1 
ATOM   1234 C C   . ALA A 1 131 ? 12.098  5.118   7.022   1.00 21.48 ? 131 ALA A C   1 
ATOM   1235 O O   . ALA A 1 131 ? 12.817  5.830   6.303   1.00 20.67 ? 131 ALA A O   1 
ATOM   1236 C CB  . ALA A 1 131 ? 9.623   5.401   6.946   1.00 17.62 ? 131 ALA A CB  1 
ATOM   1237 N N   . LYS A 1 132 ? 12.434  4.795   8.262   1.00 18.32 ? 132 LYS A N   1 
ATOM   1238 C CA  . LYS A 1 132 ? 13.643  5.384   8.824   1.00 19.56 ? 132 LYS A CA  1 
ATOM   1239 C C   . LYS A 1 132 ? 14.903  4.833   8.184   1.00 20.40 ? 132 LYS A C   1 
ATOM   1240 O O   . LYS A 1 132 ? 15.977  5.453   8.279   1.00 20.21 ? 132 LYS A O   1 
ATOM   1241 C CB  . LYS A 1 132 ? 13.676  5.216   10.341  1.00 23.02 ? 132 LYS A CB  1 
ATOM   1242 C CG  . LYS A 1 132 ? 13.932  3.826   10.836  1.00 23.83 ? 132 LYS A CG  1 
ATOM   1243 C CD  . LYS A 1 132 ? 13.942  3.826   12.361  1.00 28.99 ? 132 LYS A CD  1 
ATOM   1244 C CE  . LYS A 1 132 ? 12.722  4.543   12.926  1.00 40.15 ? 132 LYS A CE  1 
ATOM   1245 N NZ  . LYS A 1 132 ? 12.782  4.658   14.409  0.00 36.54 ? 132 LYS A NZ  1 
ATOM   1246 N N   . GLU A 1 133 ? 14.795  3.697   7.497   1.00 18.31 ? 133 GLU A N   1 
ATOM   1247 C CA  . GLU A 1 133 ? 15.964  3.112   6.854   1.00 20.08 ? 133 GLU A CA  1 
ATOM   1248 C C   . GLU A 1 133 ? 15.910  3.184   5.333   1.00 16.91 ? 133 GLU A C   1 
ATOM   1249 O O   . GLU A 1 133 ? 16.937  2.987   4.676   1.00 20.68 ? 133 GLU A O   1 
ATOM   1250 C CB  . GLU A 1 133 ? 16.138  1.650   7.289   1.00 22.13 ? 133 GLU A CB  1 
ATOM   1251 C CG  . GLU A 1 133 ? 16.331  1.514   8.786   1.00 22.16 ? 133 GLU A CG  1 
ATOM   1252 C CD  . GLU A 1 133 ? 16.603  0.094   9.228   1.00 24.47 ? 133 GLU A CD  1 
ATOM   1253 O OE1 . GLU A 1 133 ? 16.378  -0.841  8.436   1.00 27.40 ? 133 GLU A OE1 1 
ATOM   1254 O OE2 . GLU A 1 133 ? 17.035  -0.085  10.387  1.00 32.30 ? 133 GLU A OE2 1 
ATOM   1255 N N   . HIS A 1 134 ? 14.745  3.516   4.779   1.00 19.25 ? 134 HIS A N   1 
ATOM   1256 C CA  . HIS A 1 134 ? 14.572  3.534   3.330   1.00 16.40 ? 134 HIS A CA  1 
ATOM   1257 C C   . HIS A 1 134 ? 13.890  4.697   2.681   1.00 19.22 ? 134 HIS A C   1 
ATOM   1258 O O   . HIS A 1 134 ? 13.753  4.723   1.456   1.00 21.98 ? 134 HIS A O   1 
ATOM   1259 C CB  . HIS A 1 134 ? 13.872  2.246   2.906   1.00 20.84 ? 134 HIS A CB  1 
ATOM   1260 C CG  . HIS A 1 134 ? 14.703  1.037   3.156   1.00 21.24 ? 134 HIS A CG  1 
ATOM   1261 N ND1 . HIS A 1 134 ? 14.607  0.285   4.308   1.00 25.06 ? 134 HIS A ND1 1 
ATOM   1262 C CD2 . HIS A 1 134 ? 15.720  0.500   2.440   1.00 25.58 ? 134 HIS A CD2 1 
ATOM   1263 C CE1 . HIS A 1 134 ? 15.531  -0.661  4.290   1.00 21.30 ? 134 HIS A CE1 1 
ATOM   1264 N NE2 . HIS A 1 134 ? 16.219  -0.550  3.170   1.00 32.10 ? 134 HIS A NE2 1 
ATOM   1265 N N   . ALA A 1 135 ? 13.446  5.666   3.464   1.00 19.09 ? 135 ALA A N   1 
ATOM   1266 C CA  . ALA A 1 135 ? 12.825  6.825   2.864   1.00 20.06 ? 135 ALA A CA  1 
ATOM   1267 C C   . ALA A 1 135 ? 13.856  7.491   1.956   1.00 20.94 ? 135 ALA A C   1 
ATOM   1268 O O   . ALA A 1 135 ? 15.014  7.716   2.355   1.00 20.29 ? 135 ALA A O   1 
ATOM   1269 C CB  . ALA A 1 135 ? 12.376  7.791   3.940   1.00 22.20 ? 135 ALA A CB  1 
ATOM   1270 N N   . PRO A 1 136 ? 13.464  7.805   0.721   1.00 20.43 ? 136 PRO A N   1 
ATOM   1271 C CA  . PRO A 1 136 ? 14.424  8.452   -0.181  1.00 20.52 ? 136 PRO A CA  1 
ATOM   1272 C C   . PRO A 1 136 ? 14.760  9.849   0.330   1.00 22.10 ? 136 PRO A C   1 
ATOM   1273 O O   . PRO A 1 136 ? 13.927  10.532  0.955   1.00 19.19 ? 136 PRO A O   1 
ATOM   1274 C CB  . PRO A 1 136 ? 13.693  8.455   -1.530  1.00 21.96 ? 136 PRO A CB  1 
ATOM   1275 C CG  . PRO A 1 136 ? 12.230  8.435   -1.131  1.00 23.64 ? 136 PRO A CG  1 
ATOM   1276 C CD  . PRO A 1 136 ? 12.193  7.508   0.038   1.00 18.87 ? 136 PRO A CD  1 
ATOM   1277 N N   . LYS A 1 137 ? 15.993  10.275  0.059   1.00 20.87 ? 137 LYS A N   1 
ATOM   1278 C CA  . LYS A 1 137 ? 16.448  11.577  0.527   1.00 20.03 ? 137 LYS A CA  1 
ATOM   1279 C C   . LYS A 1 137 ? 15.578  12.773  0.135   1.00 20.41 ? 137 LYS A C   1 
ATOM   1280 O O   . LYS A 1 137 ? 15.550  13.777  0.833   1.00 21.37 ? 137 LYS A O   1 
ATOM   1281 C CB  . LYS A 1 137 ? 17.904  11.805  0.098   1.00 26.44 ? 137 LYS A CB  1 
ATOM   1282 C CG  . LYS A 1 137 ? 18.135  11.760  -1.391  1.00 24.23 ? 137 LYS A CG  1 
ATOM   1283 C CD  . LYS A 1 137 ? 19.627  11.801  -1.702  1.00 24.99 ? 137 LYS A CD  1 
ATOM   1284 C CE  . LYS A 1 137 ? 19.848  11.791  -3.195  1.00 25.19 ? 137 LYS A CE  1 
ATOM   1285 N NZ  . LYS A 1 137 ? 21.302  11.716  -3.533  1.00 26.05 ? 137 LYS A NZ  1 
ATOM   1286 N N   . GLU A 1 138 ? 14.837  12.672  -0.962  1.00 21.85 ? 138 GLU A N   1 
ATOM   1287 C CA  . GLU A 1 138 ? 13.966  13.771  -1.348  1.00 26.23 ? 138 GLU A CA  1 
ATOM   1288 C C   . GLU A 1 138 ? 12.882  13.998  -0.280  1.00 27.61 ? 138 GLU A C   1 
ATOM   1289 O O   . GLU A 1 138 ? 12.232  15.037  -0.265  1.00 27.29 ? 138 GLU A O   1 
ATOM   1290 C CB  . GLU A 1 138 ? 13.302  13.487  -2.701  1.00 32.79 ? 138 GLU A CB  1 
ATOM   1291 C CG  . GLU A 1 138 ? 14.269  13.043  -3.788  1.00 36.27 ? 138 GLU A CG  1 
ATOM   1292 C CD  . GLU A 1 138 ? 14.658  11.581  -3.663  1.00 42.69 ? 138 GLU A CD  1 
ATOM   1293 O OE1 . GLU A 1 138 ? 13.794  10.716  -3.897  1.00 55.55 ? 138 GLU A OE1 1 
ATOM   1294 O OE2 . GLU A 1 138 ? 15.825  11.292  -3.326  1.00 50.62 ? 138 GLU A OE2 1 
ATOM   1295 N N   . LYS A 1 139 ? 12.686  13.025  0.610   1.00 22.96 ? 139 LYS A N   1 
ATOM   1296 C CA  . LYS A 1 139 ? 11.676  13.159  1.664   1.00 22.81 ? 139 LYS A CA  1 
ATOM   1297 C C   . LYS A 1 139 ? 12.235  13.529  3.036   1.00 29.74 ? 139 LYS A C   1 
ATOM   1298 O O   . LYS A 1 139 ? 11.500  13.546  4.028   1.00 28.59 ? 139 LYS A O   1 
ATOM   1299 C CB  . LYS A 1 139 ? 10.854  11.858  1.774   1.00 24.87 ? 139 LYS A CB  1 
ATOM   1300 C CG  . LYS A 1 139 ? 10.044  11.595  0.531   1.00 21.06 ? 139 LYS A CG  1 
ATOM   1301 C CD  . LYS A 1 139 ? 9.211   10.299  0.610   1.00 22.05 ? 139 LYS A CD  1 
ATOM   1302 C CE  . LYS A 1 139 ? 8.545   10.064  -0.720  1.00 19.32 ? 139 LYS A CE  1 
ATOM   1303 N NZ  . LYS A 1 139 ? 7.701   8.809   -0.724  1.00 19.74 ? 139 LYS A NZ  1 
ATOM   1304 N N   . PHE A 1 140 ? 13.530  13.835  3.102   1.00 24.41 ? 140 PHE A N   1 
ATOM   1305 C CA  . PHE A 1 140 ? 14.150  14.192  4.379   1.00 24.91 ? 140 PHE A CA  1 
ATOM   1306 C C   . PHE A 1 140 ? 13.587  15.505  4.928   1.00 34.51 ? 140 PHE A C   1 
ATOM   1307 O O   . PHE A 1 140 ? 13.562  15.711  6.142   1.00 38.23 ? 140 PHE A O   1 
ATOM   1308 C CB  . PHE A 1 140 ? 15.678  14.322  4.232   1.00 23.21 ? 140 PHE A CB  1 
ATOM   1309 C CG  . PHE A 1 140 ? 16.403  13.014  4.032   1.00 25.21 ? 140 PHE A CG  1 
ATOM   1310 C CD1 . PHE A 1 140 ? 17.758  13.021  3.714   1.00 26.09 ? 140 PHE A CD1 1 
ATOM   1311 C CD2 . PHE A 1 140 ? 15.750  11.783  4.160   1.00 24.33 ? 140 PHE A CD2 1 
ATOM   1312 C CE1 . PHE A 1 140 ? 18.459  11.830  3.525   1.00 24.85 ? 140 PHE A CE1 1 
ATOM   1313 C CE2 . PHE A 1 140 ? 16.448  10.583  3.969   1.00 24.11 ? 140 PHE A CE2 1 
ATOM   1314 C CZ  . PHE A 1 140 ? 17.797  10.605  3.652   1.00 25.69 ? 140 PHE A CZ  1 
ATOM   1315 N N   . GLU A 1 141 ? 13.144  16.392  4.039   1.00 32.51 ? 141 GLU A N   1 
ATOM   1316 C CA  . GLU A 1 141 ? 12.593  17.677  4.471   1.00 43.64 ? 141 GLU A CA  1 
ATOM   1317 C C   . GLU A 1 141 ? 11.157  17.863  3.997   1.00 48.21 ? 141 GLU A C   1 
ATOM   1318 O O   . GLU A 1 141 ? 10.843  18.966  3.493   1.00 51.11 ? 141 GLU A O   1 
ATOM   1319 C CB  . GLU A 1 141 ? 13.456  18.831  3.947   1.00 40.68 ? 141 GLU A CB  1 
ATOM   1320 C CG  . GLU A 1 141 ? 14.946  18.618  4.131   1.00 38.85 ? 141 GLU A CG  1 
ATOM   1321 C CD  . GLU A 1 141 ? 15.326  18.338  5.571   1.00 50.66 ? 141 GLU A CD  1 
ATOM   1322 O OE1 . GLU A 1 141 ? 16.472  17.899  5.803   1.00 48.76 ? 141 GLU A OE1 1 
ATOM   1323 O OE2 . GLU A 1 141 ? 14.481  18.559  6.470   1.00 53.32 ? 141 GLU A OE2 1 
HETATM 1324 O O   . HOH B 2 .   ? -12.494 -3.207  10.836  1.00 16.89 ? 143 HOH A O   1 
HETATM 1325 O O   . HOH B 2 .   ? -2.649  -8.399  -3.779  1.00 16.98 ? 144 HOH A O   1 
HETATM 1326 O O   . HOH B 2 .   ? -2.492  -9.558  9.934   1.00 19.27 ? 145 HOH A O   1 
HETATM 1327 O O   . HOH B 2 .   ? -6.188  6.221   4.157   1.00 18.38 ? 146 HOH A O   1 
HETATM 1328 O O   . HOH B 2 .   ? 6.160   8.832   1.437   1.00 21.21 ? 147 HOH A O   1 
HETATM 1329 O O   . HOH B 2 .   ? -5.944  -4.720  9.160   1.00 21.32 ? 148 HOH A O   1 
HETATM 1330 O O   . HOH B 2 .   ? 0.093   4.802   2.232   1.00 21.41 ? 149 HOH A O   1 
HETATM 1331 O O   . HOH B 2 .   ? 4.964   -3.602  14.432  1.00 22.57 ? 150 HOH A O   1 
HETATM 1332 O O   . HOH B 2 .   ? -0.669  -12.032 -2.780  1.00 23.97 ? 151 HOH A O   1 
HETATM 1333 O O   . HOH B 2 .   ? -3.092  -15.259 6.459   1.00 21.95 ? 152 HOH A O   1 
HETATM 1334 O O   . HOH B 2 .   ? -3.523  7.336   10.981  1.00 22.66 ? 153 HOH A O   1 
HETATM 1335 O O   . HOH B 2 .   ? -14.112 0.123   10.155  1.00 22.54 ? 154 HOH A O   1 
HETATM 1336 O O   . HOH B 2 .   ? -5.973  6.043   1.409   0.99 18.61 ? 155 HOH A O   1 
HETATM 1337 O O   . HOH B 2 .   ? 12.677  -7.995  12.508  1.00 20.40 ? 156 HOH A O   1 
HETATM 1338 O O   . HOH B 2 .   ? -3.955  -14.167 4.059   1.00 20.06 ? 157 HOH A O   1 
HETATM 1339 O O   . HOH B 2 .   ? -9.575  4.114   9.367   1.00 26.57 ? 158 HOH A O   1 
HETATM 1340 O O   . HOH B 2 .   ? 7.884   -12.821 5.293   1.00 24.55 ? 159 HOH A O   1 
HETATM 1341 O O   . HOH B 2 .   ? -5.362  -0.807  -14.637 1.00 24.35 ? 160 HOH A O   1 
HETATM 1342 O O   . HOH B 2 .   ? -6.238  -7.409  14.751  0.91 22.70 ? 161 HOH A O   1 
HETATM 1343 O O   . HOH B 2 .   ? -0.889  5.925   -15.162 1.00 25.06 ? 162 HOH A O   1 
HETATM 1344 O O   . HOH B 2 .   ? -11.749 3.931   -3.552  0.99 23.05 ? 163 HOH A O   1 
HETATM 1345 O O   . HOH B 2 .   ? -1.426  -9.481  -11.741 1.00 29.33 ? 164 HOH A O   1 
HETATM 1346 O O   . HOH B 2 .   ? 10.897  -6.863  -7.912  1.00 25.35 ? 165 HOH A O   1 
HETATM 1347 O O   . HOH B 2 .   ? -2.117  -12.583 -11.464 1.00 31.28 ? 166 HOH A O   1 
HETATM 1348 O O   . HOH B 2 .   ? 4.071   2.439   -12.652 1.00 25.27 ? 167 HOH A O   1 
HETATM 1349 O O   . HOH B 2 .   ? 5.715   0.416   -13.303 1.00 33.24 ? 168 HOH A O   1 
HETATM 1350 O O   . HOH B 2 .   ? 20.485  15.009  -2.692  1.00 26.78 ? 169 HOH A O   1 
HETATM 1351 O O   . HOH B 2 .   ? -7.445  13.125  -8.254  1.00 26.28 ? 170 HOH A O   1 
HETATM 1352 O O   . HOH B 2 .   ? -11.677 14.049  -14.962 1.00 32.29 ? 171 HOH A O   1 
HETATM 1353 O O   . HOH B 2 .   ? -5.332  11.185  -7.541  0.91 26.91 ? 172 HOH A O   1 
HETATM 1354 O O   . HOH B 2 .   ? 0.275   9.903   -5.078  1.00 30.91 ? 173 HOH A O   1 
HETATM 1355 O O   . HOH B 2 .   ? -10.557 -0.644  13.748  1.00 26.38 ? 174 HOH A O   1 
HETATM 1356 O O   . HOH B 2 .   ? -15.710 -0.167  -13.788 1.00 30.66 ? 175 HOH A O   1 
HETATM 1357 O O   . HOH B 2 .   ? -1.739  -6.836  12.580  0.74 22.24 ? 176 HOH A O   1 
HETATM 1358 O O   . HOH B 2 .   ? -0.479  12.781  7.915   0.92 29.01 ? 177 HOH A O   1 
HETATM 1359 O O   . HOH B 2 .   ? -2.597  12.423  6.330   0.96 26.44 ? 178 HOH A O   1 
HETATM 1360 O O   . HOH B 2 .   ? -7.180  -16.311 -1.056  0.92 29.03 ? 179 HOH A O   1 
HETATM 1361 O O   . HOH B 2 .   ? 14.037  -5.816  -1.485  0.95 26.38 ? 180 HOH A O   1 
HETATM 1362 O O   . HOH B 2 .   ? 13.323  -10.768 2.835   0.94 28.20 ? 181 HOH A O   1 
HETATM 1363 O O   . HOH B 2 .   ? -11.813 16.355  -11.159 0.79 26.93 ? 182 HOH A O   1 
HETATM 1364 O O   . HOH B 2 .   ? 5.297   9.674   -8.764  0.86 37.19 ? 183 HOH A O   1 
HETATM 1365 O O   . HOH B 2 .   ? -12.646 -10.239 -2.866  0.62 31.61 ? 184 HOH A O   1 
HETATM 1366 O O   . HOH B 2 .   ? 9.343   -11.977 -3.102  0.89 28.28 ? 185 HOH A O   1 
HETATM 1367 O O   . HOH B 2 .   ? 15.028  4.528   -0.690  1.00 28.62 ? 186 HOH A O   1 
HETATM 1368 O O   . HOH B 2 .   ? 11.976  -12.316 7.939   0.79 23.91 ? 187 HOH A O   1 
HETATM 1369 O O   . HOH B 2 .   ? -14.360 10.964  -5.596  0.94 35.28 ? 188 HOH A O   1 
HETATM 1370 O O   . HOH B 2 .   ? -11.688 -7.050  8.723   0.49 20.19 ? 189 HOH A O   1 
HETATM 1371 O O   . HOH B 2 .   ? -1.783  -17.579 5.324   1.00 38.24 ? 190 HOH A O   1 
HETATM 1372 O O   . HOH B 2 .   ? -1.341  -5.914  -18.074 0.87 35.07 ? 191 HOH A O   1 
HETATM 1373 O O   . HOH B 2 .   ? -8.144  15.091  -13.186 1.00 33.50 ? 192 HOH A O   1 
HETATM 1374 O O   . HOH B 2 .   ? 5.891   -14.808 3.519   0.84 33.73 ? 193 HOH A O   1 
HETATM 1375 O O   . HOH B 2 .   ? 8.706   1.064   14.894  0.78 27.18 ? 194 HOH A O   1 
HETATM 1376 O O   . HOH B 2 .   ? 1.341   8.004   -14.389 1.00 31.37 ? 195 HOH A O   1 
HETATM 1377 O O   . HOH B 2 .   ? 16.866  8.645   -3.293  0.57 32.51 ? 196 HOH A O   1 
HETATM 1378 O O   . HOH B 2 .   ? -0.344  -4.375  17.474  0.76 30.59 ? 197 HOH A O   1 
HETATM 1379 O O   . HOH B 2 .   ? -15.010 2.560   -5.837  1.00 39.94 ? 198 HOH A O   1 
HETATM 1380 O O   . HOH B 2 .   ? -11.421 -4.978  -16.266 0.99 34.32 ? 199 HOH A O   1 
HETATM 1381 O O   . HOH B 2 .   ? -7.051  8.903   -16.773 1.00 35.17 ? 200 HOH A O   1 
HETATM 1382 O O   . HOH B 2 .   ? 6.095   4.072   -10.230 1.00 33.06 ? 201 HOH A O   1 
HETATM 1383 O O   . HOH B 2 .   ? 4.667   7.130   12.739  0.92 32.24 ? 202 HOH A O   1 
HETATM 1384 O O   . HOH B 2 .   ? 7.731   -3.162  14.450  0.96 28.73 ? 203 HOH A O   1 
HETATM 1385 O O   . HOH B 2 .   ? -14.202 12.438  -8.128  0.74 28.49 ? 204 HOH A O   1 
HETATM 1386 O O   . HOH B 2 .   ? 6.866   13.412  6.820   1.00 28.59 ? 205 HOH A O   1 
HETATM 1387 O O   . HOH B 2 .   ? 13.598  4.961   -3.225  0.67 27.87 ? 206 HOH A O   1 
HETATM 1388 O O   . HOH B 2 .   ? -4.544  6.465   -17.566 1.00 35.06 ? 207 HOH A O   1 
HETATM 1389 O O   . HOH B 2 .   ? -15.281 11.852  -11.394 0.92 37.40 ? 208 HOH A O   1 
HETATM 1390 O O   . HOH B 2 .   ? 10.038  -7.832  13.713  0.92 33.25 ? 209 HOH A O   1 
HETATM 1391 O O   . HOH B 2 .   ? -12.335 -5.504  -9.575  0.68 28.19 ? 210 HOH A O   1 
HETATM 1392 O O   . HOH B 2 .   ? -6.574  14.657  -5.223  1.00 37.44 ? 211 HOH A O   1 
HETATM 1393 O O   . HOH B 2 .   ? 15.485  -5.109  9.820   0.76 29.45 ? 212 HOH A O   1 
HETATM 1394 O O   . HOH B 2 .   ? 11.970  -4.414  -8.797  0.91 35.71 ? 213 HOH A O   1 
HETATM 1395 O O   . HOH B 2 .   ? -12.083 1.775   -15.870 0.90 38.80 ? 214 HOH A O   1 
HETATM 1396 O O   . HOH B 2 .   ? -2.746  11.989  10.789  0.59 26.64 ? 215 HOH A O   1 
HETATM 1397 O O   . HOH B 2 .   ? 7.647   10.358  -7.868  0.75 30.33 ? 216 HOH A O   1 
HETATM 1398 O O   . HOH B 2 .   ? -6.991  -10.786 -16.160 0.94 32.70 ? 217 HOH A O   1 
HETATM 1399 O O   . HOH B 2 .   ? -15.008 9.097   -0.702  0.91 40.07 ? 218 HOH A O   1 
HETATM 1400 O O   . HOH B 2 .   ? 10.813  2.994   14.730  1.00 43.32 ? 219 HOH A O   1 
HETATM 1401 O O   . HOH B 2 .   ? -16.912 0.497   -10.759 0.87 47.40 ? 220 HOH A O   1 
HETATM 1402 O O   . HOH B 2 .   ? -14.023 5.901   -0.123  0.84 39.94 ? 221 HOH A O   1 
HETATM 1403 O O   . HOH B 2 .   ? 3.477   8.925   11.126  0.82 30.11 ? 222 HOH A O   1 
HETATM 1404 O O   . HOH B 2 .   ? 2.637   10.932  -5.894  0.84 28.92 ? 223 HOH A O   1 
HETATM 1405 O O   . HOH B 2 .   ? -5.057  -8.512  18.184  0.90 44.39 ? 224 HOH A O   1 
HETATM 1406 O O   . HOH B 2 .   ? -13.542 10.042  -15.006 0.93 39.84 ? 225 HOH A O   1 
HETATM 1407 O O   . HOH B 2 .   ? -1.249  1.818   2.351   0.66 70.81 ? 226 HOH A O   1 
HETATM 1408 O O   . HOH B 2 .   ? -5.177  -14.811 0.427   0.80 26.37 ? 227 HOH A O   1 
HETATM 1409 O O   . HOH B 2 .   ? -2.449  -0.234  -14.466 0.61 32.90 ? 228 HOH A O   1 
HETATM 1410 O O   . HOH B 2 .   ? -15.300 1.388   -15.539 0.84 45.17 ? 229 HOH A O   1 
HETATM 1411 O O   . HOH B 2 .   ? 5.996   -0.647  17.477  0.77 65.15 ? 230 HOH A O   1 
HETATM 1412 O O   . HOH B 2 .   ? -0.130  -18.102 -1.308  0.94 29.78 ? 231 HOH A O   1 
HETATM 1413 O O   . HOH B 2 .   ? -10.764 -15.150 -10.906 1.00 41.12 ? 232 HOH A O   1 
HETATM 1414 O O   . HOH B 2 .   ? -13.725 3.991   -1.848  0.87 31.32 ? 233 HOH A O   1 
HETATM 1415 O O   . HOH B 2 .   ? -7.840  16.047  -10.274 1.00 37.07 ? 234 HOH A O   1 
HETATM 1416 O O   . HOH B 2 .   ? 3.686   0.415   16.758  0.74 31.33 ? 235 HOH A O   1 
HETATM 1417 O O   . HOH B 2 .   ? -7.520  -16.320 -15.709 0.96 58.47 ? 236 HOH A O   1 
HETATM 1418 O O   . HOH B 2 .   ? -3.584  1.972   16.815  1.00 52.02 ? 237 HOH A O   1 
HETATM 1419 O O   . HOH B 2 .   ? -10.492 4.830   6.416   0.81 32.13 ? 238 HOH A O   1 
HETATM 1420 O O   . HOH B 2 .   ? 6.662   -11.723 -6.840  0.80 32.97 ? 239 HOH A O   1 
HETATM 1421 O O   . HOH B 2 .   ? 1.131   12.557  11.976  0.97 45.99 ? 240 HOH A O   1 
HETATM 1422 O O   . HOH B 2 .   ? -9.484  1.342   15.235  0.84 34.27 ? 241 HOH A O   1 
HETATM 1423 O O   . HOH B 2 .   ? 9.036   -12.032 1.167   0.97 41.70 ? 242 HOH A O   1 
HETATM 1424 O O   . HOH B 2 .   ? -0.425  -17.703 11.458  0.69 28.01 ? 243 HOH A O   1 
HETATM 1425 O O   . HOH B 2 .   ? -12.382 -16.232 -5.512  0.98 43.87 ? 244 HOH A O   1 
HETATM 1426 O O   . HOH B 2 .   ? 8.846   -8.443  -8.923  0.91 32.91 ? 245 HOH A O   1 
HETATM 1427 O O   . HOH B 2 .   ? 11.522  -5.422  -11.537 0.97 42.27 ? 246 HOH A O   1 
HETATM 1428 O O   . HOH B 2 .   ? -4.842  -6.537  22.620  0.98 49.83 ? 247 HOH A O   1 
HETATM 1429 O O   . HOH B 2 .   ? -7.357  -7.278  12.012  0.84 38.29 ? 248 HOH A O   1 
HETATM 1430 O O   . HOH B 2 .   ? -14.742 0.072   1.094   0.90 38.85 ? 249 HOH A O   1 
HETATM 1431 O O   . HOH B 2 .   ? -15.922 10.920  -14.909 1.00 53.81 ? 250 HOH A O   1 
HETATM 1432 O O   . HOH B 2 .   ? -0.463  -15.615 1.911   0.64 28.32 ? 251 HOH A O   1 
HETATM 1433 O O   . HOH B 2 .   ? 5.610   17.438  -1.511  0.81 43.49 ? 252 HOH A O   1 
HETATM 1434 O O   . HOH B 2 .   ? -12.547 -4.772  -2.810  0.90 42.31 ? 253 HOH A O   1 
HETATM 1435 O O   . HOH B 2 .   ? 16.768  -3.456  8.179   0.78 33.71 ? 254 HOH A O   1 
HETATM 1436 O O   . HOH B 2 .   ? -2.150  -16.581 9.632   1.00 19.65 ? 255 HOH A O   1 
HETATM 1437 O O   . HOH B 2 .   ? 8.830   13.156  4.514   0.98 25.15 ? 256 HOH A O   1 
HETATM 1438 O O   . HOH B 2 .   ? -1.219  -10.596 12.187  0.94 21.37 ? 257 HOH A O   1 
HETATM 1439 O O   . HOH B 2 .   ? -2.735  -11.111 -4.598  0.88 20.48 ? 258 HOH A O   1 
HETATM 1440 O O   . HOH B 2 .   ? -7.336  12.689  0.588   1.00 23.06 ? 259 HOH A O   1 
HETATM 1441 O O   . HOH B 2 .   ? 0.449   3.659   -15.845 1.00 25.36 ? 260 HOH A O   1 
HETATM 1442 O O   . HOH B 2 .   ? 0.385   -8.701  13.136  0.95 26.14 ? 261 HOH A O   1 
HETATM 1443 O O   . HOH B 2 .   ? -11.785 -3.980  0.212   1.00 27.46 ? 262 HOH A O   1 
HETATM 1444 O O   . HOH B 2 .   ? 2.896   3.401   -15.108 0.73 22.99 ? 263 HOH A O   1 
HETATM 1445 O O   . HOH B 2 .   ? 13.631  -11.809 5.219   0.94 32.66 ? 264 HOH A O   1 
HETATM 1446 O O   . HOH B 2 .   ? -5.545  9.442   -18.721 0.88 36.56 ? 265 HOH A O   1 
HETATM 1447 O O   . HOH B 2 .   ? -9.645  8.617   -18.318 0.80 27.93 ? 266 HOH A O   1 
HETATM 1448 O O   . HOH B 2 .   ? 13.188  -8.089  -7.307  0.90 37.44 ? 267 HOH A O   1 
HETATM 1449 O O   . HOH B 2 .   ? -1.555  1.838   -16.872 0.83 27.53 ? 268 HOH A O   1 
HETATM 1450 O O   . HOH B 2 .   ? -2.296  -18.675 7.697   1.00 37.48 ? 269 HOH A O   1 
HETATM 1451 O O   . HOH B 2 .   ? 6.106   -6.100  14.755  0.84 29.96 ? 270 HOH A O   1 
HETATM 1452 O O   . HOH B 2 .   ? 1.726   12.723  -7.681  0.89 34.57 ? 271 HOH A O   1 
HETATM 1453 O O   . HOH B 2 .   ? -2.010  7.386   13.302  0.77 34.82 ? 272 HOH A O   1 
HETATM 1454 O O   . HOH B 2 .   ? -13.349 -9.001  -6.777  0.88 37.74 ? 273 HOH A O   1 
HETATM 1455 O O   . HOH B 2 .   ? -4.245  12.035  -5.371  1.00 38.99 ? 274 HOH A O   1 
HETATM 1456 O O   . HOH B 2 .   ? -0.097  3.329   16.018  0.97 38.57 ? 275 HOH A O   1 
HETATM 1457 O O   . HOH B 2 .   ? -13.894 -12.989 -5.843  0.91 40.44 ? 276 HOH A O   1 
HETATM 1458 O O   . HOH B 2 .   ? 15.159  -7.564  -3.046  1.00 47.01 ? 277 HOH A O   1 
HETATM 1459 O O   . HOH B 2 .   ? 9.276   -13.892 9.268   1.00 37.60 ? 278 HOH A O   1 
HETATM 1460 O O   . HOH B 2 .   ? -8.155  5.910   11.026  1.00 40.57 ? 279 HOH A O   1 
HETATM 1461 O O   . HOH B 2 .   ? 3.906   -2.148  -16.191 1.00 43.66 ? 280 HOH A O   1 
HETATM 1462 O O   . HOH B 2 .   ? 7.877   7.511   11.072  1.00 38.43 ? 281 HOH A O   1 
HETATM 1463 O O   . HOH B 2 .   ? -13.973 13.538  -13.550 1.00 54.08 ? 282 HOH A O   1 
HETATM 1464 O O   . HOH B 2 .   ? 22.249  9.195   -2.993  1.00 45.81 ? 283 HOH A O   1 
HETATM 1465 O O   . HOH B 2 .   ? 18.415  17.003  3.771   1.00 49.35 ? 284 HOH A O   1 
HETATM 1466 O O   . HOH B 2 .   ? 4.835   -18.467 6.126   1.00 43.69 ? 285 HOH A O   1 
HETATM 1467 O O   . HOH B 2 .   ? -16.155 4.106   -3.666  1.00 49.70 ? 286 HOH A O   1 
HETATM 1468 O O   . HOH B 2 .   ? 8.211   0.130   -12.280 0.98 46.16 ? 287 HOH A O   1 
HETATM 1469 O O   . HOH B 2 .   ? 11.882  -13.156 2.082   1.00 39.78 ? 288 HOH A O   1 
HETATM 1470 O O   . HOH B 2 .   ? 12.180  -0.398  -9.757  0.78 37.76 ? 289 HOH A O   1 
HETATM 1471 O O   . HOH B 2 .   ? 5.857   9.088   14.758  0.92 51.63 ? 290 HOH A O   1 
HETATM 1472 O O   . HOH B 2 .   ? -12.620 9.310   0.542   1.00 43.10 ? 291 HOH A O   1 
HETATM 1473 O O   . HOH B 2 .   ? 9.315   -7.304  -12.363 0.86 42.02 ? 292 HOH A O   1 
HETATM 1474 O O   . HOH B 2 .   ? 15.956  1.714   -0.279  0.94 39.77 ? 293 HOH A O   1 
HETATM 1475 O O   . HOH B 2 .   ? -12.516 0.849   12.283  0.95 28.53 ? 294 HOH A O   1 
HETATM 1476 O O   . HOH B 2 .   ? -10.575 -13.433 -16.317 0.82 53.36 ? 295 HOH A O   1 
HETATM 1477 O O   . HOH B 2 .   ? 15.058  6.923   -4.959  0.77 44.76 ? 296 HOH A O   1 
HETATM 1478 O O   . HOH B 2 .   ? -12.930 -7.170  -15.771 0.87 51.98 ? 297 HOH A O   1 
HETATM 1479 O O   . HOH B 2 .   ? 11.920  -13.905 5.500   0.73 29.85 ? 298 HOH A O   1 
HETATM 1480 O O   . HOH B 2 .   ? -4.969  15.403  4.029   0.83 49.81 ? 299 HOH A O   1 
HETATM 1481 O O   . HOH B 2 .   ? 5.018   -9.007  -10.495 0.98 49.70 ? 300 HOH A O   1 
HETATM 1482 O O   . HOH B 2 .   ? 13.007  17.281  1.337   0.98 49.44 ? 301 HOH A O   1 
HETATM 1483 O O   . HOH B 2 .   ? 8.571   -6.067  15.945  0.84 41.44 ? 302 HOH A O   1 
HETATM 1484 O O   . HOH B 2 .   ? 13.812  1.786   -4.256  1.00 43.32 ? 303 HOH A O   1 
HETATM 1485 O O   . HOH B 2 .   ? 2.952   16.386  5.837   0.86 43.86 ? 304 HOH A O   1 
HETATM 1486 O O   . HOH B 2 .   ? 14.542  -3.853  -7.660  1.00 50.41 ? 305 HOH A O   1 
HETATM 1487 O O   . HOH B 2 .   ? 1.122   -14.321 0.336   0.99 47.22 ? 306 HOH A O   1 
HETATM 1488 O O   . HOH B 2 .   ? -15.745 -9.391  -12.107 0.85 43.71 ? 307 HOH A O   1 
HETATM 1489 O O   . HOH B 2 .   ? 9.980   6.445   10.554  0.67 33.27 ? 308 HOH A O   1 
HETATM 1490 O O   . HOH B 2 .   ? 14.693  21.231  6.850   0.91 53.06 ? 309 HOH A O   1 
HETATM 1491 O O   . HOH B 2 .   ? 10.196  6.828   -8.252  0.88 45.98 ? 310 HOH A O   1 
HETATM 1492 O O   . HOH B 2 .   ? -0.597  -8.710  -6.326  1.00 32.30 ? 311 HOH A O   1 
HETATM 1493 O O   . HOH B 2 .   ? 7.596   -14.213 -6.711  0.76 36.47 ? 312 HOH A O   1 
HETATM 1494 O O   . HOH B 2 .   ? 7.378   -8.318  -10.925 0.91 53.38 ? 313 HOH A O   1 
HETATM 1495 O O   . HOH B 2 .   ? 10.136  -11.026 -9.734  0.81 43.30 ? 314 HOH A O   1 
HETATM 1496 O O   . HOH B 2 .   ? -4.558  5.881   17.824  0.87 51.68 ? 315 HOH A O   1 
HETATM 1497 O O   . HOH B 2 .   ? 7.895   1.882   -10.345 0.89 40.47 ? 316 HOH A O   1 
HETATM 1498 O O   . HOH B 2 .   ? 10.444  6.115   14.004  0.98 54.31 ? 317 HOH A O   1 
HETATM 1499 O O   . HOH B 2 .   ? -10.582 16.324  -13.596 1.00 42.10 ? 318 HOH A O   1 
HETATM 1500 O O   . HOH B 2 .   ? -14.386 15.984  -11.321 0.93 52.66 ? 319 HOH A O   1 
HETATM 1501 O O   . HOH B 2 .   ? -13.397 -2.139  0.661   0.88 28.75 ? 320 HOH A O   1 
HETATM 1502 O O   . HOH B 2 .   ? -13.784 -3.670  -0.949  1.00 29.38 ? 321 HOH A O   1 
HETATM 1503 O O   . HOH B 2 .   ? -15.797 -2.256  -1.867  0.97 35.85 ? 322 HOH A O   1 
HETATM 1504 O O   . HOH B 2 .   ? -5.013  -6.355  -17.827 0.80 51.59 ? 323 HOH A O   1 
HETATM 1505 O O   . HOH B 2 .   ? 1.074   -13.161 -1.794  0.89 29.87 ? 324 HOH A O   1 
HETATM 1506 O O   . HOH B 2 .   ? 1.852   -16.610 -2.139  1.00 28.33 ? 325 HOH A O   1 
HETATM 1507 O O   . HOH B 2 .   ? -3.127  -16.230 1.753   1.00 36.79 ? 326 HOH A O   1 
HETATM 1508 O O   . HOH B 2 .   ? -3.599  -18.369 3.568   0.89 35.80 ? 327 HOH A O   1 
HETATM 1509 O O   . HOH B 2 .   ? -11.110 2.930   11.788  0.83 32.08 ? 328 HOH A O   1 
HETATM 1510 O O   . HOH B 2 .   ? -0.108  -18.078 1.289   0.99 51.23 ? 329 HOH A O   1 
HETATM 1511 O O   . HOH B 2 .   ? 0.646   -18.820 4.763   0.92 54.93 ? 330 HOH A O   1 
HETATM 1512 O O   . HOH B 2 .   ? -5.409  -21.459 -15.625 0.96 47.84 ? 331 HOH A O   1 
HETATM 1513 O O   . HOH B 2 .   ? -3.980  -19.092 -15.337 1.00 50.71 ? 332 HOH A O   1 
HETATM 1514 O O   . HOH B 2 .   ? -4.760  -12.985 -16.515 0.89 50.76 ? 333 HOH A O   1 
HETATM 1515 O O   . HOH B 2 .   ? -3.224  -16.019 -15.262 0.94 50.90 ? 334 HOH A O   1 
HETATM 1516 O O   . HOH B 2 .   ? -3.737  -3.861  -18.961 1.00 39.91 ? 335 HOH A O   1 
HETATM 1517 O O   . HOH B 2 .   ? 3.524   5.950   -15.587 1.00 47.26 ? 336 HOH A O   1 
HETATM 1518 O O   . HOH B 2 .   ? -0.618  -5.897  -20.565 0.87 30.06 ? 337 HOH A O   1 
HETATM 1519 O O   . HOH B 2 .   ? -7.547  -1.652  -19.710 0.94 33.32 ? 338 HOH A O   1 
HETATM 1520 O O   . HOH B 2 .   ? -3.948  10.820  -17.698 1.00 36.80 ? 339 HOH A O   1 
HETATM 1521 O O   . HOH B 2 .   ? 4.822   -8.199  -13.553 1.00 49.87 ? 340 HOH A O   1 
HETATM 1522 O O   . HOH B 2 .   ? 13.641  -9.332  -4.773  0.90 47.67 ? 341 HOH A O   1 
HETATM 1523 O O   . HOH B 2 .   ? 14.027  -15.202 0.705   0.94 54.49 ? 342 HOH A O   1 
HETATM 1524 O O   . HOH B 2 .   ? 11.754  -17.798 2.343   0.61 53.33 ? 343 HOH A O   1 
HETATM 1525 O O   . HOH B 2 .   ? 11.766  -18.416 4.905   0.85 51.16 ? 344 HOH A O   1 
HETATM 1526 O O   . HOH B 2 .   ? -5.733  6.166   11.878  1.00 40.52 ? 345 HOH A O   1 
HETATM 1527 O O   . HOH B 2 .   ? 16.669  -3.313  4.933   0.98 34.50 ? 346 HOH A O   1 
HETATM 1528 O O   . HOH B 2 .   ? 6.453   -9.792  12.983  1.00 23.84 ? 347 HOH A O   1 
HETATM 1529 O O   . HOH B 2 .   ? 9.818   13.553  -2.921  0.95 55.04 ? 348 HOH A O   1 
HETATM 1530 O O   . HOH B 2 .   ? -8.873  5.054   4.438   0.88 31.12 ? 349 HOH A O   1 
HETATM 1531 O O   . HOH B 2 .   ? -6.472  -7.343  9.113   0.98 22.20 ? 350 HOH A O   1 
HETATM 1532 O O   . HOH B 2 .   ? -9.035  -8.240  8.646   0.5  52.72 ? 351 HOH A O   1 
HETATM 1533 O O   . HOH B 2 .   ? -8.398  -8.620  13.751  0.85 37.89 ? 352 HOH A O   1 
HETATM 1534 O O   . HOH B 2 .   ? -3.519  -7.579  14.489  0.91 24.09 ? 353 HOH A O   1 
HETATM 1535 O O   . HOH B 2 .   ? -3.088  -10.330 14.161  0.69 29.37 ? 354 HOH A O   1 
HETATM 1536 O O   . HOH B 2 .   ? -2.022  -6.992  16.563  0.99 50.12 ? 355 HOH A O   1 
HETATM 1537 O O   . HOH B 2 .   ? 2.305   -3.927  17.542  0.77 44.18 ? 356 HOH A O   1 
HETATM 1538 O O   . HOH B 2 .   ? -7.358  -3.453  19.077  0.74 46.84 ? 357 HOH A O   1 
HETATM 1539 O O   . HOH B 2 .   ? -4.856  -7.189  11.386  0.70 31.99 ? 358 HOH A O   1 
HETATM 1540 O O   . HOH B 2 .   ? 7.242   2.836   15.836  1.00 38.91 ? 359 HOH A O   1 
HETATM 1541 O O   . HOH B 2 .   ? 1.125   15.194  7.666   0.84 36.80 ? 360 HOH A O   1 
HETATM 1542 O O   . HOH B 2 .   ? 5.166   15.487  6.746   1.00 49.90 ? 361 HOH A O   1 
HETATM 1543 O O   . HOH B 2 .   ? 11.089  -20.277 7.080   0.71 53.00 ? 362 HOH A O   1 
HETATM 1544 O O   . HOH B 2 .   ? -4.669  9.821   10.525  0.85 44.90 ? 363 HOH A O   1 
HETATM 1545 O O   . HOH B 2 .   ? -9.920  -3.114  -19.144 1.00 49.60 ? 364 HOH A O   1 
HETATM 1546 O O   . HOH B 2 .   ? -4.146  11.292  8.409   0.91 39.50 ? 365 HOH A O   1 
HETATM 1547 O O   . HOH B 2 .   ? -1.818  11.952  -4.314  0.79 48.89 ? 366 HOH A O   1 
HETATM 1548 O O   . HOH B 2 .   ? -15.776 1.358   -7.821  1.00 46.72 ? 367 HOH A O   1 
HETATM 1549 O O   . HOH B 2 .   ? -17.451 3.695   -7.540  0.96 45.28 ? 368 HOH A O   1 
HETATM 1550 O O   . HOH B 2 .   ? -16.483 -0.970  -6.764  0.95 53.92 ? 369 HOH A O   1 
HETATM 1551 O O   . HOH B 2 .   ? -15.024 -2.031  -5.006  1.00 49.55 ? 370 HOH A O   1 
HETATM 1552 O O   . HOH B 2 .   ? -16.466 -5.332  -4.163  0.98 52.16 ? 371 HOH A O   1 
HETATM 1553 O O   . HOH B 2 .   ? -15.756 -12.061 -7.360  0.79 57.45 ? 372 HOH A O   1 
HETATM 1554 O O   . HOH B 2 .   ? -15.870 -9.350  -7.333  0.82 55.98 ? 373 HOH A O   1 
HETATM 1555 O O   . HOH B 2 .   ? -14.308 -5.207  -8.307  1.00 49.54 ? 374 HOH A O   1 
HETATM 1556 O O   . HOH B 2 .   ? -3.373  -19.001 0.081   1.00 48.40 ? 375 HOH A O   1 
HETATM 1557 O O   . HOH B 2 .   ? -4.397  -25.191 3.627   0.92 45.73 ? 376 HOH A O   1 
HETATM 1558 O O   . HOH B 2 .   ? -2.464  -24.847 5.637   0.76 48.15 ? 377 HOH A O   1 
HETATM 1559 O O   . HOH B 2 .   ? -16.866 3.476   -16.107 0.89 51.17 ? 378 HOH A O   1 
HETATM 1560 O O   . HOH B 2 .   ? 5.686   6.856   -14.060 0.98 45.15 ? 379 HOH A O   1 
HETATM 1561 O O   . HOH B 2 .   ? 6.828   4.285   -16.364 1.00 47.26 ? 380 HOH A O   1 
HETATM 1562 O O   . HOH B 2 .   ? 9.706   -12.496 7.133   0.95 49.96 ? 381 HOH A O   1 
HETATM 1563 O O   . HOH B 2 .   ? 7.499   -7.435  13.144  0.90 53.36 ? 382 HOH A O   1 
HETATM 1564 O O   . HOH B 2 .   ? 6.004   -5.306  17.676  0.97 50.90 ? 383 HOH A O   1 
HETATM 1565 O O   . HOH B 2 .   ? 6.661   -3.121  19.421  1.00 51.80 ? 384 HOH A O   1 
HETATM 1566 O O   . HOH B 2 .   ? 0.344   -8.418  15.740  0.84 49.70 ? 385 HOH A O   1 
HETATM 1567 O O   . HOH B 2 .   ? -15.106 11.690  -2.640  0.79 49.11 ? 386 HOH A O   1 
HETATM 1568 O O   . HOH B 2 .   ? 5.768   -18.681 8.581   0.90 54.66 ? 387 HOH A O   1 
HETATM 1569 O O   . HOH B 2 .   ? 1.462   6.929   14.830  0.95 47.41 ? 388 HOH A O   1 
HETATM 1570 O O   . HOH B 2 .   ? 4.211   -2.333  16.606  1.00 50.07 ? 389 HOH A O   1 
HETATM 1571 O O   . HOH B 2 .   ? 8.318   -1.472  16.436  1.00 46.86 ? 390 HOH A O   1 
HETATM 1572 O O   . HOH B 2 .   ? 8.988   9.014   13.441  0.74 51.42 ? 391 HOH A O   1 
HETATM 1573 O O   . HOH B 2 .   ? 14.190  -6.495  14.035  0.81 49.46 ? 392 HOH A O   1 
HETATM 1574 O O   . HOH B 2 .   ? 17.189  -4.601  13.758  0.84 45.31 ? 393 HOH A O   1 
HETATM 1575 O O   . HOH B 2 .   ? 0.647   15.903  1.142   0.96 49.48 ? 394 HOH A O   1 
HETATM 1576 O O   . HOH B 2 .   ? 4.695   18.381  1.054   0.88 46.90 ? 395 HOH A O   1 
HETATM 1577 O O   . HOH B 2 .   ? 9.083   16.486  6.370   1.00 47.55 ? 396 HOH A O   1 
HETATM 1578 O O   . HOH B 2 .   ? 7.266   17.460  4.730   1.00 49.64 ? 397 HOH A O   1 
HETATM 1579 O O   . HOH B 2 .   ? 9.619   15.214  -0.894  0.91 49.98 ? 398 HOH A O   1 
HETATM 1580 O O   . HOH B 2 .   ? 7.498   15.050  0.207   0.88 49.15 ? 399 HOH A O   1 
HETATM 1581 O O   . HOH B 2 .   ? 19.679  0.131   5.994   1.00 46.10 ? 400 HOH A O   1 
HETATM 1582 O O   . HOH B 2 .   ? 14.687  -3.341  11.674  0.82 48.81 ? 401 HOH A O   1 
HETATM 1583 O O   . HOH B 2 .   ? 11.909  13.328  7.289   0.98 51.78 ? 402 HOH A O   1 
HETATM 1584 O O   . HOH B 2 .   ? 19.402  -2.291  6.424   0.88 50.23 ? 403 HOH A O   1 
HETATM 1585 O O   . HOH B 2 .   ? 0.420   8.516   13.119  0.83 48.17 ? 404 HOH A O   1 
HETATM 1586 O O   . HOH B 2 .   ? 3.637   10.996  12.983  0.98 50.07 ? 405 HOH A O   1 
HETATM 1587 O O   . HOH B 2 .   ? 4.036   7.468   15.433  1.00 52.19 ? 406 HOH A O   1 
HETATM 1588 O O   . HOH B 2 .   ? 0.748   8.479   17.500  0.80 53.08 ? 407 HOH A O   1 
HETATM 1589 O O   . HOH B 2 .   ? 7.959   7.042   15.052  0.90 51.73 ? 408 HOH A O   1 
HETATM 1590 O O   . HOH B 2 .   ? 8.294   -7.588  18.131  0.82 50.10 ? 409 HOH A O   1 
HETATM 1591 O O   . HOH B 2 .   ? 0.066   -20.621 10.655  0.99 53.00 ? 410 HOH A O   1 
HETATM 1592 O O   . HOH B 2 .   ? 7.860   3.260   -14.047 0.77 43.26 ? 411 HOH A O   1 
HETATM 1593 O O   . HOH B 2 .   ? 4.699   9.812   -13.623 0.81 45.51 ? 412 HOH A O   1 
HETATM 1594 O O   . HOH B 2 .   ? 3.715   10.982  -11.365 0.83 51.99 ? 413 HOH A O   1 
HETATM 1595 O O   . HOH B 2 .   ? 7.464   5.763   -18.703 0.93 50.52 ? 414 HOH A O   1 
HETATM 1596 O O   . HOH B 2 .   ? 14.925  22.471  9.358   0.95 51.16 ? 415 HOH A O   1 
HETATM 1597 O O   . HOH B 2 .   ? 5.250   -11.010 -8.947  0.86 52.18 ? 416 HOH A O   1 
HETATM 1598 O O   . HOH B 2 .   ? -10.071 6.018   -18.422 0.86 43.71 ? 417 HOH A O   1 
HETATM 1599 O O   . HOH B 2 .   ? -4.565  0.788   -18.559 1.00 47.91 ? 418 HOH A O   1 
HETATM 1600 O O   . HOH B 2 .   ? -5.411  -2.074  -17.815 1.00 48.44 ? 419 HOH A O   1 
HETATM 1601 O O   . HOH B 2 .   ? -19.568 -8.368  -12.315 0.77 52.70 ? 420 HOH A O   1 
HETATM 1602 O O   . HOH B 2 .   ? -15.443 -13.868 -3.660  0.82 53.73 ? 421 HOH A O   1 
HETATM 1603 O O   . HOH B 2 .   ? -19.153 -9.130  -16.274 0.86 50.51 ? 422 HOH A O   1 
HETATM 1604 O O   . HOH B 2 .   ? -23.369 -6.689  -16.480 0.90 51.65 ? 423 HOH A O   1 
HETATM 1605 O O   . HOH B 2 .   ? -13.522 -3.265  -16.789 0.90 51.04 ? 424 HOH A O   1 
HETATM 1606 O O   . HOH B 2 .   ? -13.549 -4.008  -5.017  0.87 51.15 ? 425 HOH A O   1 
HETATM 1607 O O   . HOH B 2 .   ? -18.794 -2.483  -6.903  0.79 52.80 ? 426 HOH A O   1 
HETATM 1608 O O   . HOH B 2 .   ? -15.816 -3.080  -8.304  0.94 49.16 ? 427 HOH A O   1 
HETATM 1609 O O   . HOH B 2 .   ? -12.151 -10.931 -5.233  1.00 41.95 ? 428 HOH A O   1 
HETATM 1610 O O   . HOH B 2 .   ? -5.486  12.310  2.811   0.90 52.97 ? 429 HOH A O   1 
HETATM 1611 O O   . HOH B 2 .   ? -13.427 10.839  -1.131  0.67 50.17 ? 430 HOH A O   1 
# 
loop_
_pdbx_poly_seq_scheme.asym_id 
_pdbx_poly_seq_scheme.entity_id 
_pdbx_poly_seq_scheme.seq_id 
_pdbx_poly_seq_scheme.mon_id 
_pdbx_poly_seq_scheme.ndb_seq_num 
_pdbx_poly_seq_scheme.pdb_seq_num 
_pdbx_poly_seq_scheme.auth_seq_num 
_pdbx_poly_seq_scheme.pdb_mon_id 
_pdbx_poly_seq_scheme.auth_mon_id 
_pdbx_poly_seq_scheme.pdb_strand_id 
_pdbx_poly_seq_scheme.pdb_ins_code 
_pdbx_poly_seq_scheme.hetero 
A 1 1   MET 1   1   1   MET MET A . n 
A 1 2   LYS 2   2   2   LYS LYS A . n 
A 1 3   THR 3   3   3   THR THR A . n 
A 1 4   PRO 4   4   4   PRO PRO A . n 
A 1 5   ARG 5   5   5   ARG ARG A . n 
A 1 6   ARG 6   6   6   ARG ARG A . n 
A 1 7   ARG 7   7   7   ARG ARG A . n 
A 1 8   MET 8   8   8   MET MET A . n 
A 1 9   ARG 9   9   9   ARG ARG A . n 
A 1 10  LEU 10  10  10  LEU LEU A . n 
A 1 11  ALA 11  11  11  ALA ALA A . n 
A 1 12  VAL 12  12  12  VAL VAL A . n 
A 1 13  PHE 13  13  13  PHE PHE A . n 
A 1 14  LYS 14  14  14  LYS LYS A . n 
A 1 15  ALA 15  15  15  ALA ALA A . n 
A 1 16  LEU 16  16  16  LEU LEU A . n 
A 1 17  PHE 17  17  17  PHE PHE A . n 
A 1 18  GLN 18  18  18  GLN GLN A . n 
A 1 19  HIS 19  19  19  HIS HIS A . n 
A 1 20  GLU 20  20  20  GLU GLU A . n 
A 1 21  PHE 21  21  21  PHE PHE A . n 
A 1 22  ARG 22  22  22  ARG ARG A . n 
A 1 23  ARG 23  23  23  ARG ARG A . n 
A 1 24  ASP 24  24  24  ASP ASP A . n 
A 1 25  GLU 25  25  25  GLU GLU A . n 
A 1 26  ASP 26  26  26  ASP ASP A . n 
A 1 27  LEU 27  27  27  LEU LEU A . n 
A 1 28  GLU 28  28  28  GLU GLU A . n 
A 1 29  GLN 29  29  29  GLN GLN A . n 
A 1 30  ILE 30  30  30  ILE ILE A . n 
A 1 31  LEU 31  31  31  LEU LEU A . n 
A 1 32  GLU 32  32  32  GLU GLU A . n 
A 1 33  GLU 33  33  33  GLU GLU A . n 
A 1 34  ILE 34  34  34  ILE ILE A . n 
A 1 35  LEU 35  35  35  LEU LEU A . n 
A 1 36  ASP 36  36  36  ASP ASP A . n 
A 1 37  GLU 37  37  37  GLU GLU A . n 
A 1 38  THR 38  38  38  THR THR A . n 
A 1 39  TYR 39  39  39  TYR TYR A . n 
A 1 40  ASP 40  40  40  ASP ASP A . n 
A 1 41  LYS 41  41  41  LYS LYS A . n 
A 1 42  LYS 42  42  42  LYS LYS A . n 
A 1 43  ALA 43  43  43  ALA ALA A . n 
A 1 44  LYS 44  44  44  LYS LYS A . n 
A 1 45  GLU 45  45  45  GLU GLU A . n 
A 1 46  ASP 46  46  46  ASP ASP A . n 
A 1 47  ALA 47  47  47  ALA ALA A . n 
A 1 48  ARG 48  48  48  ARG ARG A . n 
A 1 49  ARG 49  49  49  ARG ARG A . n 
A 1 50  TYR 50  50  50  TYR TYR A . n 
A 1 51  ILE 51  51  51  ILE ILE A . n 
A 1 52  ARG 52  52  52  ARG ARG A . n 
A 1 53  GLY 53  53  53  GLY GLY A . n 
A 1 54  ILE 54  54  54  ILE ILE A . n 
A 1 55  LYS 55  55  55  LYS LYS A . n 
A 1 56  GLU 56  56  56  GLU GLU A . n 
A 1 57  ASN 57  57  57  ASN ASN A . n 
A 1 58  LEU 58  58  58  LEU LEU A . n 
A 1 59  SER 59  59  59  SER SER A . n 
A 1 60  MET 60  60  60  MET MET A . n 
A 1 61  ILE 61  61  61  ILE ILE A . n 
A 1 62  ASP 62  62  62  ASP ASP A . n 
A 1 63  ASP 63  63  63  ASP ASP A . n 
A 1 64  LEU 64  64  64  LEU LEU A . n 
A 1 65  ILE 65  65  65  ILE ILE A . n 
A 1 66  SER 66  66  66  SER SER A . n 
A 1 67  ARG 67  67  67  ARG ARG A . n 
A 1 68  TYR 68  68  68  TYR TYR A . n 
A 1 69  LEU 69  69  69  LEU LEU A . n 
A 1 70  GLU 70  70  70  GLU GLU A . n 
A 1 71  LYS 71  71  71  LYS LYS A . n 
A 1 72  TRP 72  72  72  TRP TRP A . n 
A 1 73  SER 73  73  73  SER SER A . n 
A 1 74  LEU 74  74  74  LEU LEU A . n 
A 1 75  ASN 75  75  75  ASN ASN A . n 
A 1 76  ARG 76  76  76  ARG ARG A . n 
A 1 77  LEU 77  77  77  LEU LEU A . n 
A 1 78  SER 78  78  78  SER SER A . n 
A 1 79  VAL 79  79  79  VAL VAL A . n 
A 1 80  VAL 80  80  80  VAL VAL A . n 
A 1 81  ASP 81  81  81  ASP ASP A . n 
A 1 82  ARG 82  82  82  ARG ARG A . n 
A 1 83  ASN 83  83  83  ASN ASN A . n 
A 1 84  VAL 84  84  84  VAL VAL A . n 
A 1 85  LEU 85  85  85  LEU LEU A . n 
A 1 86  ARG 86  86  86  ARG ARG A . n 
A 1 87  LEU 87  87  87  LEU LEU A . n 
A 1 88  ALA 88  88  88  ALA ALA A . n 
A 1 89  THR 89  89  89  THR THR A . n 
A 1 90  TYR 90  90  90  TYR TYR A . n 
A 1 91  GLU 91  91  91  GLU GLU A . n 
A 1 92  LEU 92  92  92  LEU LEU A . n 
A 1 93  LEU 93  93  93  LEU LEU A . n 
A 1 94  PHE 94  94  94  PHE PHE A . n 
A 1 95  GLU 95  95  95  GLU GLU A . n 
A 1 96  LYS 96  96  96  LYS LYS A . n 
A 1 97  ASP 97  97  97  ASP ASP A . n 
A 1 98  ILE 98  98  98  ILE ILE A . n 
A 1 99  PRO 99  99  99  PRO PRO A . n 
A 1 100 ILE 100 100 100 ILE ILE A . n 
A 1 101 GLU 101 101 101 GLU GLU A . n 
A 1 102 VAL 102 102 102 VAL VAL A . n 
A 1 103 THR 103 103 103 THR THR A . n 
A 1 104 ILE 104 104 104 ILE ILE A . n 
A 1 105 ASP 105 105 105 ASP ASP A . n 
A 1 106 GLU 106 106 106 GLU GLU A . n 
A 1 107 ALA 107 107 107 ALA ALA A . n 
A 1 108 ILE 108 108 108 ILE ILE A . n 
A 1 109 GLU 109 109 109 GLU GLU A . n 
A 1 110 ILE 110 110 110 ILE ILE A . n 
A 1 111 ALA 111 111 111 ALA ALA A . n 
A 1 112 LYS 112 112 112 LYS LYS A . n 
A 1 113 ARG 113 113 113 ARG ARG A . n 
A 1 114 TYR 114 114 114 TYR TYR A . n 
A 1 115 GLY 115 115 115 GLY GLY A . n 
A 1 116 THR 116 116 116 THR THR A . n 
A 1 117 GLU 117 117 117 GLU GLU A . n 
A 1 118 ASN 118 118 118 ASN ASN A . n 
A 1 119 SER 119 119 119 SER SER A . n 
A 1 120 GLY 120 120 120 GLY GLY A . n 
A 1 121 LYS 121 121 121 LYS LYS A . n 
A 1 122 PHE 122 122 122 PHE PHE A . n 
A 1 123 VAL 123 123 123 VAL VAL A . n 
A 1 124 ASN 124 124 124 ASN ASN A . n 
A 1 125 GLY 125 125 125 GLY GLY A . n 
A 1 126 ILE 126 126 126 ILE ILE A . n 
A 1 127 LEU 127 127 127 LEU LEU A . n 
A 1 128 ASP 128 128 128 ASP ASP A . n 
A 1 129 ARG 129 129 129 ARG ARG A . n 
A 1 130 ILE 130 130 130 ILE ILE A . n 
A 1 131 ALA 131 131 131 ALA ALA A . n 
A 1 132 LYS 132 132 132 LYS LYS A . n 
A 1 133 GLU 133 133 133 GLU GLU A . n 
A 1 134 HIS 134 134 134 HIS HIS A . n 
A 1 135 ALA 135 135 135 ALA ALA A . n 
A 1 136 PRO 136 136 136 PRO PRO A . n 
A 1 137 LYS 137 137 137 LYS LYS A . n 
A 1 138 GLU 138 138 138 GLU GLU A . n 
A 1 139 LYS 139 139 139 LYS LYS A . n 
A 1 140 PHE 140 140 140 PHE PHE A . n 
A 1 141 GLU 141 141 141 GLU GLU A . n 
A 1 142 LEU 142 142 ?   ?   ?   A . n 
# 
loop_
_pdbx_nonpoly_scheme.asym_id 
_pdbx_nonpoly_scheme.entity_id 
_pdbx_nonpoly_scheme.mon_id 
_pdbx_nonpoly_scheme.ndb_seq_num 
_pdbx_nonpoly_scheme.pdb_seq_num 
_pdbx_nonpoly_scheme.auth_seq_num 
_pdbx_nonpoly_scheme.pdb_mon_id 
_pdbx_nonpoly_scheme.auth_mon_id 
_pdbx_nonpoly_scheme.pdb_strand_id 
_pdbx_nonpoly_scheme.pdb_ins_code 
B 2 HOH 1   143 1   HOH WAT A . 
B 2 HOH 2   144 2   HOH WAT A . 
B 2 HOH 3   145 3   HOH WAT A . 
B 2 HOH 4   146 4   HOH WAT A . 
B 2 HOH 5   147 5   HOH WAT A . 
B 2 HOH 6   148 6   HOH WAT A . 
B 2 HOH 7   149 7   HOH WAT A . 
B 2 HOH 8   150 8   HOH WAT A . 
B 2 HOH 9   151 9   HOH WAT A . 
B 2 HOH 10  152 10  HOH WAT A . 
B 2 HOH 11  153 11  HOH WAT A . 
B 2 HOH 12  154 12  HOH WAT A . 
B 2 HOH 13  155 13  HOH WAT A . 
B 2 HOH 14  156 14  HOH WAT A . 
B 2 HOH 15  157 15  HOH WAT A . 
B 2 HOH 16  158 16  HOH WAT A . 
B 2 HOH 17  159 17  HOH WAT A . 
B 2 HOH 18  160 18  HOH WAT A . 
B 2 HOH 19  161 19  HOH WAT A . 
B 2 HOH 20  162 20  HOH WAT A . 
B 2 HOH 21  163 21  HOH WAT A . 
B 2 HOH 22  164 22  HOH WAT A . 
B 2 HOH 23  165 23  HOH WAT A . 
B 2 HOH 24  166 24  HOH WAT A . 
B 2 HOH 25  167 25  HOH WAT A . 
B 2 HOH 26  168 26  HOH WAT A . 
B 2 HOH 27  169 27  HOH WAT A . 
B 2 HOH 28  170 28  HOH WAT A . 
B 2 HOH 29  171 29  HOH WAT A . 
B 2 HOH 30  172 30  HOH WAT A . 
B 2 HOH 31  173 31  HOH WAT A . 
B 2 HOH 32  174 32  HOH WAT A . 
B 2 HOH 33  175 33  HOH WAT A . 
B 2 HOH 34  176 34  HOH WAT A . 
B 2 HOH 35  177 35  HOH WAT A . 
B 2 HOH 36  178 36  HOH WAT A . 
B 2 HOH 37  179 37  HOH WAT A . 
B 2 HOH 38  180 38  HOH WAT A . 
B 2 HOH 39  181 39  HOH WAT A . 
B 2 HOH 40  182 40  HOH WAT A . 
B 2 HOH 41  183 41  HOH WAT A . 
B 2 HOH 42  184 42  HOH WAT A . 
B 2 HOH 43  185 43  HOH WAT A . 
B 2 HOH 44  186 44  HOH WAT A . 
B 2 HOH 45  187 45  HOH WAT A . 
B 2 HOH 46  188 46  HOH WAT A . 
B 2 HOH 47  189 47  HOH WAT A . 
B 2 HOH 48  190 48  HOH WAT A . 
B 2 HOH 49  191 49  HOH WAT A . 
B 2 HOH 50  192 50  HOH WAT A . 
B 2 HOH 51  193 51  HOH WAT A . 
B 2 HOH 52  194 52  HOH WAT A . 
B 2 HOH 53  195 53  HOH WAT A . 
B 2 HOH 54  196 54  HOH WAT A . 
B 2 HOH 55  197 55  HOH WAT A . 
B 2 HOH 56  198 56  HOH WAT A . 
B 2 HOH 57  199 57  HOH WAT A . 
B 2 HOH 58  200 58  HOH WAT A . 
B 2 HOH 59  201 59  HOH WAT A . 
B 2 HOH 60  202 60  HOH WAT A . 
B 2 HOH 61  203 61  HOH WAT A . 
B 2 HOH 62  204 62  HOH WAT A . 
B 2 HOH 63  205 63  HOH WAT A . 
B 2 HOH 64  206 64  HOH WAT A . 
B 2 HOH 65  207 65  HOH WAT A . 
B 2 HOH 66  208 66  HOH WAT A . 
B 2 HOH 67  209 67  HOH WAT A . 
B 2 HOH 68  210 68  HOH WAT A . 
B 2 HOH 69  211 69  HOH WAT A . 
B 2 HOH 70  212 70  HOH WAT A . 
B 2 HOH 71  213 71  HOH WAT A . 
B 2 HOH 72  214 72  HOH WAT A . 
B 2 HOH 73  215 73  HOH WAT A . 
B 2 HOH 74  216 74  HOH WAT A . 
B 2 HOH 75  217 75  HOH WAT A . 
B 2 HOH 76  218 76  HOH WAT A . 
B 2 HOH 77  219 77  HOH WAT A . 
B 2 HOH 78  220 78  HOH WAT A . 
B 2 HOH 79  221 79  HOH WAT A . 
B 2 HOH 80  222 80  HOH WAT A . 
B 2 HOH 81  223 82  HOH WAT A . 
B 2 HOH 82  224 83  HOH WAT A . 
B 2 HOH 83  225 84  HOH WAT A . 
B 2 HOH 84  226 85  HOH WAT A . 
B 2 HOH 85  227 86  HOH WAT A . 
B 2 HOH 86  228 87  HOH WAT A . 
B 2 HOH 87  229 88  HOH WAT A . 
B 2 HOH 88  230 89  HOH WAT A . 
B 2 HOH 89  231 90  HOH WAT A . 
B 2 HOH 90  232 91  HOH WAT A . 
B 2 HOH 91  233 92  HOH WAT A . 
B 2 HOH 92  234 93  HOH WAT A . 
B 2 HOH 93  235 94  HOH WAT A . 
B 2 HOH 94  236 95  HOH WAT A . 
B 2 HOH 95  237 96  HOH WAT A . 
B 2 HOH 96  238 97  HOH WAT A . 
B 2 HOH 97  239 98  HOH WAT A . 
B 2 HOH 98  240 99  HOH WAT A . 
B 2 HOH 99  241 100 HOH WAT A . 
B 2 HOH 100 242 101 HOH WAT A . 
B 2 HOH 101 243 102 HOH WAT A . 
B 2 HOH 102 244 103 HOH WAT A . 
B 2 HOH 103 245 104 HOH WAT A . 
B 2 HOH 104 246 105 HOH WAT A . 
B 2 HOH 105 247 106 HOH WAT A . 
B 2 HOH 106 248 107 HOH WAT A . 
B 2 HOH 107 249 108 HOH WAT A . 
B 2 HOH 108 250 109 HOH WAT A . 
B 2 HOH 109 251 110 HOH WAT A . 
B 2 HOH 110 252 111 HOH WAT A . 
B 2 HOH 111 253 112 HOH WAT A . 
B 2 HOH 112 254 113 HOH WAT A . 
B 2 HOH 113 255 114 HOH WAT A . 
B 2 HOH 114 256 115 HOH WAT A . 
B 2 HOH 115 257 116 HOH WAT A . 
B 2 HOH 116 258 117 HOH WAT A . 
B 2 HOH 117 259 118 HOH WAT A . 
B 2 HOH 118 260 119 HOH WAT A . 
B 2 HOH 119 261 120 HOH WAT A . 
B 2 HOH 120 262 121 HOH WAT A . 
B 2 HOH 121 263 122 HOH WAT A . 
B 2 HOH 122 264 123 HOH WAT A . 
B 2 HOH 123 265 124 HOH WAT A . 
B 2 HOH 124 266 125 HOH WAT A . 
B 2 HOH 125 267 126 HOH WAT A . 
B 2 HOH 126 268 127 HOH WAT A . 
B 2 HOH 127 269 128 HOH WAT A . 
B 2 HOH 128 270 129 HOH WAT A . 
B 2 HOH 129 271 130 HOH WAT A . 
B 2 HOH 130 272 131 HOH WAT A . 
B 2 HOH 131 273 132 HOH WAT A . 
B 2 HOH 132 274 133 HOH WAT A . 
B 2 HOH 133 275 134 HOH WAT A . 
B 2 HOH 134 276 135 HOH WAT A . 
B 2 HOH 135 277 136 HOH WAT A . 
B 2 HOH 136 278 137 HOH WAT A . 
B 2 HOH 137 279 138 HOH WAT A . 
B 2 HOH 138 280 139 HOH WAT A . 
B 2 HOH 139 281 140 HOH WAT A . 
B 2 HOH 140 282 141 HOH WAT A . 
B 2 HOH 141 283 142 HOH WAT A . 
B 2 HOH 142 284 143 HOH WAT A . 
B 2 HOH 143 285 144 HOH WAT A . 
B 2 HOH 144 286 145 HOH WAT A . 
B 2 HOH 145 287 146 HOH WAT A . 
B 2 HOH 146 288 147 HOH WAT A . 
B 2 HOH 147 289 148 HOH WAT A . 
B 2 HOH 148 290 149 HOH WAT A . 
B 2 HOH 149 291 150 HOH WAT A . 
B 2 HOH 150 292 151 HOH WAT A . 
B 2 HOH 151 293 152 HOH WAT A . 
B 2 HOH 152 294 153 HOH WAT A . 
B 2 HOH 153 295 154 HOH WAT A . 
B 2 HOH 154 296 155 HOH WAT A . 
B 2 HOH 155 297 156 HOH WAT A . 
B 2 HOH 156 298 157 HOH WAT A . 
B 2 HOH 157 299 158 HOH WAT A . 
B 2 HOH 158 300 159 HOH WAT A . 
B 2 HOH 159 301 160 HOH WAT A . 
B 2 HOH 160 302 161 HOH WAT A . 
B 2 HOH 161 303 162 HOH WAT A . 
B 2 HOH 162 304 163 HOH WAT A . 
B 2 HOH 163 305 164 HOH WAT A . 
B 2 HOH 164 306 165 HOH WAT A . 
B 2 HOH 165 307 166 HOH WAT A . 
B 2 HOH 166 308 167 HOH WAT A . 
B 2 HOH 167 309 168 HOH WAT A . 
B 2 HOH 168 310 169 HOH WAT A . 
B 2 HOH 169 311 170 HOH WAT A . 
B 2 HOH 170 312 171 HOH WAT A . 
B 2 HOH 171 313 172 HOH WAT A . 
B 2 HOH 172 314 173 HOH WAT A . 
B 2 HOH 173 315 174 HOH WAT A . 
B 2 HOH 174 316 175 HOH WAT A . 
B 2 HOH 175 317 176 HOH WAT A . 
B 2 HOH 176 318 177 HOH WAT A . 
B 2 HOH 177 319 178 HOH WAT A . 
B 2 HOH 178 320 179 HOH WAT A . 
B 2 HOH 179 321 180 HOH WAT A . 
B 2 HOH 180 322 181 HOH WAT A . 
B 2 HOH 181 323 182 HOH WAT A . 
B 2 HOH 182 324 183 HOH WAT A . 
B 2 HOH 183 325 184 HOH WAT A . 
B 2 HOH 184 326 185 HOH WAT A . 
B 2 HOH 185 327 186 HOH WAT A . 
B 2 HOH 186 328 187 HOH WAT A . 
B 2 HOH 187 329 188 HOH WAT A . 
B 2 HOH 188 330 189 HOH WAT A . 
B 2 HOH 189 331 190 HOH WAT A . 
B 2 HOH 190 332 191 HOH WAT A . 
B 2 HOH 191 333 192 HOH WAT A . 
B 2 HOH 192 334 193 HOH WAT A . 
B 2 HOH 193 335 194 HOH WAT A . 
B 2 HOH 194 336 195 HOH WAT A . 
B 2 HOH 195 337 196 HOH WAT A . 
B 2 HOH 196 338 197 HOH WAT A . 
B 2 HOH 197 339 198 HOH WAT A . 
B 2 HOH 198 340 199 HOH WAT A . 
B 2 HOH 199 341 200 HOH WAT A . 
B 2 HOH 200 342 201 HOH WAT A . 
B 2 HOH 201 343 202 HOH WAT A . 
B 2 HOH 202 344 203 HOH WAT A . 
B 2 HOH 203 345 204 HOH WAT A . 
B 2 HOH 204 346 205 HOH WAT A . 
B 2 HOH 205 347 206 HOH WAT A . 
B 2 HOH 206 348 207 HOH WAT A . 
B 2 HOH 207 349 208 HOH WAT A . 
B 2 HOH 208 350 209 HOH WAT A . 
B 2 HOH 209 351 210 HOH WAT A . 
B 2 HOH 210 352 211 HOH WAT A . 
B 2 HOH 211 353 212 HOH WAT A . 
B 2 HOH 212 354 213 HOH WAT A . 
B 2 HOH 213 355 214 HOH WAT A . 
B 2 HOH 214 356 215 HOH WAT A . 
B 2 HOH 215 357 216 HOH WAT A . 
B 2 HOH 216 358 217 HOH WAT A . 
B 2 HOH 217 359 218 HOH WAT A . 
B 2 HOH 218 360 219 HOH WAT A . 
B 2 HOH 219 361 220 HOH WAT A . 
B 2 HOH 220 362 221 HOH WAT A . 
B 2 HOH 221 363 222 HOH WAT A . 
B 2 HOH 222 364 223 HOH WAT A . 
B 2 HOH 223 365 224 HOH WAT A . 
B 2 HOH 224 366 225 HOH WAT A . 
B 2 HOH 225 367 226 HOH WAT A . 
B 2 HOH 226 368 227 HOH WAT A . 
B 2 HOH 227 369 228 HOH WAT A . 
B 2 HOH 228 370 229 HOH WAT A . 
B 2 HOH 229 371 230 HOH WAT A . 
B 2 HOH 230 372 231 HOH WAT A . 
B 2 HOH 231 373 232 HOH WAT A . 
B 2 HOH 232 374 233 HOH WAT A . 
B 2 HOH 233 375 234 HOH WAT A . 
B 2 HOH 234 376 235 HOH WAT A . 
B 2 HOH 235 377 236 HOH WAT A . 
B 2 HOH 236 378 237 HOH WAT A . 
B 2 HOH 237 379 238 HOH WAT A . 
B 2 HOH 238 380 239 HOH WAT A . 
B 2 HOH 239 381 241 HOH WAT A . 
B 2 HOH 240 382 242 HOH WAT A . 
B 2 HOH 241 383 243 HOH WAT A . 
B 2 HOH 242 384 244 HOH WAT A . 
B 2 HOH 243 385 245 HOH WAT A . 
B 2 HOH 244 386 246 HOH WAT A . 
B 2 HOH 245 387 247 HOH WAT A . 
B 2 HOH 246 388 248 HOH WAT A . 
B 2 HOH 247 389 249 HOH WAT A . 
B 2 HOH 248 390 250 HOH WAT A . 
B 2 HOH 249 391 251 HOH WAT A . 
B 2 HOH 250 392 252 HOH WAT A . 
B 2 HOH 251 393 253 HOH WAT A . 
B 2 HOH 252 394 254 HOH WAT A . 
B 2 HOH 253 395 255 HOH WAT A . 
B 2 HOH 254 396 257 HOH WAT A . 
B 2 HOH 255 397 258 HOH WAT A . 
B 2 HOH 256 398 259 HOH WAT A . 
B 2 HOH 257 399 260 HOH WAT A . 
B 2 HOH 258 400 261 HOH WAT A . 
B 2 HOH 259 401 262 HOH WAT A . 
B 2 HOH 260 402 263 HOH WAT A . 
B 2 HOH 261 403 264 HOH WAT A . 
B 2 HOH 262 404 265 HOH WAT A . 
B 2 HOH 263 405 266 HOH WAT A . 
B 2 HOH 264 406 267 HOH WAT A . 
B 2 HOH 265 407 268 HOH WAT A . 
B 2 HOH 266 408 269 HOH WAT A . 
B 2 HOH 267 409 270 HOH WAT A . 
B 2 HOH 268 410 271 HOH WAT A . 
B 2 HOH 269 411 272 HOH WAT A . 
B 2 HOH 270 412 273 HOH WAT A . 
B 2 HOH 271 413 274 HOH WAT A . 
B 2 HOH 272 414 275 HOH WAT A . 
B 2 HOH 273 415 276 HOH WAT A . 
B 2 HOH 274 416 277 HOH WAT A . 
B 2 HOH 275 417 278 HOH WAT A . 
B 2 HOH 276 418 279 HOH WAT A . 
B 2 HOH 277 419 280 HOH WAT A . 
B 2 HOH 278 420 281 HOH WAT A . 
B 2 HOH 279 421 282 HOH WAT A . 
B 2 HOH 280 422 283 HOH WAT A . 
B 2 HOH 281 423 284 HOH WAT A . 
B 2 HOH 282 424 285 HOH WAT A . 
B 2 HOH 283 425 286 HOH WAT A . 
B 2 HOH 284 426 287 HOH WAT A . 
B 2 HOH 285 427 288 HOH WAT A . 
B 2 HOH 286 428 289 HOH WAT A . 
B 2 HOH 287 429 290 HOH WAT A . 
B 2 HOH 288 430 291 HOH WAT A . 
# 
_pdbx_struct_assembly.id                   1 
_pdbx_struct_assembly.details              author_defined_assembly 
_pdbx_struct_assembly.method_details       ? 
_pdbx_struct_assembly.oligomeric_details   monomeric 
_pdbx_struct_assembly.oligomeric_count     1 
# 
_pdbx_struct_assembly_gen.assembly_id       1 
_pdbx_struct_assembly_gen.oper_expression   1 
_pdbx_struct_assembly_gen.asym_id_list      A,B 
# 
_pdbx_struct_oper_list.id                   1 
_pdbx_struct_oper_list.type                 'identity operation' 
_pdbx_struct_oper_list.name                 1_555 
_pdbx_struct_oper_list.symmetry_operation   x,y,z 
_pdbx_struct_oper_list.matrix[1][1]         1.0000000000 
_pdbx_struct_oper_list.matrix[1][2]         0.0000000000 
_pdbx_struct_oper_list.matrix[1][3]         0.0000000000 
_pdbx_struct_oper_list.vector[1]            0.0000000000 
_pdbx_struct_oper_list.matrix[2][1]         0.0000000000 
_pdbx_struct_oper_list.matrix[2][2]         1.0000000000 
_pdbx_struct_oper_list.matrix[2][3]         0.0000000000 
_pdbx_struct_oper_list.vector[2]            0.0000000000 
_pdbx_struct_oper_list.matrix[3][1]         0.0000000000 
_pdbx_struct_oper_list.matrix[3][2]         0.0000000000 
_pdbx_struct_oper_list.matrix[3][3]         1.0000000000 
_pdbx_struct_oper_list.vector[3]            0.0000000000 
# 
loop_
_pdbx_struct_special_symmetry.id 
_pdbx_struct_special_symmetry.PDB_model_num 
_pdbx_struct_special_symmetry.auth_asym_id 
_pdbx_struct_special_symmetry.auth_comp_id 
_pdbx_struct_special_symmetry.auth_seq_id 
_pdbx_struct_special_symmetry.PDB_ins_code 
_pdbx_struct_special_symmetry.label_asym_id 
_pdbx_struct_special_symmetry.label_comp_id 
_pdbx_struct_special_symmetry.label_seq_id 
1 1 A HOH 351 ? B HOH . 
2 1 A HOH 371 ? B HOH . 
3 1 A HOH 417 ? B HOH . 
# 
loop_
_pdbx_audit_revision_history.ordinal 
_pdbx_audit_revision_history.data_content_type 
_pdbx_audit_revision_history.major_revision 
_pdbx_audit_revision_history.minor_revision 
_pdbx_audit_revision_history.revision_date 
1 'Structure model' 1 0 2004-08-31 
2 'Structure model' 1 1 2008-04-30 
3 'Structure model' 1 2 2011-07-13 
4 'Structure model' 1 3 2011-11-16 
5 'Structure model' 1 4 2023-10-25 
# 
_pdbx_audit_revision_details.ordinal             1 
_pdbx_audit_revision_details.revision_ordinal    1 
_pdbx_audit_revision_details.data_content_type   'Structure model' 
_pdbx_audit_revision_details.provider            repository 
_pdbx_audit_revision_details.type                'Initial release' 
_pdbx_audit_revision_details.description         ? 
_pdbx_audit_revision_details.details             ? 
# 
loop_
_pdbx_audit_revision_group.ordinal 
_pdbx_audit_revision_group.revision_ordinal 
_pdbx_audit_revision_group.data_content_type 
_pdbx_audit_revision_group.group 
1 2 'Structure model' 'Version format compliance' 
2 3 'Structure model' 'Version format compliance' 
3 4 'Structure model' 'Atomic model'              
4 5 'Structure model' 'Data collection'           
5 5 'Structure model' 'Database references'       
6 5 'Structure model' 'Refinement description'    
# 
loop_
_pdbx_audit_revision_category.ordinal 
_pdbx_audit_revision_category.revision_ordinal 
_pdbx_audit_revision_category.data_content_type 
_pdbx_audit_revision_category.category 
1 5 'Structure model' chem_comp_atom                
2 5 'Structure model' chem_comp_bond                
3 5 'Structure model' database_2                    
4 5 'Structure model' pdbx_initial_refinement_model 
# 
loop_
_pdbx_audit_revision_item.ordinal 
_pdbx_audit_revision_item.revision_ordinal 
_pdbx_audit_revision_item.data_content_type 
_pdbx_audit_revision_item.item 
1 5 'Structure model' '_database_2.pdbx_DOI'                
2 5 'Structure model' '_database_2.pdbx_database_accession' 
# 
loop_
_software.name 
_software.classification 
_software.version 
_software.citation_id 
_software.pdbx_ordinal 
CNS       refinement       1.0 ? 1 
DENZO     'data reduction' .   ? 2 
SCALEPACK 'data scaling'   .   ? 3 
MOLREP    phasing          .   ? 4 
# 
loop_
_pdbx_validate_torsion.id 
_pdbx_validate_torsion.PDB_model_num 
_pdbx_validate_torsion.auth_comp_id 
_pdbx_validate_torsion.auth_asym_id 
_pdbx_validate_torsion.auth_seq_id 
_pdbx_validate_torsion.PDB_ins_code 
_pdbx_validate_torsion.label_alt_id 
_pdbx_validate_torsion.phi 
_pdbx_validate_torsion.psi 
1 1 GLU A 70 ? ? -139.14 -67.55 
2 1 GLU A 70 ? ? -139.14 -67.57 
3 1 ASP A 97 ? ? 111.88  -17.81 
4 1 ASP A 97 ? ? 112.12  -18.37 
# 
_pdbx_validate_planes.id              1 
_pdbx_validate_planes.PDB_model_num   1 
_pdbx_validate_planes.auth_comp_id    TYR 
_pdbx_validate_planes.auth_asym_id    A 
_pdbx_validate_planes.auth_seq_id     90 
_pdbx_validate_planes.PDB_ins_code    ? 
_pdbx_validate_planes.label_alt_id    ? 
_pdbx_validate_planes.rmsd            0.064 
_pdbx_validate_planes.type            'SIDE CHAIN' 
# 
loop_
_pdbx_unobs_or_zero_occ_atoms.id 
_pdbx_unobs_or_zero_occ_atoms.PDB_model_num 
_pdbx_unobs_or_zero_occ_atoms.polymer_flag 
_pdbx_unobs_or_zero_occ_atoms.occupancy_flag 
_pdbx_unobs_or_zero_occ_atoms.auth_asym_id 
_pdbx_unobs_or_zero_occ_atoms.auth_comp_id 
_pdbx_unobs_or_zero_occ_atoms.auth_seq_id 
_pdbx_unobs_or_zero_occ_atoms.PDB_ins_code 
_pdbx_unobs_or_zero_occ_atoms.auth_atom_id 
_pdbx_unobs_or_zero_occ_atoms.label_alt_id 
_pdbx_unobs_or_zero_occ_atoms.label_asym_id 
_pdbx_unobs_or_zero_occ_atoms.label_comp_id 
_pdbx_unobs_or_zero_occ_atoms.label_seq_id 
_pdbx_unobs_or_zero_occ_atoms.label_atom_id 
1 1 Y 0 A ASN 75  ? OD1 ? A ASN 75  OD1 
2 1 Y 0 A ASN 75  ? ND2 ? A ASN 75  ND2 
3 1 Y 0 A LYS 132 ? NZ  ? A LYS 132 NZ  
# 
_pdbx_unobs_or_zero_occ_residues.id               1 
_pdbx_unobs_or_zero_occ_residues.PDB_model_num    1 
_pdbx_unobs_or_zero_occ_residues.polymer_flag     Y 
_pdbx_unobs_or_zero_occ_residues.occupancy_flag   1 
_pdbx_unobs_or_zero_occ_residues.auth_asym_id     A 
_pdbx_unobs_or_zero_occ_residues.auth_comp_id     LEU 
_pdbx_unobs_or_zero_occ_residues.auth_seq_id      142 
_pdbx_unobs_or_zero_occ_residues.PDB_ins_code     ? 
_pdbx_unobs_or_zero_occ_residues.label_asym_id    A 
_pdbx_unobs_or_zero_occ_residues.label_comp_id    LEU 
_pdbx_unobs_or_zero_occ_residues.label_seq_id     142 
# 
loop_
_chem_comp_atom.comp_id 
_chem_comp_atom.atom_id 
_chem_comp_atom.type_symbol 
_chem_comp_atom.pdbx_aromatic_flag 
_chem_comp_atom.pdbx_stereo_config 
_chem_comp_atom.pdbx_ordinal 
ALA N    N N N 1   
ALA CA   C N S 2   
ALA C    C N N 3   
ALA O    O N N 4   
ALA CB   C N N 5   
ALA OXT  O N N 6   
ALA H    H N N 7   
ALA H2   H N N 8   
ALA HA   H N N 9   
ALA HB1  H N N 10  
ALA HB2  H N N 11  
ALA HB3  H N N 12  
ALA HXT  H N N 13  
ARG N    N N N 14  
ARG CA   C N S 15  
ARG C    C N N 16  
ARG O    O N N 17  
ARG CB   C N N 18  
ARG CG   C N N 19  
ARG CD   C N N 20  
ARG NE   N N N 21  
ARG CZ   C N N 22  
ARG NH1  N N N 23  
ARG NH2  N N N 24  
ARG OXT  O N N 25  
ARG H    H N N 26  
ARG H2   H N N 27  
ARG HA   H N N 28  
ARG HB2  H N N 29  
ARG HB3  H N N 30  
ARG HG2  H N N 31  
ARG HG3  H N N 32  
ARG HD2  H N N 33  
ARG HD3  H N N 34  
ARG HE   H N N 35  
ARG HH11 H N N 36  
ARG HH12 H N N 37  
ARG HH21 H N N 38  
ARG HH22 H N N 39  
ARG HXT  H N N 40  
ASN N    N N N 41  
ASN CA   C N S 42  
ASN C    C N N 43  
ASN O    O N N 44  
ASN CB   C N N 45  
ASN CG   C N N 46  
ASN OD1  O N N 47  
ASN ND2  N N N 48  
ASN OXT  O N N 49  
ASN H    H N N 50  
ASN H2   H N N 51  
ASN HA   H N N 52  
ASN HB2  H N N 53  
ASN HB3  H N N 54  
ASN HD21 H N N 55  
ASN HD22 H N N 56  
ASN HXT  H N N 57  
ASP N    N N N 58  
ASP CA   C N S 59  
ASP C    C N N 60  
ASP O    O N N 61  
ASP CB   C N N 62  
ASP CG   C N N 63  
ASP OD1  O N N 64  
ASP OD2  O N N 65  
ASP OXT  O N N 66  
ASP H    H N N 67  
ASP H2   H N N 68  
ASP HA   H N N 69  
ASP HB2  H N N 70  
ASP HB3  H N N 71  
ASP HD2  H N N 72  
ASP HXT  H N N 73  
GLN N    N N N 74  
GLN CA   C N S 75  
GLN C    C N N 76  
GLN O    O N N 77  
GLN CB   C N N 78  
GLN CG   C N N 79  
GLN CD   C N N 80  
GLN OE1  O N N 81  
GLN NE2  N N N 82  
GLN OXT  O N N 83  
GLN H    H N N 84  
GLN H2   H N N 85  
GLN HA   H N N 86  
GLN HB2  H N N 87  
GLN HB3  H N N 88  
GLN HG2  H N N 89  
GLN HG3  H N N 90  
GLN HE21 H N N 91  
GLN HE22 H N N 92  
GLN HXT  H N N 93  
GLU N    N N N 94  
GLU CA   C N S 95  
GLU C    C N N 96  
GLU O    O N N 97  
GLU CB   C N N 98  
GLU CG   C N N 99  
GLU CD   C N N 100 
GLU OE1  O N N 101 
GLU OE2  O N N 102 
GLU OXT  O N N 103 
GLU H    H N N 104 
GLU H2   H N N 105 
GLU HA   H N N 106 
GLU HB2  H N N 107 
GLU HB3  H N N 108 
GLU HG2  H N N 109 
GLU HG3  H N N 110 
GLU HE2  H N N 111 
GLU HXT  H N N 112 
GLY N    N N N 113 
GLY CA   C N N 114 
GLY C    C N N 115 
GLY O    O N N 116 
GLY OXT  O N N 117 
GLY H    H N N 118 
GLY H2   H N N 119 
GLY HA2  H N N 120 
GLY HA3  H N N 121 
GLY HXT  H N N 122 
HIS N    N N N 123 
HIS CA   C N S 124 
HIS C    C N N 125 
HIS O    O N N 126 
HIS CB   C N N 127 
HIS CG   C Y N 128 
HIS ND1  N Y N 129 
HIS CD2  C Y N 130 
HIS CE1  C Y N 131 
HIS NE2  N Y N 132 
HIS OXT  O N N 133 
HIS H    H N N 134 
HIS H2   H N N 135 
HIS HA   H N N 136 
HIS HB2  H N N 137 
HIS HB3  H N N 138 
HIS HD1  H N N 139 
HIS HD2  H N N 140 
HIS HE1  H N N 141 
HIS HE2  H N N 142 
HIS HXT  H N N 143 
HOH O    O N N 144 
HOH H1   H N N 145 
HOH H2   H N N 146 
ILE N    N N N 147 
ILE CA   C N S 148 
ILE C    C N N 149 
ILE O    O N N 150 
ILE CB   C N S 151 
ILE CG1  C N N 152 
ILE CG2  C N N 153 
ILE CD1  C N N 154 
ILE OXT  O N N 155 
ILE H    H N N 156 
ILE H2   H N N 157 
ILE HA   H N N 158 
ILE HB   H N N 159 
ILE HG12 H N N 160 
ILE HG13 H N N 161 
ILE HG21 H N N 162 
ILE HG22 H N N 163 
ILE HG23 H N N 164 
ILE HD11 H N N 165 
ILE HD12 H N N 166 
ILE HD13 H N N 167 
ILE HXT  H N N 168 
LEU N    N N N 169 
LEU CA   C N S 170 
LEU C    C N N 171 
LEU O    O N N 172 
LEU CB   C N N 173 
LEU CG   C N N 174 
LEU CD1  C N N 175 
LEU CD2  C N N 176 
LEU OXT  O N N 177 
LEU H    H N N 178 
LEU H2   H N N 179 
LEU HA   H N N 180 
LEU HB2  H N N 181 
LEU HB3  H N N 182 
LEU HG   H N N 183 
LEU HD11 H N N 184 
LEU HD12 H N N 185 
LEU HD13 H N N 186 
LEU HD21 H N N 187 
LEU HD22 H N N 188 
LEU HD23 H N N 189 
LEU HXT  H N N 190 
LYS N    N N N 191 
LYS CA   C N S 192 
LYS C    C N N 193 
LYS O    O N N 194 
LYS CB   C N N 195 
LYS CG   C N N 196 
LYS CD   C N N 197 
LYS CE   C N N 198 
LYS NZ   N N N 199 
LYS OXT  O N N 200 
LYS H    H N N 201 
LYS H2   H N N 202 
LYS HA   H N N 203 
LYS HB2  H N N 204 
LYS HB3  H N N 205 
LYS HG2  H N N 206 
LYS HG3  H N N 207 
LYS HD2  H N N 208 
LYS HD3  H N N 209 
LYS HE2  H N N 210 
LYS HE3  H N N 211 
LYS HZ1  H N N 212 
LYS HZ2  H N N 213 
LYS HZ3  H N N 214 
LYS HXT  H N N 215 
MET N    N N N 216 
MET CA   C N S 217 
MET C    C N N 218 
MET O    O N N 219 
MET CB   C N N 220 
MET CG   C N N 221 
MET SD   S N N 222 
MET CE   C N N 223 
MET OXT  O N N 224 
MET H    H N N 225 
MET H2   H N N 226 
MET HA   H N N 227 
MET HB2  H N N 228 
MET HB3  H N N 229 
MET HG2  H N N 230 
MET HG3  H N N 231 
MET HE1  H N N 232 
MET HE2  H N N 233 
MET HE3  H N N 234 
MET HXT  H N N 235 
PHE N    N N N 236 
PHE CA   C N S 237 
PHE C    C N N 238 
PHE O    O N N 239 
PHE CB   C N N 240 
PHE CG   C Y N 241 
PHE CD1  C Y N 242 
PHE CD2  C Y N 243 
PHE CE1  C Y N 244 
PHE CE2  C Y N 245 
PHE CZ   C Y N 246 
PHE OXT  O N N 247 
PHE H    H N N 248 
PHE H2   H N N 249 
PHE HA   H N N 250 
PHE HB2  H N N 251 
PHE HB3  H N N 252 
PHE HD1  H N N 253 
PHE HD2  H N N 254 
PHE HE1  H N N 255 
PHE HE2  H N N 256 
PHE HZ   H N N 257 
PHE HXT  H N N 258 
PRO N    N N N 259 
PRO CA   C N S 260 
PRO C    C N N 261 
PRO O    O N N 262 
PRO CB   C N N 263 
PRO CG   C N N 264 
PRO CD   C N N 265 
PRO OXT  O N N 266 
PRO H    H N N 267 
PRO HA   H N N 268 
PRO HB2  H N N 269 
PRO HB3  H N N 270 
PRO HG2  H N N 271 
PRO HG3  H N N 272 
PRO HD2  H N N 273 
PRO HD3  H N N 274 
PRO HXT  H N N 275 
SER N    N N N 276 
SER CA   C N S 277 
SER C    C N N 278 
SER O    O N N 279 
SER CB   C N N 280 
SER OG   O N N 281 
SER OXT  O N N 282 
SER H    H N N 283 
SER H2   H N N 284 
SER HA   H N N 285 
SER HB2  H N N 286 
SER HB3  H N N 287 
SER HG   H N N 288 
SER HXT  H N N 289 
THR N    N N N 290 
THR CA   C N S 291 
THR C    C N N 292 
THR O    O N N 293 
THR CB   C N R 294 
THR OG1  O N N 295 
THR CG2  C N N 296 
THR OXT  O N N 297 
THR H    H N N 298 
THR H2   H N N 299 
THR HA   H N N 300 
THR HB   H N N 301 
THR HG1  H N N 302 
THR HG21 H N N 303 
THR HG22 H N N 304 
THR HG23 H N N 305 
THR HXT  H N N 306 
TRP N    N N N 307 
TRP CA   C N S 308 
TRP C    C N N 309 
TRP O    O N N 310 
TRP CB   C N N 311 
TRP CG   C Y N 312 
TRP CD1  C Y N 313 
TRP CD2  C Y N 314 
TRP NE1  N Y N 315 
TRP CE2  C Y N 316 
TRP CE3  C Y N 317 
TRP CZ2  C Y N 318 
TRP CZ3  C Y N 319 
TRP CH2  C Y N 320 
TRP OXT  O N N 321 
TRP H    H N N 322 
TRP H2   H N N 323 
TRP HA   H N N 324 
TRP HB2  H N N 325 
TRP HB3  H N N 326 
TRP HD1  H N N 327 
TRP HE1  H N N 328 
TRP HE3  H N N 329 
TRP HZ2  H N N 330 
TRP HZ3  H N N 331 
TRP HH2  H N N 332 
TRP HXT  H N N 333 
TYR N    N N N 334 
TYR CA   C N S 335 
TYR C    C N N 336 
TYR O    O N N 337 
TYR CB   C N N 338 
TYR CG   C Y N 339 
TYR CD1  C Y N 340 
TYR CD2  C Y N 341 
TYR CE1  C Y N 342 
TYR CE2  C Y N 343 
TYR CZ   C Y N 344 
TYR OH   O N N 345 
TYR OXT  O N N 346 
TYR H    H N N 347 
TYR H2   H N N 348 
TYR HA   H N N 349 
TYR HB2  H N N 350 
TYR HB3  H N N 351 
TYR HD1  H N N 352 
TYR HD2  H N N 353 
TYR HE1  H N N 354 
TYR HE2  H N N 355 
TYR HH   H N N 356 
TYR HXT  H N N 357 
VAL N    N N N 358 
VAL CA   C N S 359 
VAL C    C N N 360 
VAL O    O N N 361 
VAL CB   C N N 362 
VAL CG1  C N N 363 
VAL CG2  C N N 364 
VAL OXT  O N N 365 
VAL H    H N N 366 
VAL H2   H N N 367 
VAL HA   H N N 368 
VAL HB   H N N 369 
VAL HG11 H N N 370 
VAL HG12 H N N 371 
VAL HG13 H N N 372 
VAL HG21 H N N 373 
VAL HG22 H N N 374 
VAL HG23 H N N 375 
VAL HXT  H N N 376 
# 
loop_
_chem_comp_bond.comp_id 
_chem_comp_bond.atom_id_1 
_chem_comp_bond.atom_id_2 
_chem_comp_bond.value_order 
_chem_comp_bond.pdbx_aromatic_flag 
_chem_comp_bond.pdbx_stereo_config 
_chem_comp_bond.pdbx_ordinal 
ALA N   CA   sing N N 1   
ALA N   H    sing N N 2   
ALA N   H2   sing N N 3   
ALA CA  C    sing N N 4   
ALA CA  CB   sing N N 5   
ALA CA  HA   sing N N 6   
ALA C   O    doub N N 7   
ALA C   OXT  sing N N 8   
ALA CB  HB1  sing N N 9   
ALA CB  HB2  sing N N 10  
ALA CB  HB3  sing N N 11  
ALA OXT HXT  sing N N 12  
ARG N   CA   sing N N 13  
ARG N   H    sing N N 14  
ARG N   H2   sing N N 15  
ARG CA  C    sing N N 16  
ARG CA  CB   sing N N 17  
ARG CA  HA   sing N N 18  
ARG C   O    doub N N 19  
ARG C   OXT  sing N N 20  
ARG CB  CG   sing N N 21  
ARG CB  HB2  sing N N 22  
ARG CB  HB3  sing N N 23  
ARG CG  CD   sing N N 24  
ARG CG  HG2  sing N N 25  
ARG CG  HG3  sing N N 26  
ARG CD  NE   sing N N 27  
ARG CD  HD2  sing N N 28  
ARG CD  HD3  sing N N 29  
ARG NE  CZ   sing N N 30  
ARG NE  HE   sing N N 31  
ARG CZ  NH1  sing N N 32  
ARG CZ  NH2  doub N N 33  
ARG NH1 HH11 sing N N 34  
ARG NH1 HH12 sing N N 35  
ARG NH2 HH21 sing N N 36  
ARG NH2 HH22 sing N N 37  
ARG OXT HXT  sing N N 38  
ASN N   CA   sing N N 39  
ASN N   H    sing N N 40  
ASN N   H2   sing N N 41  
ASN CA  C    sing N N 42  
ASN CA  CB   sing N N 43  
ASN CA  HA   sing N N 44  
ASN C   O    doub N N 45  
ASN C   OXT  sing N N 46  
ASN CB  CG   sing N N 47  
ASN CB  HB2  sing N N 48  
ASN CB  HB3  sing N N 49  
ASN CG  OD1  doub N N 50  
ASN CG  ND2  sing N N 51  
ASN ND2 HD21 sing N N 52  
ASN ND2 HD22 sing N N 53  
ASN OXT HXT  sing N N 54  
ASP N   CA   sing N N 55  
ASP N   H    sing N N 56  
ASP N   H2   sing N N 57  
ASP CA  C    sing N N 58  
ASP CA  CB   sing N N 59  
ASP CA  HA   sing N N 60  
ASP C   O    doub N N 61  
ASP C   OXT  sing N N 62  
ASP CB  CG   sing N N 63  
ASP CB  HB2  sing N N 64  
ASP CB  HB3  sing N N 65  
ASP CG  OD1  doub N N 66  
ASP CG  OD2  sing N N 67  
ASP OD2 HD2  sing N N 68  
ASP OXT HXT  sing N N 69  
GLN N   CA   sing N N 70  
GLN N   H    sing N N 71  
GLN N   H2   sing N N 72  
GLN CA  C    sing N N 73  
GLN CA  CB   sing N N 74  
GLN CA  HA   sing N N 75  
GLN C   O    doub N N 76  
GLN C   OXT  sing N N 77  
GLN CB  CG   sing N N 78  
GLN CB  HB2  sing N N 79  
GLN CB  HB3  sing N N 80  
GLN CG  CD   sing N N 81  
GLN CG  HG2  sing N N 82  
GLN CG  HG3  sing N N 83  
GLN CD  OE1  doub N N 84  
GLN CD  NE2  sing N N 85  
GLN NE2 HE21 sing N N 86  
GLN NE2 HE22 sing N N 87  
GLN OXT HXT  sing N N 88  
GLU N   CA   sing N N 89  
GLU N   H    sing N N 90  
GLU N   H2   sing N N 91  
GLU CA  C    sing N N 92  
GLU CA  CB   sing N N 93  
GLU CA  HA   sing N N 94  
GLU C   O    doub N N 95  
GLU C   OXT  sing N N 96  
GLU CB  CG   sing N N 97  
GLU CB  HB2  sing N N 98  
GLU CB  HB3  sing N N 99  
GLU CG  CD   sing N N 100 
GLU CG  HG2  sing N N 101 
GLU CG  HG3  sing N N 102 
GLU CD  OE1  doub N N 103 
GLU CD  OE2  sing N N 104 
GLU OE2 HE2  sing N N 105 
GLU OXT HXT  sing N N 106 
GLY N   CA   sing N N 107 
GLY N   H    sing N N 108 
GLY N   H2   sing N N 109 
GLY CA  C    sing N N 110 
GLY CA  HA2  sing N N 111 
GLY CA  HA3  sing N N 112 
GLY C   O    doub N N 113 
GLY C   OXT  sing N N 114 
GLY OXT HXT  sing N N 115 
HIS N   CA   sing N N 116 
HIS N   H    sing N N 117 
HIS N   H2   sing N N 118 
HIS CA  C    sing N N 119 
HIS CA  CB   sing N N 120 
HIS CA  HA   sing N N 121 
HIS C   O    doub N N 122 
HIS C   OXT  sing N N 123 
HIS CB  CG   sing N N 124 
HIS CB  HB2  sing N N 125 
HIS CB  HB3  sing N N 126 
HIS CG  ND1  sing Y N 127 
HIS CG  CD2  doub Y N 128 
HIS ND1 CE1  doub Y N 129 
HIS ND1 HD1  sing N N 130 
HIS CD2 NE2  sing Y N 131 
HIS CD2 HD2  sing N N 132 
HIS CE1 NE2  sing Y N 133 
HIS CE1 HE1  sing N N 134 
HIS NE2 HE2  sing N N 135 
HIS OXT HXT  sing N N 136 
HOH O   H1   sing N N 137 
HOH O   H2   sing N N 138 
ILE N   CA   sing N N 139 
ILE N   H    sing N N 140 
ILE N   H2   sing N N 141 
ILE CA  C    sing N N 142 
ILE CA  CB   sing N N 143 
ILE CA  HA   sing N N 144 
ILE C   O    doub N N 145 
ILE C   OXT  sing N N 146 
ILE CB  CG1  sing N N 147 
ILE CB  CG2  sing N N 148 
ILE CB  HB   sing N N 149 
ILE CG1 CD1  sing N N 150 
ILE CG1 HG12 sing N N 151 
ILE CG1 HG13 sing N N 152 
ILE CG2 HG21 sing N N 153 
ILE CG2 HG22 sing N N 154 
ILE CG2 HG23 sing N N 155 
ILE CD1 HD11 sing N N 156 
ILE CD1 HD12 sing N N 157 
ILE CD1 HD13 sing N N 158 
ILE OXT HXT  sing N N 159 
LEU N   CA   sing N N 160 
LEU N   H    sing N N 161 
LEU N   H2   sing N N 162 
LEU CA  C    sing N N 163 
LEU CA  CB   sing N N 164 
LEU CA  HA   sing N N 165 
LEU C   O    doub N N 166 
LEU C   OXT  sing N N 167 
LEU CB  CG   sing N N 168 
LEU CB  HB2  sing N N 169 
LEU CB  HB3  sing N N 170 
LEU CG  CD1  sing N N 171 
LEU CG  CD2  sing N N 172 
LEU CG  HG   sing N N 173 
LEU CD1 HD11 sing N N 174 
LEU CD1 HD12 sing N N 175 
LEU CD1 HD13 sing N N 176 
LEU CD2 HD21 sing N N 177 
LEU CD2 HD22 sing N N 178 
LEU CD2 HD23 sing N N 179 
LEU OXT HXT  sing N N 180 
LYS N   CA   sing N N 181 
LYS N   H    sing N N 182 
LYS N   H2   sing N N 183 
LYS CA  C    sing N N 184 
LYS CA  CB   sing N N 185 
LYS CA  HA   sing N N 186 
LYS C   O    doub N N 187 
LYS C   OXT  sing N N 188 
LYS CB  CG   sing N N 189 
LYS CB  HB2  sing N N 190 
LYS CB  HB3  sing N N 191 
LYS CG  CD   sing N N 192 
LYS CG  HG2  sing N N 193 
LYS CG  HG3  sing N N 194 
LYS CD  CE   sing N N 195 
LYS CD  HD2  sing N N 196 
LYS CD  HD3  sing N N 197 
LYS CE  NZ   sing N N 198 
LYS CE  HE2  sing N N 199 
LYS CE  HE3  sing N N 200 
LYS NZ  HZ1  sing N N 201 
LYS NZ  HZ2  sing N N 202 
LYS NZ  HZ3  sing N N 203 
LYS OXT HXT  sing N N 204 
MET N   CA   sing N N 205 
MET N   H    sing N N 206 
MET N   H2   sing N N 207 
MET CA  C    sing N N 208 
MET CA  CB   sing N N 209 
MET CA  HA   sing N N 210 
MET C   O    doub N N 211 
MET C   OXT  sing N N 212 
MET CB  CG   sing N N 213 
MET CB  HB2  sing N N 214 
MET CB  HB3  sing N N 215 
MET CG  SD   sing N N 216 
MET CG  HG2  sing N N 217 
MET CG  HG3  sing N N 218 
MET SD  CE   sing N N 219 
MET CE  HE1  sing N N 220 
MET CE  HE2  sing N N 221 
MET CE  HE3  sing N N 222 
MET OXT HXT  sing N N 223 
PHE N   CA   sing N N 224 
PHE N   H    sing N N 225 
PHE N   H2   sing N N 226 
PHE CA  C    sing N N 227 
PHE CA  CB   sing N N 228 
PHE CA  HA   sing N N 229 
PHE C   O    doub N N 230 
PHE C   OXT  sing N N 231 
PHE CB  CG   sing N N 232 
PHE CB  HB2  sing N N 233 
PHE CB  HB3  sing N N 234 
PHE CG  CD1  doub Y N 235 
PHE CG  CD2  sing Y N 236 
PHE CD1 CE1  sing Y N 237 
PHE CD1 HD1  sing N N 238 
PHE CD2 CE2  doub Y N 239 
PHE CD2 HD2  sing N N 240 
PHE CE1 CZ   doub Y N 241 
PHE CE1 HE1  sing N N 242 
PHE CE2 CZ   sing Y N 243 
PHE CE2 HE2  sing N N 244 
PHE CZ  HZ   sing N N 245 
PHE OXT HXT  sing N N 246 
PRO N   CA   sing N N 247 
PRO N   CD   sing N N 248 
PRO N   H    sing N N 249 
PRO CA  C    sing N N 250 
PRO CA  CB   sing N N 251 
PRO CA  HA   sing N N 252 
PRO C   O    doub N N 253 
PRO C   OXT  sing N N 254 
PRO CB  CG   sing N N 255 
PRO CB  HB2  sing N N 256 
PRO CB  HB3  sing N N 257 
PRO CG  CD   sing N N 258 
PRO CG  HG2  sing N N 259 
PRO CG  HG3  sing N N 260 
PRO CD  HD2  sing N N 261 
PRO CD  HD3  sing N N 262 
PRO OXT HXT  sing N N 263 
SER N   CA   sing N N 264 
SER N   H    sing N N 265 
SER N   H2   sing N N 266 
SER CA  C    sing N N 267 
SER CA  CB   sing N N 268 
SER CA  HA   sing N N 269 
SER C   O    doub N N 270 
SER C   OXT  sing N N 271 
SER CB  OG   sing N N 272 
SER CB  HB2  sing N N 273 
SER CB  HB3  sing N N 274 
SER OG  HG   sing N N 275 
SER OXT HXT  sing N N 276 
THR N   CA   sing N N 277 
THR N   H    sing N N 278 
THR N   H2   sing N N 279 
THR CA  C    sing N N 280 
THR CA  CB   sing N N 281 
THR CA  HA   sing N N 282 
THR C   O    doub N N 283 
THR C   OXT  sing N N 284 
THR CB  OG1  sing N N 285 
THR CB  CG2  sing N N 286 
THR CB  HB   sing N N 287 
THR OG1 HG1  sing N N 288 
THR CG2 HG21 sing N N 289 
THR CG2 HG22 sing N N 290 
THR CG2 HG23 sing N N 291 
THR OXT HXT  sing N N 292 
TRP N   CA   sing N N 293 
TRP N   H    sing N N 294 
TRP N   H2   sing N N 295 
TRP CA  C    sing N N 296 
TRP CA  CB   sing N N 297 
TRP CA  HA   sing N N 298 
TRP C   O    doub N N 299 
TRP C   OXT  sing N N 300 
TRP CB  CG   sing N N 301 
TRP CB  HB2  sing N N 302 
TRP CB  HB3  sing N N 303 
TRP CG  CD1  doub Y N 304 
TRP CG  CD2  sing Y N 305 
TRP CD1 NE1  sing Y N 306 
TRP CD1 HD1  sing N N 307 
TRP CD2 CE2  doub Y N 308 
TRP CD2 CE3  sing Y N 309 
TRP NE1 CE2  sing Y N 310 
TRP NE1 HE1  sing N N 311 
TRP CE2 CZ2  sing Y N 312 
TRP CE3 CZ3  doub Y N 313 
TRP CE3 HE3  sing N N 314 
TRP CZ2 CH2  doub Y N 315 
TRP CZ2 HZ2  sing N N 316 
TRP CZ3 CH2  sing Y N 317 
TRP CZ3 HZ3  sing N N 318 
TRP CH2 HH2  sing N N 319 
TRP OXT HXT  sing N N 320 
TYR N   CA   sing N N 321 
TYR N   H    sing N N 322 
TYR N   H2   sing N N 323 
TYR CA  C    sing N N 324 
TYR CA  CB   sing N N 325 
TYR CA  HA   sing N N 326 
TYR C   O    doub N N 327 
TYR C   OXT  sing N N 328 
TYR CB  CG   sing N N 329 
TYR CB  HB2  sing N N 330 
TYR CB  HB3  sing N N 331 
TYR CG  CD1  doub Y N 332 
TYR CG  CD2  sing Y N 333 
TYR CD1 CE1  sing Y N 334 
TYR CD1 HD1  sing N N 335 
TYR CD2 CE2  doub Y N 336 
TYR CD2 HD2  sing N N 337 
TYR CE1 CZ   doub Y N 338 
TYR CE1 HE1  sing N N 339 
TYR CE2 CZ   sing Y N 340 
TYR CE2 HE2  sing N N 341 
TYR CZ  OH   sing N N 342 
TYR OH  HH   sing N N 343 
TYR OXT HXT  sing N N 344 
VAL N   CA   sing N N 345 
VAL N   H    sing N N 346 
VAL N   H2   sing N N 347 
VAL CA  C    sing N N 348 
VAL CA  CB   sing N N 349 
VAL CA  HA   sing N N 350 
VAL C   O    doub N N 351 
VAL C   OXT  sing N N 352 
VAL CB  CG1  sing N N 353 
VAL CB  CG2  sing N N 354 
VAL CB  HB   sing N N 355 
VAL CG1 HG11 sing N N 356 
VAL CG1 HG12 sing N N 357 
VAL CG1 HG13 sing N N 358 
VAL CG2 HG21 sing N N 359 
VAL CG2 HG22 sing N N 360 
VAL CG2 HG23 sing N N 361 
VAL OXT HXT  sing N N 362 
# 
_pdbx_entity_nonpoly.entity_id   2 
_pdbx_entity_nonpoly.name        water 
_pdbx_entity_nonpoly.comp_id     HOH 
# 
_pdbx_initial_refinement_model.id               1 
_pdbx_initial_refinement_model.entity_id_list   ? 
_pdbx_initial_refinement_model.type             'experimental model' 
_pdbx_initial_refinement_model.source_name      PDB 
_pdbx_initial_refinement_model.accession_code   1EYV 
_pdbx_initial_refinement_model.details          'PDB ID 1EYV' 
# 
